data_8SEA
#
_entry.id   8SEA
#
_cell.length_a   1.00
_cell.length_b   1.00
_cell.length_c   1.00
_cell.angle_alpha   90.00
_cell.angle_beta   90.00
_cell.angle_gamma   90.00
#
_symmetry.space_group_name_H-M   'P 1'
#
loop_
_entity.id
_entity.type
_entity.pdbx_description
1 polymer 'Ubiquitin-like modifier-activating enzyme 7'
2 polymer 'Ubiquitin-like protein ISG15'
3 polymer 'Ubiquitin/ISG15-conjugating enzyme E2 L6'
4 non-polymer 'ADENOSINE MONOPHOSPHATE'
#
loop_
_entity_poly.entity_id
_entity_poly.type
_entity_poly.pdbx_seq_one_letter_code
_entity_poly.pdbx_strand_id
1 'polypeptide(L)'
;MDALDASKLLDEELYSRQLYVLGSPAMQRIQGARVLVSGLQGLGAEVAKNLVLMGVGSLTLHDPHPTCWSDLAAQFLLSE
QDLERSRAEASQELLAQLNRAVQVVVHTGDITEDLLLDFQVVVLTAAKLEEQLKVGTLCHKHGVCFLAADTRGLVGQLFC
DFGEDFTVQDPTEAEPLTAAIQHISQGSPGILTLRKGANTHYFRDGDLVTFSGIEGMVELNDCDPRSIHVREDGSLEIGD
TTTFSRYLRGGAITEVKRPKTVRHKSLDTALLQPHVVAQSSQEVHHAHCLHQAFCALHKFQHLHGRPPQPWDPVDAETVV
GLARDLEPLKRTEEEPLEEPLDEALVRTVALSSAGVLSPMVAMLGAVAAQEVLKAISRKFMPLDQWLYFDALDCLPEDGE
LLPSPEDCALRGSRYDGQIAVFGAGFQEKLRRQHYLLVGAGAIGCELLKVFALVGLGAGNSGGLTVVDMDHIERSNLSRQ
FLFRSQDVGRPKAEVAAAAARGLNPDLQVIPLTYPLDPTTEHIYGDNFFSRVDGVAAALDSFQARRYVAARCTHYLKPLL
EAGTSGTWGSATVFMPHVTEAYRAPASAAASEDAPYPVCTVRYFPSTAEHTLQWARHEFEELFRLSAETINHHQQAHTSL
ADMDEPQTLTLLKPVLGVLRVRPQNWQDCVAWALGHWKLCFHYGIKQLLRHFPPNKVLEDGTPFWSGPKQCPQPLEFDTN
QDTHLLYVLAAANLYAQMHGLPGSQDWTALRELLKLLPQPDPQQMAPIFASNLELASASAEFGPEQQKELNKALEVWSVG
PPLKPLMFEKDDDSNFHVDFVVAAASLRCQNYGIPPVNRAQSKRIVGQIIPAIATTTAAVAGLLGLELYKVVSGPRPRSA
FRHSYLHLAENYLIRYMPFAPAIQTFHHLKWTSWDRLKVPAGQPERTLESLLAHLQEQHGLRVRILLHGSALLYAAGWSP
EKQAQHLPLRVTELVQQLTGQAPAPGQRVLVLELSCEGDDEDTAFPPLHYEL
;
A
2 'polypeptide(L)'
;MGWDLTVKMLAGNEFQVSLSSSMSVSELKAQITQKIGVHAFQQRLAVHPSGVALQDRVPLASQGLGPGSTVLLVVDKSDE
PLSILVRNNKGRSSTYEVRLTQTVAHLKQQVSGLEGVQDDLFWLTFEGKPLEDQLPLGEYGLKPLSTVFMNLRLRGG
;
B,D
3 'polypeptide(L)'
;MASMRVVKELEDLQKKPPPYLRNLSSDDANVLVWHALLLPDQPPYHLKAFNLRISFPPEYPFKPPMIKFTTKIYHPNVDE
NGQICLPIISSENWKPSTKTSQVLEALNVLVNRPNIREPKRMDLADLLTQNPELFRKNAEEFTLRFGVDRPS
;
C
#
loop_
_chem_comp.id
_chem_comp.type
_chem_comp.name
_chem_comp.formula
AMP non-polymer 'ADENOSINE MONOPHOSPHATE' 'C10 H14 N5 O7 P'
#
# COMPACT_ATOMS: atom_id res chain seq x y z
N VAL A 21 -3.14 1.80 -15.37
CA VAL A 21 -1.99 2.69 -15.33
C VAL A 21 -2.03 3.62 -16.55
N LEU A 22 -0.91 4.31 -16.80
CA LEU A 22 -0.79 5.23 -17.92
C LEU A 22 -0.34 4.44 -19.15
N GLY A 23 -1.27 4.06 -20.00
CA GLY A 23 -0.95 3.31 -21.19
C GLY A 23 -0.91 4.18 -22.44
N SER A 24 0.24 4.17 -23.12
CA SER A 24 0.38 5.01 -24.31
C SER A 24 -0.62 4.66 -25.41
N PRO A 25 -0.81 3.39 -25.81
CA PRO A 25 -1.83 3.12 -26.83
C PRO A 25 -3.23 3.54 -26.43
N ALA A 26 -3.58 3.37 -25.15
CA ALA A 26 -4.92 3.73 -24.69
C ALA A 26 -5.08 5.25 -24.60
N MET A 27 -4.09 5.93 -24.03
CA MET A 27 -4.23 7.37 -23.80
C MET A 27 -4.20 8.18 -25.09
N GLN A 28 -3.71 7.61 -26.19
CA GLN A 28 -3.78 8.31 -27.46
C GLN A 28 -5.24 8.48 -27.89
N ARG A 29 -6.07 7.48 -27.62
CA ARG A 29 -7.49 7.55 -27.98
C ARG A 29 -8.30 8.39 -27.01
N ILE A 30 -7.81 8.60 -25.80
CA ILE A 30 -8.54 9.41 -24.82
C ILE A 30 -8.57 10.86 -25.26
N GLN A 31 -7.42 11.41 -25.64
CA GLN A 31 -7.35 12.82 -26.03
C GLN A 31 -8.07 13.09 -27.35
N GLY A 32 -8.25 12.08 -28.18
CA GLY A 32 -8.93 12.23 -29.45
C GLY A 32 -10.43 12.03 -29.40
N ALA A 33 -11.00 11.85 -28.20
CA ALA A 33 -12.42 11.56 -28.05
C ALA A 33 -13.17 12.80 -27.60
N ARG A 34 -14.44 12.88 -28.00
CA ARG A 34 -15.32 13.98 -27.63
C ARG A 34 -16.58 13.40 -27.00
N VAL A 35 -16.97 13.92 -25.85
CA VAL A 35 -18.05 13.37 -25.04
C VAL A 35 -19.10 14.46 -24.81
N LEU A 36 -20.36 14.09 -24.97
CA LEU A 36 -21.48 14.98 -24.69
C LEU A 36 -22.12 14.57 -23.38
N VAL A 37 -22.20 15.50 -22.43
CA VAL A 37 -22.74 15.23 -21.11
C VAL A 37 -23.98 16.11 -20.96
N SER A 38 -25.15 15.57 -21.29
CA SER A 38 -26.37 16.33 -21.20
C SER A 38 -26.95 16.27 -19.78
N GLY A 39 -27.84 17.22 -19.49
CA GLY A 39 -28.47 17.29 -18.19
C GLY A 39 -27.49 17.48 -17.06
N LEU A 40 -26.88 18.66 -16.97
CA LEU A 40 -25.79 18.91 -16.04
C LEU A 40 -26.33 19.28 -14.65
N GLN A 41 -27.09 18.35 -14.09
CA GLN A 41 -27.46 18.40 -12.67
C GLN A 41 -26.30 17.88 -11.85
N GLY A 42 -26.54 17.55 -10.59
CA GLY A 42 -25.46 17.06 -9.74
C GLY A 42 -24.75 15.86 -10.32
N LEU A 43 -25.51 14.91 -10.88
CA LEU A 43 -24.90 13.71 -11.44
C LEU A 43 -24.06 14.04 -12.68
N GLY A 44 -24.59 14.86 -13.58
CA GLY A 44 -23.82 15.25 -14.75
C GLY A 44 -22.58 16.04 -14.39
N ALA A 45 -22.64 16.85 -13.33
CA ALA A 45 -21.46 17.57 -12.87
C ALA A 45 -20.39 16.60 -12.40
N GLU A 46 -20.78 15.57 -11.66
CA GLU A 46 -19.80 14.57 -11.22
C GLU A 46 -19.19 13.82 -12.39
N VAL A 47 -20.01 13.43 -13.37
CA VAL A 47 -19.48 12.71 -14.53
C VAL A 47 -18.51 13.61 -15.29
N ALA A 48 -18.88 14.87 -15.50
CA ALA A 48 -18.00 15.79 -16.22
C ALA A 48 -16.70 16.02 -15.46
N LYS A 49 -16.79 16.14 -14.13
CA LYS A 49 -15.58 16.33 -13.34
C LYS A 49 -14.65 15.13 -13.46
N ASN A 50 -15.20 13.93 -13.35
CA ASN A 50 -14.37 12.74 -13.46
C ASN A 50 -13.74 12.62 -14.85
N LEU A 51 -14.50 12.93 -15.90
CA LEU A 51 -13.96 12.85 -17.24
C LEU A 51 -12.86 13.90 -17.47
N VAL A 52 -13.04 15.10 -16.92
CA VAL A 52 -12.00 16.13 -17.06
C VAL A 52 -10.74 15.71 -16.31
N LEU A 53 -10.91 15.17 -15.10
CA LEU A 53 -9.74 14.74 -14.33
C LEU A 53 -9.00 13.61 -15.03
N MET A 54 -9.72 12.65 -15.60
CA MET A 54 -9.05 11.56 -16.31
C MET A 54 -8.39 12.03 -17.60
N GLY A 55 -8.83 13.16 -18.15
CA GLY A 55 -8.10 13.78 -19.25
C GLY A 55 -8.66 13.57 -20.63
N VAL A 56 -9.99 13.54 -20.77
CA VAL A 56 -10.59 13.44 -22.10
C VAL A 56 -10.27 14.71 -22.88
N GLY A 57 -10.00 14.55 -24.17
CA GLY A 57 -9.55 15.68 -24.97
C GLY A 57 -10.58 16.78 -25.11
N SER A 58 -11.85 16.40 -25.29
CA SER A 58 -12.93 17.36 -25.42
C SER A 58 -14.10 16.91 -24.55
N LEU A 59 -14.96 17.87 -24.22
CA LEU A 59 -16.13 17.59 -23.39
C LEU A 59 -17.15 18.67 -23.66
N THR A 60 -18.29 18.30 -24.21
CA THR A 60 -19.35 19.24 -24.55
C THR A 60 -20.48 19.12 -23.55
N LEU A 61 -20.79 20.20 -22.86
CA LEU A 61 -21.89 20.23 -21.92
C LEU A 61 -23.17 20.69 -22.63
N HIS A 62 -24.31 20.29 -22.07
CA HIS A 62 -25.59 20.69 -22.64
C HIS A 62 -26.65 20.66 -21.54
N ASP A 63 -26.98 21.83 -21.01
CA ASP A 63 -28.07 21.96 -20.05
C ASP A 63 -28.51 23.42 -19.97
N PRO A 64 -29.53 23.83 -20.73
CA PRO A 64 -29.93 25.24 -20.76
C PRO A 64 -30.89 25.64 -19.65
N HIS A 65 -31.31 24.71 -18.79
CA HIS A 65 -32.29 25.05 -17.78
C HIS A 65 -31.70 25.97 -16.71
N PRO A 66 -32.50 26.85 -16.13
CA PRO A 66 -31.99 27.73 -15.08
C PRO A 66 -31.69 26.96 -13.80
N THR A 67 -30.69 27.43 -13.07
CA THR A 67 -30.29 26.79 -11.82
C THR A 67 -31.33 27.06 -10.73
N CYS A 68 -31.69 26.01 -10.00
CA CYS A 68 -32.64 26.09 -8.91
C CYS A 68 -31.90 25.95 -7.58
N TRP A 69 -32.65 26.08 -6.49
CA TRP A 69 -32.06 25.90 -5.17
C TRP A 69 -31.73 24.44 -4.89
N SER A 70 -32.57 23.53 -5.39
CA SER A 70 -32.36 22.11 -5.12
C SER A 70 -31.06 21.59 -5.73
N ASP A 71 -30.65 22.15 -6.87
CA ASP A 71 -29.45 21.67 -7.54
C ASP A 71 -28.18 21.93 -6.74
N LEU A 72 -28.20 22.91 -5.83
CA LEU A 72 -27.00 23.25 -5.08
C LEU A 72 -26.65 22.23 -4.01
N ALA A 73 -27.60 21.39 -3.59
CA ALA A 73 -27.34 20.44 -2.53
C ALA A 73 -26.49 19.25 -2.97
N ALA A 74 -26.28 19.09 -4.28
CA ALA A 74 -25.51 17.97 -4.80
C ALA A 74 -24.46 18.35 -5.83
N GLN A 75 -24.49 19.55 -6.38
CA GLN A 75 -23.54 19.98 -7.39
C GLN A 75 -22.54 20.95 -6.76
N PHE A 76 -21.25 20.69 -7.01
CA PHE A 76 -20.18 21.49 -6.42
C PHE A 76 -19.68 22.61 -7.32
N LEU A 77 -19.90 22.50 -8.63
CA LEU A 77 -19.48 23.57 -9.54
C LEU A 77 -20.34 24.80 -9.37
N LEU A 78 -21.62 24.63 -9.07
CA LEU A 78 -22.55 25.73 -8.89
C LEU A 78 -22.46 26.27 -7.47
N SER A 79 -22.45 27.59 -7.34
CA SER A 79 -22.52 28.26 -6.05
C SER A 79 -23.85 29.00 -5.95
N GLU A 80 -24.06 29.63 -4.79
CA GLU A 80 -25.29 30.40 -4.59
C GLU A 80 -25.35 31.61 -5.51
N GLN A 81 -24.19 32.18 -5.87
CA GLN A 81 -24.17 33.32 -6.76
C GLN A 81 -24.58 32.95 -8.18
N ASP A 82 -24.36 31.71 -8.57
CA ASP A 82 -24.73 31.23 -9.91
C ASP A 82 -26.20 30.83 -10.01
N LEU A 83 -27.03 31.26 -9.07
CA LEU A 83 -28.44 30.95 -9.11
C LEU A 83 -29.13 31.69 -10.26
N GLU A 84 -30.18 31.08 -10.79
CA GLU A 84 -30.96 31.63 -11.89
C GLU A 84 -30.08 31.87 -13.12
N ARG A 85 -29.43 30.80 -13.56
CA ARG A 85 -28.60 30.82 -14.75
C ARG A 85 -28.52 29.40 -15.30
N SER A 86 -28.12 29.30 -16.56
CA SER A 86 -28.00 28.00 -17.20
C SER A 86 -26.88 27.19 -16.54
N ARG A 87 -27.20 25.94 -16.17
CA ARG A 87 -26.24 25.14 -15.41
C ARG A 87 -24.99 24.83 -16.23
N ALA A 88 -25.15 24.51 -17.51
CA ALA A 88 -24.01 24.16 -18.34
C ALA A 88 -23.04 25.34 -18.45
N GLU A 89 -23.57 26.53 -18.72
CA GLU A 89 -22.72 27.71 -18.87
C GLU A 89 -21.98 28.02 -17.57
N ALA A 90 -22.68 27.94 -16.43
CA ALA A 90 -22.04 28.22 -15.16
C ALA A 90 -20.96 27.20 -14.83
N SER A 91 -21.23 25.92 -15.10
CA SER A 91 -20.27 24.87 -14.78
C SER A 91 -19.09 24.85 -15.74
N GLN A 92 -19.23 25.44 -16.93
CA GLN A 92 -18.16 25.38 -17.92
C GLN A 92 -16.88 26.01 -17.40
N GLU A 93 -16.99 27.14 -16.70
CA GLU A 93 -15.79 27.84 -16.24
C GLU A 93 -14.99 26.97 -15.27
N LEU A 94 -15.65 26.41 -14.26
CA LEU A 94 -14.96 25.58 -13.29
C LEU A 94 -14.41 24.31 -13.94
N LEU A 95 -15.19 23.69 -14.83
CA LEU A 95 -14.73 22.47 -15.48
C LEU A 95 -13.49 22.72 -16.32
N ALA A 96 -13.45 23.86 -17.03
CA ALA A 96 -12.25 24.21 -17.78
C ALA A 96 -11.09 24.51 -16.84
N GLN A 97 -11.37 25.14 -15.69
CA GLN A 97 -10.31 25.48 -14.75
C GLN A 97 -9.71 24.24 -14.10
N LEU A 98 -10.47 23.15 -14.01
CA LEU A 98 -9.94 21.94 -13.38
C LEU A 98 -8.73 21.40 -14.12
N ASN A 99 -8.79 21.38 -15.44
CA ASN A 99 -7.68 20.87 -16.25
C ASN A 99 -7.55 21.72 -17.50
N ARG A 100 -6.33 22.22 -17.75
CA ARG A 100 -6.11 23.07 -18.90
C ARG A 100 -6.13 22.28 -20.21
N ALA A 101 -5.61 21.06 -20.19
CA ALA A 101 -5.56 20.26 -21.41
C ALA A 101 -6.96 19.93 -21.92
N VAL A 102 -7.89 19.65 -21.01
CA VAL A 102 -9.26 19.38 -21.41
C VAL A 102 -9.89 20.65 -21.94
N GLN A 103 -10.57 20.56 -23.08
CA GLN A 103 -11.28 21.67 -23.68
C GLN A 103 -12.77 21.45 -23.47
N VAL A 104 -13.39 22.32 -22.69
CA VAL A 104 -14.81 22.21 -22.35
C VAL A 104 -15.55 23.36 -23.03
N VAL A 105 -16.49 23.02 -23.90
CA VAL A 105 -17.28 23.99 -24.65
C VAL A 105 -18.75 23.70 -24.43
N VAL A 106 -19.50 24.72 -24.05
CA VAL A 106 -20.94 24.56 -23.81
C VAL A 106 -21.68 24.60 -25.13
N HIS A 107 -22.73 23.79 -25.24
CA HIS A 107 -23.57 23.74 -26.43
C HIS A 107 -24.94 24.31 -26.09
N THR A 108 -25.37 25.31 -26.88
CA THR A 108 -26.61 26.03 -26.58
C THR A 108 -27.81 25.45 -27.32
N GLY A 109 -27.62 24.96 -28.53
CA GLY A 109 -28.73 24.44 -29.31
C GLY A 109 -29.22 23.10 -28.81
N ASP A 110 -30.33 22.67 -29.39
CA ASP A 110 -30.91 21.38 -29.03
C ASP A 110 -30.13 20.24 -29.66
N ILE A 111 -30.43 19.02 -29.21
CA ILE A 111 -29.73 17.84 -29.70
C ILE A 111 -30.17 17.56 -31.14
N THR A 112 -29.21 17.46 -32.05
CA THR A 112 -29.47 17.22 -33.46
C THR A 112 -28.68 16.01 -33.91
N GLU A 113 -29.22 15.32 -34.92
CA GLU A 113 -28.62 14.07 -35.38
C GLU A 113 -27.19 14.27 -35.84
N ASP A 114 -26.90 15.41 -36.49
CA ASP A 114 -25.53 15.69 -36.90
C ASP A 114 -24.61 15.84 -35.70
N LEU A 115 -25.09 16.51 -34.64
CA LEU A 115 -24.28 16.68 -33.45
C LEU A 115 -23.96 15.34 -32.80
N LEU A 116 -24.94 14.45 -32.72
CA LEU A 116 -24.69 13.12 -32.18
C LEU A 116 -23.78 12.30 -33.09
N LEU A 117 -23.86 12.54 -34.40
CA LEU A 117 -22.93 11.89 -35.32
C LEU A 117 -21.50 12.33 -35.05
N ASP A 118 -21.32 13.61 -34.72
CA ASP A 118 -19.97 14.12 -34.47
C ASP A 118 -19.32 13.46 -33.25
N PHE A 119 -20.10 13.23 -32.20
CA PHE A 119 -19.54 12.77 -30.93
C PHE A 119 -19.20 11.28 -30.99
N GLN A 120 -18.64 10.78 -29.89
CA GLN A 120 -18.30 9.37 -29.73
C GLN A 120 -19.08 8.70 -28.62
N VAL A 121 -19.15 9.34 -27.44
CA VAL A 121 -19.94 8.84 -26.32
C VAL A 121 -20.81 9.98 -25.82
N VAL A 122 -22.10 9.72 -25.67
CA VAL A 122 -23.02 10.70 -25.12
C VAL A 122 -23.56 10.17 -23.80
N VAL A 123 -23.86 11.10 -22.89
CA VAL A 123 -24.37 10.77 -21.56
C VAL A 123 -25.60 11.60 -21.29
N LEU A 124 -26.68 10.96 -20.87
CA LEU A 124 -27.92 11.65 -20.51
C LEU A 124 -28.16 11.44 -19.02
N THR A 125 -27.83 12.44 -18.22
CA THR A 125 -27.98 12.37 -16.77
C THR A 125 -29.27 13.04 -16.35
N ALA A 126 -30.13 12.28 -15.67
CA ALA A 126 -31.39 12.79 -15.13
C ALA A 126 -32.26 13.44 -16.21
N ALA A 127 -32.30 12.80 -17.38
CA ALA A 127 -33.12 13.26 -18.48
C ALA A 127 -34.44 12.50 -18.51
N LYS A 128 -35.42 13.09 -19.19
CA LYS A 128 -36.74 12.48 -19.28
C LYS A 128 -36.70 11.22 -20.14
N LEU A 129 -37.67 10.34 -19.92
CA LEU A 129 -37.66 9.05 -20.60
C LEU A 129 -37.80 9.21 -22.11
N GLU A 130 -38.65 10.13 -22.55
CA GLU A 130 -38.83 10.33 -23.99
C GLU A 130 -37.53 10.79 -24.63
N GLU A 131 -36.85 11.75 -24.00
CA GLU A 131 -35.57 12.20 -24.53
C GLU A 131 -34.53 11.10 -24.49
N GLN A 132 -34.55 10.29 -23.43
CA GLN A 132 -33.63 9.15 -23.36
C GLN A 132 -33.83 8.21 -24.54
N LEU A 133 -35.09 7.85 -24.82
CA LEU A 133 -35.38 6.95 -25.93
C LEU A 133 -34.96 7.57 -27.26
N LYS A 134 -35.28 8.84 -27.47
CA LYS A 134 -34.95 9.48 -28.74
C LYS A 134 -33.44 9.52 -28.97
N VAL A 135 -32.69 10.01 -27.97
CA VAL A 135 -31.24 10.13 -28.13
C VAL A 135 -30.60 8.76 -28.23
N GLY A 136 -31.11 7.77 -27.48
CA GLY A 136 -30.56 6.43 -27.57
C GLY A 136 -30.76 5.80 -28.93
N THR A 137 -31.95 5.97 -29.52
CA THR A 137 -32.19 5.46 -30.86
C THR A 137 -31.28 6.16 -31.87
N LEU A 138 -31.15 7.49 -31.76
CA LEU A 138 -30.30 8.21 -32.72
C LEU A 138 -28.85 7.78 -32.59
N CYS A 139 -28.37 7.54 -31.37
CA CYS A 139 -26.97 7.12 -31.20
C CYS A 139 -26.77 5.69 -31.67
N HIS A 140 -27.70 4.79 -31.36
CA HIS A 140 -27.55 3.41 -31.77
C HIS A 140 -27.63 3.26 -33.28
N LYS A 141 -28.36 4.14 -33.97
CA LYS A 141 -28.38 4.11 -35.43
C LYS A 141 -26.99 4.38 -35.99
N HIS A 142 -26.27 5.34 -35.41
CA HIS A 142 -24.96 5.75 -35.92
C HIS A 142 -23.80 5.02 -35.24
N GLY A 143 -24.09 4.06 -34.37
CA GLY A 143 -23.02 3.36 -33.68
C GLY A 143 -22.35 4.15 -32.59
N VAL A 144 -23.03 5.16 -32.05
CA VAL A 144 -22.46 6.01 -31.01
C VAL A 144 -22.80 5.41 -29.65
N CYS A 145 -21.79 5.30 -28.78
CA CYS A 145 -22.01 4.77 -27.44
C CYS A 145 -22.94 5.68 -26.66
N PHE A 146 -23.83 5.08 -25.88
CA PHE A 146 -24.88 5.81 -25.18
C PHE A 146 -24.95 5.36 -23.73
N LEU A 147 -25.05 6.32 -22.82
CA LEU A 147 -25.22 6.06 -21.40
C LEU A 147 -26.32 6.95 -20.86
N ALA A 148 -27.21 6.38 -20.05
CA ALA A 148 -28.31 7.13 -19.46
C ALA A 148 -28.32 6.86 -17.96
N ALA A 149 -27.52 7.64 -17.23
CA ALA A 149 -27.49 7.53 -15.78
C ALA A 149 -28.59 8.39 -15.17
N ASP A 150 -29.04 8.00 -13.98
CA ASP A 150 -30.09 8.74 -13.30
C ASP A 150 -30.04 8.42 -11.83
N THR A 151 -30.63 9.31 -11.03
CA THR A 151 -30.68 9.14 -9.58
C THR A 151 -31.90 9.88 -9.06
N ARG A 152 -32.85 9.13 -8.49
CA ARG A 152 -34.06 9.70 -7.94
C ARG A 152 -34.12 9.35 -6.45
N GLY A 153 -33.51 10.18 -5.64
CA GLY A 153 -33.48 9.97 -4.20
C GLY A 153 -32.30 9.11 -3.79
N LEU A 154 -32.60 7.98 -3.14
CA LEU A 154 -31.57 7.07 -2.65
C LEU A 154 -31.38 5.85 -3.55
N VAL A 155 -32.03 5.80 -4.70
CA VAL A 155 -31.88 4.70 -5.64
C VAL A 155 -31.52 5.28 -7.01
N GLY A 156 -30.52 4.70 -7.64
CA GLY A 156 -30.06 5.18 -8.92
C GLY A 156 -29.86 4.04 -9.90
N GLN A 157 -30.16 4.32 -11.16
CA GLN A 157 -30.05 3.36 -12.24
C GLN A 157 -28.88 3.73 -13.13
N LEU A 158 -28.54 2.82 -14.05
CA LEU A 158 -27.52 3.09 -15.04
C LEU A 158 -27.78 2.23 -16.26
N PHE A 159 -27.70 2.84 -17.44
CA PHE A 159 -27.87 2.15 -18.70
C PHE A 159 -26.64 2.37 -19.56
N CYS A 160 -26.21 1.34 -20.28
CA CYS A 160 -24.97 1.42 -21.04
C CYS A 160 -25.14 0.63 -22.34
N ASP A 161 -25.32 1.34 -23.44
CA ASP A 161 -25.44 0.75 -24.77
C ASP A 161 -24.23 1.15 -25.58
N PHE A 162 -23.51 0.16 -26.11
CA PHE A 162 -22.32 0.39 -26.92
C PHE A 162 -22.49 -0.11 -28.35
N GLY A 163 -23.73 -0.09 -28.86
CA GLY A 163 -23.97 -0.45 -30.24
C GLY A 163 -24.16 -1.95 -30.44
N GLU A 164 -24.41 -2.30 -31.70
CA GLU A 164 -24.61 -3.70 -32.05
C GLU A 164 -23.31 -4.50 -31.97
N ASP A 165 -22.21 -3.91 -32.44
CA ASP A 165 -20.92 -4.59 -32.43
C ASP A 165 -19.90 -3.69 -31.75
N PHE A 166 -19.25 -4.20 -30.71
CA PHE A 166 -18.23 -3.45 -29.98
C PHE A 166 -17.17 -4.43 -29.52
N THR A 167 -15.92 -4.18 -29.90
CA THR A 167 -14.81 -5.08 -29.62
C THR A 167 -13.91 -4.45 -28.57
N VAL A 168 -13.72 -5.14 -27.45
CA VAL A 168 -12.85 -4.67 -26.37
C VAL A 168 -11.46 -5.28 -26.58
N GLN A 169 -10.44 -4.42 -26.60
CA GLN A 169 -9.09 -4.88 -26.86
C GLN A 169 -8.58 -5.80 -25.76
N ASP A 170 -8.86 -5.47 -24.50
CA ASP A 170 -8.34 -6.24 -23.39
C ASP A 170 -9.40 -6.42 -22.32
N PRO A 171 -9.90 -7.63 -22.10
CA PRO A 171 -11.03 -7.80 -21.19
C PRO A 171 -10.66 -7.64 -19.72
N THR A 172 -9.53 -8.19 -19.30
CA THR A 172 -9.20 -8.26 -17.88
C THR A 172 -8.40 -7.04 -17.44
N GLU A 173 -8.28 -6.89 -16.13
CA GLU A 173 -7.41 -5.90 -15.52
C GLU A 173 -6.23 -6.65 -14.90
N ALA A 174 -5.21 -6.90 -15.71
CA ALA A 174 -4.06 -7.68 -15.28
C ALA A 174 -2.96 -7.54 -16.30
N GLU A 175 -1.73 -7.43 -15.83
CA GLU A 175 -0.58 -7.47 -16.72
C GLU A 175 -0.49 -8.83 -17.39
N PRO A 176 -0.13 -8.89 -18.67
CA PRO A 176 0.04 -10.20 -19.33
C PRO A 176 1.08 -11.03 -18.61
N LEU A 177 0.81 -12.33 -18.51
CA LEU A 177 1.65 -13.21 -17.70
C LEU A 177 2.99 -13.47 -18.38
N THR A 178 4.06 -13.37 -17.59
CA THR A 178 5.41 -13.68 -18.04
C THR A 178 6.05 -14.63 -17.05
N ALA A 179 6.60 -15.73 -17.54
CA ALA A 179 7.26 -16.72 -16.70
C ALA A 179 8.59 -17.11 -17.32
N ALA A 180 9.59 -17.34 -16.45
CA ALA A 180 10.91 -17.72 -16.93
C ALA A 180 10.92 -19.17 -17.38
N ILE A 181 11.40 -19.41 -18.59
CA ILE A 181 11.43 -20.75 -19.17
C ILE A 181 12.80 -21.37 -18.90
N GLN A 182 12.81 -22.60 -18.40
CA GLN A 182 14.05 -23.27 -18.06
C GLN A 182 14.70 -23.89 -19.29
N HIS A 183 13.99 -24.81 -19.94
CA HIS A 183 14.55 -25.53 -21.09
C HIS A 183 13.44 -25.83 -22.09
N ILE A 184 13.74 -25.61 -23.37
CA ILE A 184 12.82 -25.92 -24.45
C ILE A 184 13.48 -26.97 -25.34
N SER A 185 12.65 -27.79 -25.98
CA SER A 185 13.13 -28.92 -26.77
C SER A 185 12.39 -28.97 -28.10
N GLN A 186 13.00 -29.65 -29.06
CA GLN A 186 12.44 -29.79 -30.39
C GLN A 186 11.64 -31.09 -30.51
N GLY A 187 10.81 -31.15 -31.53
CA GLY A 187 10.00 -32.32 -31.79
C GLY A 187 8.66 -31.91 -32.39
N SER A 188 7.82 -32.92 -32.61
CA SER A 188 6.47 -32.65 -33.09
C SER A 188 5.67 -31.80 -32.11
N PRO A 189 5.62 -32.09 -30.80
CA PRO A 189 4.97 -31.16 -29.87
C PRO A 189 5.88 -29.98 -29.55
N GLY A 190 7.19 -30.19 -29.55
CA GLY A 190 8.14 -29.14 -29.24
C GLY A 190 8.00 -28.63 -27.82
N ILE A 191 7.91 -29.56 -26.87
CA ILE A 191 7.61 -29.18 -25.49
C ILE A 191 8.72 -28.30 -24.93
N LEU A 192 8.34 -27.43 -23.99
CA LEU A 192 9.28 -26.56 -23.29
C LEU A 192 9.00 -26.63 -21.79
N THR A 193 10.06 -26.46 -21.00
CA THR A 193 9.98 -26.50 -19.55
C THR A 193 10.28 -25.12 -18.99
N LEU A 194 9.52 -24.73 -17.98
CA LEU A 194 9.63 -23.41 -17.37
C LEU A 194 9.87 -23.56 -15.87
N ARG A 195 10.51 -22.55 -15.29
CA ARG A 195 10.77 -22.55 -13.85
C ARG A 195 9.46 -22.54 -13.08
N LYS A 196 9.48 -23.18 -11.91
CA LYS A 196 8.26 -23.30 -11.11
C LYS A 196 7.82 -21.93 -10.62
N GLY A 197 6.51 -21.71 -10.66
CA GLY A 197 5.94 -20.46 -10.18
C GLY A 197 4.42 -20.52 -10.27
N ALA A 198 3.80 -19.45 -9.76
CA ALA A 198 2.35 -19.34 -9.84
C ALA A 198 1.87 -19.20 -11.27
N ASN A 199 2.72 -18.66 -12.15
CA ASN A 199 2.37 -18.53 -13.56
C ASN A 199 2.13 -19.89 -14.20
N THR A 200 2.78 -20.94 -13.70
CA THR A 200 2.55 -22.28 -14.23
C THR A 200 1.11 -22.70 -14.05
N HIS A 201 0.55 -22.46 -12.87
CA HIS A 201 -0.89 -22.68 -12.66
C HIS A 201 -1.71 -21.69 -13.45
N TYR A 202 -1.24 -20.44 -13.56
CA TYR A 202 -1.98 -19.41 -14.27
C TYR A 202 -2.10 -19.73 -15.76
N PHE A 203 -1.03 -20.24 -16.36
CA PHE A 203 -1.05 -20.57 -17.78
C PHE A 203 -2.07 -21.66 -18.08
N ARG A 204 -2.82 -21.47 -19.15
CA ARG A 204 -3.88 -22.40 -19.54
C ARG A 204 -3.80 -22.68 -21.03
N ASP A 205 -4.31 -23.85 -21.43
CA ASP A 205 -4.25 -24.27 -22.81
C ASP A 205 -5.20 -23.45 -23.68
N GLY A 206 -4.88 -23.36 -24.96
CA GLY A 206 -5.64 -22.55 -25.88
C GLY A 206 -5.31 -21.08 -25.84
N ASP A 207 -4.36 -20.67 -25.00
CA ASP A 207 -3.99 -19.26 -24.88
C ASP A 207 -3.12 -18.84 -26.05
N LEU A 208 -2.66 -17.60 -26.01
CA LEU A 208 -1.75 -17.06 -27.01
C LEU A 208 -0.54 -16.50 -26.29
N VAL A 209 0.65 -16.86 -26.76
CA VAL A 209 1.89 -16.50 -26.08
C VAL A 209 2.87 -15.89 -27.08
N THR A 210 3.79 -15.10 -26.55
CA THR A 210 4.89 -14.52 -27.32
C THR A 210 6.14 -14.53 -26.46
N PHE A 211 7.29 -14.50 -27.12
CA PHE A 211 8.57 -14.48 -26.42
C PHE A 211 9.49 -13.47 -27.09
N SER A 212 10.22 -12.72 -26.26
CA SER A 212 11.15 -11.70 -26.75
C SER A 212 12.58 -11.92 -26.28
N GLY A 213 12.80 -12.51 -25.11
CA GLY A 213 14.14 -12.76 -24.64
C GLY A 213 14.47 -14.23 -24.49
N ILE A 214 15.33 -14.73 -25.36
CA ILE A 214 15.76 -16.14 -25.34
C ILE A 214 17.18 -16.21 -25.88
N GLU A 215 18.02 -17.02 -25.23
CA GLU A 215 19.35 -17.32 -25.73
C GLU A 215 19.25 -18.49 -26.69
N GLY A 216 19.53 -18.24 -27.96
CA GLY A 216 19.17 -19.16 -29.01
C GLY A 216 17.79 -18.84 -29.59
N MET A 217 17.45 -19.56 -30.66
CA MET A 217 16.21 -19.32 -31.39
C MET A 217 16.11 -17.85 -31.79
N VAL A 218 17.07 -17.43 -32.63
CA VAL A 218 17.23 -16.02 -32.95
C VAL A 218 15.98 -15.48 -33.64
N GLU A 219 15.49 -16.19 -34.66
CA GLU A 219 14.33 -15.72 -35.40
C GLU A 219 13.01 -16.01 -34.71
N LEU A 220 13.02 -16.78 -33.61
CA LEU A 220 11.81 -16.99 -32.85
C LEU A 220 11.32 -15.71 -32.21
N ASN A 221 12.24 -14.82 -31.86
CA ASN A 221 11.87 -13.49 -31.39
C ASN A 221 11.20 -12.72 -32.53
N ASP A 222 10.22 -11.89 -32.16
CA ASP A 222 9.46 -11.06 -33.08
C ASP A 222 8.65 -11.88 -34.09
N CYS A 223 8.40 -13.15 -33.79
CA CYS A 223 7.60 -13.99 -34.66
C CYS A 223 6.11 -13.79 -34.36
N ASP A 224 5.26 -14.44 -35.14
CA ASP A 224 3.84 -14.37 -34.90
C ASP A 224 3.49 -15.10 -33.60
N PRO A 225 2.53 -14.58 -32.83
CA PRO A 225 2.07 -15.32 -31.65
C PRO A 225 1.45 -16.65 -32.03
N ARG A 226 1.67 -17.65 -31.18
CA ARG A 226 1.18 -19.00 -31.42
C ARG A 226 0.55 -19.56 -30.15
N SER A 227 -0.34 -20.53 -30.34
CA SER A 227 -1.06 -21.15 -29.24
C SER A 227 -0.15 -22.13 -28.50
N ILE A 228 -0.64 -22.62 -27.36
CA ILE A 228 0.07 -23.57 -26.53
C ILE A 228 -0.90 -24.68 -26.12
N HIS A 229 -0.36 -25.69 -25.43
CA HIS A 229 -1.12 -26.81 -24.91
C HIS A 229 -0.63 -27.12 -23.50
N VAL A 230 -1.57 -27.38 -22.59
CA VAL A 230 -1.26 -27.65 -21.20
C VAL A 230 -1.25 -29.16 -20.99
N ARG A 231 -0.12 -29.68 -20.54
CA ARG A 231 0.04 -31.09 -20.23
C ARG A 231 0.31 -31.23 -18.73
N GLU A 232 0.25 -32.48 -18.26
CA GLU A 232 0.35 -32.75 -16.83
C GLU A 232 1.74 -32.40 -16.31
N ASP A 233 1.81 -32.09 -15.02
CA ASP A 233 3.06 -31.74 -14.33
C ASP A 233 3.68 -30.48 -14.91
N GLY A 234 2.83 -29.51 -15.27
CA GLY A 234 3.32 -28.23 -15.75
C GLY A 234 4.07 -28.30 -17.07
N SER A 235 3.67 -29.19 -17.96
CA SER A 235 4.31 -29.36 -19.25
C SER A 235 3.54 -28.59 -20.31
N LEU A 236 4.27 -27.83 -21.13
CA LEU A 236 3.69 -27.04 -22.20
C LEU A 236 4.38 -27.38 -23.51
N GLU A 237 3.93 -26.73 -24.59
CA GLU A 237 4.54 -26.93 -25.90
C GLU A 237 4.22 -25.71 -26.76
N ILE A 238 5.02 -25.52 -27.80
CA ILE A 238 4.85 -24.38 -28.69
C ILE A 238 4.50 -24.87 -30.10
N GLY A 239 4.97 -26.05 -30.47
CA GLY A 239 4.70 -26.58 -31.79
C GLY A 239 5.91 -27.25 -32.42
N ASP A 240 6.26 -26.84 -33.64
CA ASP A 240 7.39 -27.42 -34.38
C ASP A 240 8.56 -26.46 -34.32
N THR A 241 9.56 -26.79 -33.50
CA THR A 241 10.80 -26.03 -33.42
C THR A 241 12.00 -26.85 -33.86
N THR A 242 11.78 -28.01 -34.48
CA THR A 242 12.90 -28.83 -34.94
C THR A 242 13.70 -28.11 -36.01
N THR A 243 13.01 -27.41 -36.92
CA THR A 243 13.68 -26.69 -38.00
C THR A 243 14.48 -25.49 -37.50
N PHE A 244 14.29 -25.07 -36.25
CA PHE A 244 14.98 -23.91 -35.72
C PHE A 244 16.37 -24.30 -35.21
N SER A 245 17.07 -23.32 -34.65
CA SER A 245 18.45 -23.49 -34.23
C SER A 245 18.50 -24.01 -32.80
N ARG A 246 19.70 -24.00 -32.21
CA ARG A 246 19.90 -24.48 -30.85
C ARG A 246 19.37 -23.47 -29.84
N TYR A 247 18.86 -24.00 -28.72
CA TYR A 247 18.34 -23.19 -27.63
C TYR A 247 19.34 -23.25 -26.47
N LEU A 248 19.81 -22.08 -26.03
CA LEU A 248 20.73 -22.02 -24.90
C LEU A 248 19.98 -21.74 -23.59
N ARG A 249 19.29 -20.61 -23.51
CA ARG A 249 18.57 -20.22 -22.32
C ARG A 249 17.38 -19.36 -22.72
N GLY A 250 16.43 -19.23 -21.81
CA GLY A 250 15.20 -18.51 -22.08
C GLY A 250 14.87 -17.51 -20.99
N GLY A 251 14.53 -16.29 -21.40
CA GLY A 251 14.17 -15.25 -20.47
C GLY A 251 12.75 -15.37 -19.95
N ALA A 252 11.76 -15.23 -20.82
CA ALA A 252 10.36 -15.25 -20.39
C ALA A 252 9.46 -15.54 -21.58
N ILE A 253 8.23 -15.93 -21.26
CA ILE A 253 7.18 -16.16 -22.24
C ILE A 253 5.97 -15.32 -21.84
N THR A 254 5.55 -14.41 -22.73
CA THR A 254 4.52 -13.44 -22.40
C THR A 254 3.18 -13.90 -22.92
N GLU A 255 2.16 -13.85 -22.07
CA GLU A 255 0.80 -14.16 -22.49
C GLU A 255 0.23 -13.03 -23.34
N VAL A 256 -0.72 -13.37 -24.19
CA VAL A 256 -1.34 -12.42 -25.10
C VAL A 256 -2.84 -12.34 -24.80
N LYS A 257 -3.34 -11.13 -24.63
CA LYS A 257 -4.75 -10.93 -24.34
C LYS A 257 -5.61 -11.23 -25.56
N ARG A 258 -6.75 -11.88 -25.33
CA ARG A 258 -7.65 -12.29 -26.40
C ARG A 258 -8.75 -11.26 -26.56
N PRO A 259 -8.86 -10.58 -27.70
CA PRO A 259 -9.94 -9.60 -27.88
C PRO A 259 -11.31 -10.25 -27.77
N LYS A 260 -12.26 -9.51 -27.20
CA LYS A 260 -13.62 -9.97 -26.99
C LYS A 260 -14.60 -9.02 -27.69
N THR A 261 -15.78 -9.54 -27.99
CA THR A 261 -16.84 -8.78 -28.63
C THR A 261 -18.09 -8.80 -27.77
N VAL A 262 -18.76 -7.66 -27.68
CA VAL A 262 -19.99 -7.53 -26.91
C VAL A 262 -21.05 -6.89 -27.79
N ARG A 263 -22.27 -7.41 -27.73
CA ARG A 263 -23.40 -6.85 -28.46
C ARG A 263 -24.43 -6.37 -27.45
N HIS A 264 -24.82 -5.10 -27.57
CA HIS A 264 -25.77 -4.47 -26.66
C HIS A 264 -27.04 -4.11 -27.43
N LYS A 265 -28.19 -4.43 -26.85
CA LYS A 265 -29.46 -4.04 -27.43
C LYS A 265 -29.67 -2.54 -27.28
N SER A 266 -30.57 -2.00 -28.11
CA SER A 266 -30.93 -0.59 -28.00
C SER A 266 -31.79 -0.35 -26.77
N LEU A 267 -31.93 0.92 -26.41
CA LEU A 267 -32.66 1.27 -25.19
C LEU A 267 -34.14 0.88 -25.30
N ASP A 268 -34.74 1.12 -26.47
CA ASP A 268 -36.18 0.87 -26.61
C ASP A 268 -36.51 -0.61 -26.43
N THR A 269 -35.68 -1.49 -26.98
CA THR A 269 -35.89 -2.92 -26.75
C THR A 269 -35.42 -3.36 -25.36
N ALA A 270 -34.43 -2.67 -24.80
CA ALA A 270 -33.90 -3.07 -23.50
C ALA A 270 -34.86 -2.75 -22.36
N LEU A 271 -35.66 -1.70 -22.50
CA LEU A 271 -36.58 -1.34 -21.42
C LEU A 271 -37.56 -2.45 -21.11
N LEU A 272 -38.00 -3.19 -22.13
CA LEU A 272 -38.96 -4.27 -21.90
C LEU A 272 -38.32 -5.47 -21.22
N GLN A 273 -37.07 -5.78 -21.57
CA GLN A 273 -36.37 -6.98 -21.07
C GLN A 273 -35.01 -6.57 -20.54
N PRO A 274 -34.96 -5.97 -19.35
CA PRO A 274 -33.68 -5.52 -18.80
C PRO A 274 -32.77 -6.69 -18.46
N HIS A 275 -31.47 -6.46 -18.63
CA HIS A 275 -30.42 -7.42 -18.28
C HIS A 275 -29.56 -6.77 -17.20
N VAL A 276 -29.76 -7.19 -15.96
CA VAL A 276 -29.10 -6.56 -14.81
C VAL A 276 -27.84 -7.32 -14.47
N VAL A 277 -26.73 -6.61 -14.29
CA VAL A 277 -25.50 -7.19 -13.78
C VAL A 277 -25.58 -7.20 -12.25
N ALA A 278 -25.55 -8.39 -11.67
CA ALA A 278 -25.73 -8.55 -10.24
C ALA A 278 -24.81 -9.67 -9.75
N GLN A 279 -25.04 -10.11 -8.51
CA GLN A 279 -24.25 -11.18 -7.92
C GLN A 279 -25.09 -12.35 -7.41
N SER A 280 -26.41 -12.21 -7.32
CA SER A 280 -27.26 -13.28 -6.82
C SER A 280 -28.66 -13.09 -7.37
N SER A 281 -29.46 -14.16 -7.30
CA SER A 281 -30.82 -14.10 -7.81
C SER A 281 -31.65 -13.08 -7.05
N GLN A 282 -31.46 -12.99 -5.73
CA GLN A 282 -32.18 -12.01 -4.93
C GLN A 282 -31.84 -10.59 -5.39
N GLU A 283 -30.56 -10.34 -5.68
CA GLU A 283 -30.18 -9.02 -6.19
C GLU A 283 -30.84 -8.75 -7.53
N VAL A 284 -30.93 -9.76 -8.39
CA VAL A 284 -31.57 -9.57 -9.70
C VAL A 284 -33.04 -9.22 -9.53
N HIS A 285 -33.74 -9.92 -8.64
CA HIS A 285 -35.16 -9.61 -8.44
C HIS A 285 -35.35 -8.24 -7.79
N HIS A 286 -34.46 -7.86 -6.88
CA HIS A 286 -34.52 -6.52 -6.30
C HIS A 286 -34.30 -5.45 -7.37
N ALA A 287 -33.36 -5.70 -8.28
CA ALA A 287 -33.12 -4.76 -9.36
C ALA A 287 -34.30 -4.70 -10.32
N HIS A 288 -34.97 -5.82 -10.55
CA HIS A 288 -36.18 -5.81 -11.37
C HIS A 288 -37.27 -4.94 -10.71
N CYS A 289 -37.43 -5.08 -9.39
CA CYS A 289 -38.40 -4.25 -8.69
C CYS A 289 -38.02 -2.77 -8.78
N LEU A 290 -36.74 -2.46 -8.65
CA LEU A 290 -36.29 -1.07 -8.79
C LEU A 290 -36.54 -0.55 -10.20
N HIS A 291 -36.34 -1.40 -11.21
CA HIS A 291 -36.61 -1.01 -12.59
C HIS A 291 -38.09 -0.72 -12.79
N GLN A 292 -38.96 -1.54 -12.20
CA GLN A 292 -40.39 -1.27 -12.26
C GLN A 292 -40.71 0.06 -11.58
N ALA A 293 -40.07 0.33 -10.44
CA ALA A 293 -40.31 1.58 -9.73
C ALA A 293 -39.88 2.78 -10.58
N PHE A 294 -38.74 2.67 -11.26
CA PHE A 294 -38.28 3.77 -12.11
C PHE A 294 -39.19 3.97 -13.31
N CYS A 295 -39.67 2.88 -13.90
CA CYS A 295 -40.64 3.02 -15.00
C CYS A 295 -41.92 3.68 -14.51
N ALA A 296 -42.38 3.32 -13.31
CA ALA A 296 -43.55 3.95 -12.74
C ALA A 296 -43.32 5.44 -12.50
N LEU A 297 -42.14 5.81 -12.02
CA LEU A 297 -41.82 7.22 -11.81
C LEU A 297 -41.82 7.99 -13.12
N HIS A 298 -41.22 7.41 -14.17
CA HIS A 298 -41.23 8.07 -15.47
C HIS A 298 -42.65 8.23 -16.01
N LYS A 299 -43.48 7.19 -15.87
CA LYS A 299 -44.86 7.29 -16.33
C LYS A 299 -45.62 8.35 -15.55
N PHE A 300 -45.41 8.42 -14.23
CA PHE A 300 -46.07 9.45 -13.43
C PHE A 300 -45.62 10.84 -13.85
N GLN A 301 -44.32 11.01 -14.14
CA GLN A 301 -43.85 12.30 -14.60
C GLN A 301 -44.44 12.66 -15.95
N HIS A 302 -44.66 11.67 -16.81
CA HIS A 302 -45.25 11.94 -18.11
C HIS A 302 -46.73 12.29 -18.01
N LEU A 303 -47.47 11.57 -17.17
CA LEU A 303 -48.92 11.76 -17.09
C LEU A 303 -49.28 13.09 -16.44
N HIS A 304 -48.60 13.45 -15.35
CA HIS A 304 -48.95 14.63 -14.59
C HIS A 304 -48.04 15.83 -14.84
N GLY A 305 -46.91 15.63 -15.51
CA GLY A 305 -46.02 16.74 -15.79
C GLY A 305 -45.26 17.26 -14.60
N ARG A 306 -45.24 16.52 -13.49
CA ARG A 306 -44.62 16.97 -12.26
C ARG A 306 -44.14 15.76 -11.45
N PRO A 307 -42.92 15.79 -10.95
CA PRO A 307 -42.43 14.66 -10.15
C PRO A 307 -43.19 14.56 -8.85
N PRO A 308 -43.19 13.39 -8.20
CA PRO A 308 -43.90 13.26 -6.93
C PRO A 308 -43.39 14.24 -5.90
N GLN A 309 -44.31 14.78 -5.11
CA GLN A 309 -43.94 15.73 -4.07
C GLN A 309 -43.16 15.01 -2.97
N PRO A 310 -42.31 15.72 -2.24
CA PRO A 310 -41.49 15.08 -1.20
C PRO A 310 -42.34 14.40 -0.15
N TRP A 311 -42.22 13.07 -0.09
CA TRP A 311 -42.87 12.27 0.94
C TRP A 311 -44.39 12.48 0.97
N ASP A 312 -44.98 12.67 -0.21
CA ASP A 312 -46.41 12.90 -0.30
C ASP A 312 -47.14 11.57 -0.43
N PRO A 313 -48.00 11.19 0.53
CA PRO A 313 -48.64 9.88 0.45
C PRO A 313 -49.49 9.66 -0.78
N VAL A 314 -50.19 10.69 -1.26
CA VAL A 314 -51.07 10.50 -2.41
C VAL A 314 -50.26 10.27 -3.68
N ASP A 315 -49.18 11.03 -3.88
CA ASP A 315 -48.33 10.81 -5.03
C ASP A 315 -47.66 9.45 -4.99
N ALA A 316 -47.22 9.02 -3.80
CA ALA A 316 -46.64 7.69 -3.68
C ALA A 316 -47.66 6.60 -4.00
N GLU A 317 -48.90 6.78 -3.54
CA GLU A 317 -49.94 5.80 -3.86
C GLU A 317 -50.22 5.76 -5.36
N THR A 318 -50.24 6.93 -6.00
CA THR A 318 -50.44 6.96 -7.45
C THR A 318 -49.28 6.27 -8.17
N VAL A 319 -48.05 6.48 -7.70
CA VAL A 319 -46.89 5.84 -8.32
C VAL A 319 -46.95 4.33 -8.16
N VAL A 320 -47.31 3.84 -6.96
CA VAL A 320 -47.38 2.40 -6.79
C VAL A 320 -48.54 1.80 -7.58
N GLY A 321 -49.63 2.56 -7.72
CA GLY A 321 -50.71 2.09 -8.60
C GLY A 321 -50.28 1.99 -10.04
N LEU A 322 -49.50 2.96 -10.51
CA LEU A 322 -48.93 2.88 -11.86
C LEU A 322 -48.00 1.68 -11.98
N ALA A 323 -47.21 1.41 -10.93
CA ALA A 323 -46.35 0.24 -10.95
C ALA A 323 -47.15 -1.04 -11.08
N ARG A 324 -48.26 -1.16 -10.35
CA ARG A 324 -49.16 -2.28 -10.56
C ARG A 324 -49.88 -2.18 -11.89
N ASP A 325 -50.16 -0.96 -12.35
CA ASP A 325 -50.84 -0.76 -13.62
C ASP A 325 -50.02 -1.24 -14.81
N LEU A 326 -48.70 -1.37 -14.65
CA LEU A 326 -47.86 -1.84 -15.74
C LEU A 326 -48.26 -3.26 -16.13
N GLU A 327 -48.24 -3.51 -17.44
CA GLU A 327 -48.73 -4.78 -17.95
C GLU A 327 -47.80 -5.92 -17.54
N PRO A 328 -48.36 -7.13 -17.35
CA PRO A 328 -47.49 -8.30 -17.15
C PRO A 328 -46.58 -8.56 -18.32
N LEU A 329 -46.98 -8.16 -19.54
CA LEU A 329 -46.13 -8.31 -20.70
C LEU A 329 -44.89 -7.41 -20.63
N LYS A 330 -44.88 -6.44 -19.73
CA LYS A 330 -43.71 -5.59 -19.53
C LYS A 330 -42.52 -6.36 -18.98
N ARG A 331 -42.73 -7.58 -18.48
CA ARG A 331 -41.66 -8.41 -17.97
C ARG A 331 -41.35 -9.55 -18.95
N THR A 332 -40.18 -10.14 -18.79
CA THR A 332 -39.77 -11.24 -19.64
C THR A 332 -40.65 -12.47 -19.40
N GLU A 333 -41.02 -13.14 -20.49
CA GLU A 333 -41.91 -14.28 -20.40
C GLU A 333 -41.20 -15.59 -20.06
N GLU A 334 -39.87 -15.64 -20.17
CA GLU A 334 -39.15 -16.88 -19.94
C GLU A 334 -38.81 -17.11 -18.47
N GLU A 335 -39.06 -16.13 -17.60
CA GLU A 335 -38.76 -16.28 -16.17
C GLU A 335 -39.75 -15.42 -15.39
N PRO A 336 -40.87 -15.99 -14.95
CA PRO A 336 -41.82 -15.21 -14.15
C PRO A 336 -41.24 -14.83 -12.80
N LEU A 337 -41.65 -13.66 -12.32
CA LEU A 337 -41.21 -13.20 -11.02
C LEU A 337 -41.81 -14.06 -9.91
N GLU A 338 -41.02 -14.35 -8.88
CA GLU A 338 -41.49 -15.21 -7.80
C GLU A 338 -42.67 -14.58 -7.07
N GLU A 339 -42.73 -13.26 -7.00
CA GLU A 339 -43.79 -12.53 -6.32
C GLU A 339 -44.16 -11.32 -7.15
N PRO A 340 -45.36 -10.79 -6.98
CA PRO A 340 -45.71 -9.52 -7.63
C PRO A 340 -44.88 -8.39 -7.06
N LEU A 341 -44.93 -7.25 -7.76
CA LEU A 341 -44.14 -6.09 -7.37
C LEU A 341 -44.50 -5.67 -5.95
N ASP A 342 -43.50 -5.70 -5.06
CA ASP A 342 -43.72 -5.33 -3.67
C ASP A 342 -44.09 -3.86 -3.58
N GLU A 343 -45.28 -3.59 -3.01
CA GLU A 343 -45.74 -2.22 -2.90
C GLU A 343 -44.90 -1.40 -1.95
N ALA A 344 -44.29 -2.05 -0.94
CA ALA A 344 -43.49 -1.31 0.03
C ALA A 344 -42.27 -0.66 -0.64
N LEU A 345 -41.56 -1.42 -1.47
CA LEU A 345 -40.36 -0.88 -2.10
C LEU A 345 -40.70 0.26 -3.06
N VAL A 346 -41.72 0.07 -3.89
CA VAL A 346 -42.09 1.12 -4.84
C VAL A 346 -42.60 2.35 -4.11
N ARG A 347 -43.37 2.15 -3.04
CA ARG A 347 -43.86 3.28 -2.26
C ARG A 347 -42.72 4.05 -1.62
N THR A 348 -41.73 3.33 -1.07
CA THR A 348 -40.59 4.00 -0.45
C THR A 348 -39.76 4.74 -1.49
N VAL A 349 -39.59 4.16 -2.67
CA VAL A 349 -38.85 4.85 -3.73
C VAL A 349 -39.59 6.11 -4.16
N ALA A 350 -40.92 6.03 -4.29
CA ALA A 350 -41.69 7.19 -4.70
C ALA A 350 -41.64 8.29 -3.65
N LEU A 351 -41.71 7.92 -2.37
CA LEU A 351 -41.71 8.92 -1.31
C LEU A 351 -40.40 9.70 -1.29
N SER A 352 -39.27 9.02 -1.44
CA SER A 352 -37.97 9.61 -1.28
C SER A 352 -37.35 10.09 -2.60
N SER A 353 -38.14 10.15 -3.67
CA SER A 353 -37.63 10.51 -4.98
C SER A 353 -37.71 12.01 -5.27
N ALA A 354 -37.72 12.85 -4.24
CA ALA A 354 -37.86 14.29 -4.45
C ALA A 354 -36.53 14.93 -4.82
N GLY A 355 -35.54 14.81 -3.93
CA GLY A 355 -34.26 15.46 -4.12
C GLY A 355 -33.19 14.50 -4.62
N VAL A 356 -32.00 15.06 -4.81
CA VAL A 356 -30.84 14.32 -5.27
C VAL A 356 -29.72 14.52 -4.26
N LEU A 357 -29.08 13.42 -3.85
CA LEU A 357 -28.10 13.47 -2.79
C LEU A 357 -26.68 13.55 -3.35
N SER A 358 -25.76 13.96 -2.49
CA SER A 358 -24.37 14.12 -2.90
C SER A 358 -23.61 12.80 -2.94
N PRO A 359 -23.71 11.93 -1.92
CA PRO A 359 -23.02 10.63 -2.04
C PRO A 359 -23.51 9.79 -3.21
N MET A 360 -24.82 9.75 -3.43
CA MET A 360 -25.35 8.97 -4.55
C MET A 360 -24.86 9.54 -5.88
N VAL A 361 -24.83 10.87 -5.99
CA VAL A 361 -24.31 11.48 -7.20
C VAL A 361 -22.85 11.10 -7.42
N ALA A 362 -22.05 11.14 -6.35
CA ALA A 362 -20.64 10.78 -6.48
C ALA A 362 -20.48 9.35 -6.95
N MET A 363 -21.23 8.42 -6.35
CA MET A 363 -21.10 7.01 -6.70
C MET A 363 -21.52 6.76 -8.16
N LEU A 364 -22.71 7.24 -8.54
CA LEU A 364 -23.19 7.00 -9.89
C LEU A 364 -22.33 7.71 -10.92
N GLY A 365 -21.82 8.91 -10.61
CA GLY A 365 -20.93 9.58 -11.53
C GLY A 365 -19.63 8.83 -11.71
N ALA A 366 -19.10 8.26 -10.62
CA ALA A 366 -17.90 7.43 -10.72
C ALA A 366 -18.13 6.26 -11.66
N VAL A 367 -19.23 5.52 -11.45
CA VAL A 367 -19.49 4.35 -12.28
C VAL A 367 -19.71 4.76 -13.74
N ALA A 368 -20.49 5.82 -13.98
CA ALA A 368 -20.76 6.25 -15.33
C ALA A 368 -19.50 6.75 -16.04
N ALA A 369 -18.64 7.47 -15.32
CA ALA A 369 -17.39 7.92 -15.93
C ALA A 369 -16.48 6.74 -16.26
N GLN A 370 -16.47 5.73 -15.40
CA GLN A 370 -15.68 4.54 -15.72
C GLN A 370 -16.22 3.85 -16.97
N GLU A 371 -17.54 3.79 -17.11
CA GLU A 371 -18.11 3.20 -18.32
C GLU A 371 -17.76 4.04 -19.56
N VAL A 372 -17.77 5.36 -19.42
CA VAL A 372 -17.39 6.22 -20.54
C VAL A 372 -15.95 5.99 -20.94
N LEU A 373 -15.06 5.84 -19.95
CA LEU A 373 -13.66 5.54 -20.26
C LEU A 373 -13.53 4.17 -20.92
N LYS A 374 -14.35 3.21 -20.50
CA LYS A 374 -14.35 1.91 -21.17
C LYS A 374 -14.76 2.04 -22.63
N ALA A 375 -15.76 2.88 -22.90
CA ALA A 375 -16.19 3.11 -24.28
C ALA A 375 -15.08 3.77 -25.09
N ILE A 376 -14.41 4.76 -24.51
CA ILE A 376 -13.43 5.54 -25.27
C ILE A 376 -12.16 4.74 -25.52
N SER A 377 -11.58 4.19 -24.46
CA SER A 377 -10.29 3.52 -24.57
C SER A 377 -10.39 2.05 -24.97
N ARG A 378 -11.61 1.51 -25.06
CA ARG A 378 -11.83 0.11 -25.41
C ARG A 378 -11.08 -0.83 -24.46
N LYS A 379 -11.07 -0.48 -23.18
CA LYS A 379 -10.41 -1.25 -22.15
C LYS A 379 -11.43 -1.84 -21.20
N PHE A 380 -11.07 -2.98 -20.59
CA PHE A 380 -11.92 -3.66 -19.62
C PHE A 380 -13.24 -4.12 -20.24
N MET A 381 -14.17 -4.57 -19.42
CA MET A 381 -15.41 -5.14 -19.90
C MET A 381 -16.57 -4.20 -19.61
N PRO A 382 -17.31 -3.75 -20.61
CA PRO A 382 -18.40 -2.81 -20.38
C PRO A 382 -19.53 -3.43 -19.58
N LEU A 383 -20.31 -2.55 -18.94
CA LEU A 383 -21.45 -3.00 -18.15
C LEU A 383 -22.48 -3.66 -19.05
N ASP A 384 -23.22 -4.61 -18.48
CA ASP A 384 -24.20 -5.37 -19.27
C ASP A 384 -25.56 -4.67 -19.29
N GLN A 385 -25.53 -3.38 -19.60
CA GLN A 385 -26.63 -2.51 -19.98
C GLN A 385 -27.52 -2.07 -18.81
N TRP A 386 -27.37 -2.60 -17.60
CA TRP A 386 -28.26 -2.18 -16.52
C TRP A 386 -27.58 -2.42 -15.18
N LEU A 387 -27.39 -1.36 -14.40
CA LEU A 387 -26.93 -1.45 -13.02
C LEU A 387 -27.81 -0.58 -12.15
N TYR A 388 -28.36 -1.17 -11.09
CA TYR A 388 -29.20 -0.46 -10.15
C TYR A 388 -28.54 -0.46 -8.77
N PHE A 389 -28.35 0.72 -8.20
CA PHE A 389 -27.74 0.87 -6.89
C PHE A 389 -28.82 1.25 -5.89
N ASP A 390 -28.97 0.45 -4.84
CA ASP A 390 -29.99 0.66 -3.82
C ASP A 390 -29.30 1.06 -2.53
N ALA A 391 -29.70 2.22 -1.99
CA ALA A 391 -29.16 2.74 -0.75
C ALA A 391 -30.27 3.25 0.15
N LEU A 392 -31.40 2.54 0.16
CA LEU A 392 -32.53 2.95 0.99
C LEU A 392 -32.30 2.71 2.47
N ASP A 393 -31.24 1.99 2.84
CA ASP A 393 -30.98 1.71 4.25
C ASP A 393 -30.72 2.99 5.04
N CYS A 394 -30.24 4.04 4.37
CA CYS A 394 -29.93 5.29 5.05
C CYS A 394 -31.16 5.99 5.61
N LEU A 395 -32.36 5.58 5.20
CA LEU A 395 -33.58 6.14 5.75
C LEU A 395 -33.73 5.73 7.23
N PRO A 396 -34.48 6.49 8.00
CA PRO A 396 -34.71 6.12 9.40
C PRO A 396 -35.39 4.76 9.50
N GLU A 397 -35.04 4.03 10.56
CA GLU A 397 -35.56 2.70 10.77
C GLU A 397 -37.08 2.73 10.93
N ASP A 398 -37.70 1.57 10.69
CA ASP A 398 -39.15 1.48 10.71
C ASP A 398 -39.74 1.84 12.07
N GLY A 399 -39.00 1.58 13.15
CA GLY A 399 -39.46 2.00 14.47
C GLY A 399 -39.47 3.51 14.63
N GLU A 400 -38.49 4.19 14.05
CA GLU A 400 -38.40 5.64 14.14
C GLU A 400 -39.42 6.29 13.22
N LEU A 401 -39.62 7.59 13.42
CA LEU A 401 -40.62 8.33 12.67
C LEU A 401 -40.08 8.76 11.32
N LEU A 402 -40.84 8.51 10.26
CA LEU A 402 -40.47 8.93 8.92
C LEU A 402 -40.73 10.43 8.74
N PRO A 403 -39.93 11.10 7.92
CA PRO A 403 -40.13 12.54 7.72
C PRO A 403 -41.52 12.85 7.16
N SER A 404 -42.09 13.96 7.62
CA SER A 404 -43.39 14.42 7.18
C SER A 404 -43.24 15.37 6.00
N PRO A 405 -44.29 15.51 5.18
CA PRO A 405 -44.20 16.41 4.03
C PRO A 405 -43.89 17.84 4.40
N GLU A 406 -44.34 18.31 5.56
CA GLU A 406 -44.08 19.68 5.97
C GLU A 406 -42.59 19.92 6.24
N ASP A 407 -41.91 18.92 6.82
CA ASP A 407 -40.48 19.07 7.09
C ASP A 407 -39.69 19.15 5.79
N CYS A 408 -40.05 18.33 4.80
CA CYS A 408 -39.27 18.23 3.57
C CYS A 408 -39.49 19.39 2.62
N ALA A 409 -40.45 20.26 2.89
CA ALA A 409 -40.70 21.41 2.02
C ALA A 409 -39.47 22.32 2.00
N LEU A 410 -39.08 22.75 0.80
CA LEU A 410 -37.90 23.59 0.66
C LEU A 410 -38.13 24.95 1.30
N ARG A 411 -37.07 25.46 1.94
CA ARG A 411 -37.12 26.77 2.59
C ARG A 411 -36.15 27.77 1.98
N GLY A 412 -35.64 27.50 0.78
CA GLY A 412 -34.71 28.39 0.13
C GLY A 412 -33.26 28.20 0.53
N SER A 413 -32.96 27.23 1.37
CA SER A 413 -31.58 26.95 1.75
C SER A 413 -30.92 26.07 0.71
N ARG A 414 -29.59 26.17 0.64
CA ARG A 414 -28.83 25.40 -0.35
C ARG A 414 -28.92 23.89 -0.11
N TYR A 415 -29.35 23.48 1.07
CA TYR A 415 -29.45 22.07 1.41
C TYR A 415 -30.82 21.48 1.13
N ASP A 416 -31.71 22.24 0.47
CA ASP A 416 -33.09 21.76 0.30
C ASP A 416 -33.14 20.51 -0.58
N GLY A 417 -32.18 20.34 -1.48
CA GLY A 417 -32.17 19.13 -2.30
C GLY A 417 -31.95 17.87 -1.50
N GLN A 418 -31.38 18.00 -0.31
CA GLN A 418 -31.23 16.88 0.61
C GLN A 418 -32.31 16.87 1.69
N ILE A 419 -32.79 18.05 2.07
CA ILE A 419 -33.91 18.14 3.01
C ILE A 419 -35.16 17.50 2.42
N ALA A 420 -35.31 17.57 1.10
CA ALA A 420 -36.46 16.95 0.44
C ALA A 420 -36.43 15.43 0.52
N VAL A 421 -35.32 14.84 0.94
CA VAL A 421 -35.22 13.40 1.13
C VAL A 421 -35.17 13.02 2.60
N PHE A 422 -34.42 13.76 3.41
CA PHE A 422 -34.20 13.38 4.81
C PHE A 422 -34.98 14.21 5.81
N GLY A 423 -35.25 15.47 5.53
CA GLY A 423 -36.00 16.32 6.43
C GLY A 423 -35.11 17.34 7.11
N ALA A 424 -35.78 18.26 7.81
CA ALA A 424 -35.07 19.37 8.46
C ALA A 424 -34.31 18.92 9.70
N GLY A 425 -34.90 18.01 10.48
CA GLY A 425 -34.25 17.58 11.71
C GLY A 425 -32.94 16.87 11.47
N PHE A 426 -32.89 16.01 10.46
CA PHE A 426 -31.65 15.34 10.12
C PHE A 426 -30.61 16.33 9.63
N GLN A 427 -31.04 17.35 8.88
CA GLN A 427 -30.09 18.37 8.44
C GLN A 427 -29.51 19.13 9.62
N GLU A 428 -30.35 19.44 10.62
CA GLU A 428 -29.85 20.07 11.83
C GLU A 428 -28.86 19.17 12.56
N LYS A 429 -29.18 17.87 12.63
CA LYS A 429 -28.27 16.93 13.28
C LYS A 429 -26.93 16.87 12.57
N LEU A 430 -26.94 16.91 11.25
CA LEU A 430 -25.69 17.00 10.49
C LEU A 430 -24.96 18.29 10.80
N ARG A 431 -25.69 19.40 10.89
CA ARG A 431 -25.07 20.69 11.18
C ARG A 431 -24.41 20.71 12.55
N ARG A 432 -24.93 19.93 13.49
CA ARG A 432 -24.42 19.91 14.85
C ARG A 432 -23.16 19.06 15.03
N GLN A 433 -22.80 18.24 14.04
CA GLN A 433 -21.73 17.28 14.22
C GLN A 433 -20.36 17.95 14.21
N HIS A 434 -19.36 17.21 14.67
CA HIS A 434 -17.98 17.69 14.81
C HIS A 434 -17.08 16.50 14.52
N TYR A 435 -16.53 16.44 13.30
CA TYR A 435 -15.82 15.28 12.82
C TYR A 435 -14.31 15.55 12.72
N LEU A 436 -13.60 14.57 12.18
CA LEU A 436 -12.15 14.64 12.03
C LEU A 436 -11.76 13.82 10.81
N LEU A 437 -11.08 14.46 9.86
CA LEU A 437 -10.69 13.82 8.61
C LEU A 437 -9.18 13.63 8.62
N VAL A 438 -8.74 12.42 8.96
CA VAL A 438 -7.32 12.11 9.04
C VAL A 438 -6.82 11.76 7.65
N GLY A 439 -5.97 12.62 7.09
CA GLY A 439 -5.41 12.37 5.78
C GLY A 439 -6.25 12.98 4.67
N ALA A 440 -5.66 13.90 3.91
CA ALA A 440 -6.35 14.61 2.83
C ALA A 440 -5.51 14.50 1.57
N GLY A 441 -5.67 13.40 0.85
CA GLY A 441 -4.97 13.20 -0.41
C GLY A 441 -5.92 13.25 -1.58
N ALA A 442 -6.28 12.09 -2.13
CA ALA A 442 -7.36 12.00 -3.10
C ALA A 442 -8.67 11.62 -2.43
N ILE A 443 -8.68 10.48 -1.72
CA ILE A 443 -9.86 10.09 -0.97
C ILE A 443 -10.19 11.16 0.07
N GLY A 444 -9.16 11.73 0.69
CA GLY A 444 -9.40 12.79 1.66
C GLY A 444 -10.05 14.01 1.04
N CYS A 445 -9.54 14.44 -0.12
CA CYS A 445 -10.10 15.62 -0.77
C CYS A 445 -11.55 15.39 -1.21
N GLU A 446 -11.85 14.22 -1.78
CA GLU A 446 -13.21 14.00 -2.23
C GLU A 446 -14.18 13.74 -1.09
N LEU A 447 -13.72 13.07 -0.03
CA LEU A 447 -14.56 12.96 1.17
C LEU A 447 -14.78 14.31 1.80
N LEU A 448 -13.80 15.21 1.72
CA LEU A 448 -13.99 16.58 2.20
C LEU A 448 -15.03 17.31 1.36
N LYS A 449 -15.01 17.10 0.04
CA LYS A 449 -16.05 17.67 -0.81
C LYS A 449 -17.43 17.15 -0.42
N VAL A 450 -17.53 15.84 -0.17
CA VAL A 450 -18.81 15.27 0.23
C VAL A 450 -19.27 15.85 1.57
N PHE A 451 -18.34 15.99 2.52
CA PHE A 451 -18.69 16.60 3.81
C PHE A 451 -19.16 18.04 3.63
N ALA A 452 -18.51 18.79 2.75
CA ALA A 452 -18.86 20.19 2.55
C ALA A 452 -20.25 20.31 1.90
N LEU A 453 -20.49 19.56 0.84
CA LEU A 453 -21.78 19.65 0.15
C LEU A 453 -22.91 19.13 1.03
N VAL A 454 -22.65 18.06 1.78
CA VAL A 454 -23.69 17.48 2.64
C VAL A 454 -24.12 18.48 3.71
N GLY A 455 -23.15 19.19 4.29
CA GLY A 455 -23.43 20.11 5.37
C GLY A 455 -22.87 19.70 6.72
N LEU A 456 -21.97 18.72 6.77
CA LEU A 456 -21.42 18.23 8.02
C LEU A 456 -20.57 19.32 8.65
N GLY A 457 -21.04 19.88 9.76
CA GLY A 457 -20.29 20.91 10.46
C GLY A 457 -20.47 22.31 9.95
N ALA A 458 -21.35 22.53 8.96
CA ALA A 458 -21.60 23.87 8.45
C ALA A 458 -22.52 24.62 9.41
N GLY A 459 -21.93 25.02 10.54
CA GLY A 459 -22.68 25.74 11.55
C GLY A 459 -21.74 26.27 12.61
N ASN A 460 -22.28 27.14 13.46
CA ASN A 460 -21.49 27.70 14.55
C ASN A 460 -21.10 26.63 15.56
N SER A 461 -22.02 25.71 15.86
CA SER A 461 -21.75 24.66 16.84
C SER A 461 -21.01 23.47 16.25
N GLY A 462 -20.83 23.42 14.94
CA GLY A 462 -20.17 22.30 14.29
C GLY A 462 -18.67 22.46 14.22
N GLY A 463 -18.10 21.98 13.12
CA GLY A 463 -16.68 22.10 12.90
C GLY A 463 -16.17 20.96 12.03
N LEU A 464 -14.86 20.91 11.91
CA LEU A 464 -14.17 19.86 11.17
C LEU A 464 -12.70 19.94 11.54
N THR A 465 -11.90 19.03 10.98
CA THR A 465 -10.48 19.00 11.26
C THR A 465 -9.80 18.13 10.20
N VAL A 466 -8.69 18.62 9.66
CA VAL A 466 -7.92 17.91 8.66
C VAL A 466 -6.51 17.71 9.19
N VAL A 467 -6.02 16.47 9.14
CA VAL A 467 -4.70 16.12 9.62
C VAL A 467 -3.88 15.62 8.43
N ASP A 468 -2.76 16.28 8.16
CA ASP A 468 -1.93 15.92 7.02
C ASP A 468 -0.51 16.43 7.25
N MET A 469 0.46 15.59 6.90
CA MET A 469 1.86 15.93 7.10
C MET A 469 2.62 16.20 5.80
N ASP A 470 2.15 15.68 4.67
CA ASP A 470 2.88 15.82 3.43
C ASP A 470 2.56 17.15 2.74
N HIS A 471 3.40 17.50 1.78
CA HIS A 471 3.22 18.69 0.96
C HIS A 471 2.72 18.30 -0.43
N ILE A 472 2.15 19.28 -1.13
CA ILE A 472 1.58 19.02 -2.44
C ILE A 472 2.69 18.68 -3.43
N GLU A 473 2.51 17.59 -4.16
CA GLU A 473 3.46 17.14 -5.17
C GLU A 473 2.75 17.06 -6.52
N ARG A 474 3.46 17.44 -7.58
CA ARG A 474 2.85 17.58 -8.89
C ARG A 474 2.33 16.24 -9.41
N SER A 475 3.08 15.16 -9.16
CA SER A 475 2.65 13.84 -9.63
C SER A 475 1.31 13.45 -9.01
N ASN A 476 1.13 13.71 -7.72
CA ASN A 476 -0.16 13.47 -7.08
C ASN A 476 -1.15 14.57 -7.42
N LEU A 477 -0.66 15.78 -7.70
CA LEU A 477 -1.54 16.87 -8.11
C LEU A 477 -2.23 16.59 -9.43
N SER A 478 -1.63 15.74 -10.27
CA SER A 478 -2.14 15.54 -11.63
C SER A 478 -3.54 14.94 -11.65
N ARG A 479 -4.02 14.39 -10.54
CA ARG A 479 -5.32 13.73 -10.52
C ARG A 479 -6.33 14.39 -9.59
N GLN A 480 -5.89 14.99 -8.49
CA GLN A 480 -6.82 15.61 -7.55
C GLN A 480 -7.38 16.91 -8.10
N PHE A 481 -8.51 17.34 -7.55
CA PHE A 481 -9.22 18.51 -8.04
C PHE A 481 -9.26 19.67 -7.05
N LEU A 482 -9.21 19.42 -5.74
CA LEU A 482 -9.14 20.51 -4.79
C LEU A 482 -7.80 21.23 -4.84
N PHE A 483 -6.78 20.59 -5.39
CA PHE A 483 -5.45 21.19 -5.51
C PHE A 483 -5.28 21.77 -6.91
N ARG A 484 -4.45 22.83 -6.99
CA ARG A 484 -4.19 23.51 -8.26
C ARG A 484 -2.69 23.53 -8.51
N SER A 485 -2.34 23.94 -9.73
CA SER A 485 -0.94 23.87 -10.16
C SER A 485 -0.04 24.87 -9.44
N GLN A 486 -0.60 25.94 -8.88
CA GLN A 486 0.20 26.95 -8.21
C GLN A 486 0.37 26.70 -6.71
N ASP A 487 -0.16 25.59 -6.20
CA ASP A 487 -0.09 25.28 -4.79
C ASP A 487 1.01 24.29 -4.45
N VAL A 488 1.94 24.04 -5.38
CA VAL A 488 3.00 23.07 -5.15
C VAL A 488 3.91 23.57 -4.03
N GLY A 489 4.13 22.72 -3.03
CA GLY A 489 4.96 23.05 -1.90
C GLY A 489 4.19 23.44 -0.65
N ARG A 490 2.93 23.85 -0.79
CA ARG A 490 2.11 24.17 0.37
C ARG A 490 1.62 22.89 1.03
N PRO A 491 1.34 22.92 2.34
CA PRO A 491 0.81 21.74 3.00
C PRO A 491 -0.54 21.34 2.44
N LYS A 492 -0.77 20.02 2.39
CA LYS A 492 -2.05 19.53 1.87
C LYS A 492 -3.22 19.97 2.73
N ALA A 493 -3.04 19.96 4.06
CA ALA A 493 -4.14 20.27 4.96
C ALA A 493 -4.63 21.70 4.75
N GLU A 494 -3.71 22.66 4.61
CA GLU A 494 -4.10 24.05 4.45
C GLU A 494 -4.92 24.24 3.18
N VAL A 495 -4.45 23.69 2.06
CA VAL A 495 -5.14 23.87 0.79
C VAL A 495 -6.48 23.16 0.79
N ALA A 496 -6.53 21.95 1.37
CA ALA A 496 -7.79 21.23 1.45
C ALA A 496 -8.81 21.98 2.31
N ALA A 497 -8.36 22.55 3.43
CA ALA A 497 -9.26 23.33 4.27
C ALA A 497 -9.75 24.58 3.53
N ALA A 498 -8.86 25.25 2.80
CA ALA A 498 -9.28 26.42 2.04
C ALA A 498 -10.31 26.05 0.98
N ALA A 499 -10.08 24.95 0.28
CA ALA A 499 -11.03 24.51 -0.74
C ALA A 499 -12.38 24.13 -0.12
N ALA A 500 -12.35 23.45 1.03
CA ALA A 500 -13.60 23.08 1.69
C ALA A 500 -14.37 24.32 2.14
N ARG A 501 -13.67 25.31 2.67
CA ARG A 501 -14.35 26.56 3.02
C ARG A 501 -14.87 27.28 1.79
N GLY A 502 -14.19 27.12 0.65
CA GLY A 502 -14.71 27.70 -0.58
C GLY A 502 -15.97 27.02 -1.07
N LEU A 503 -16.04 25.69 -0.95
CA LEU A 503 -17.24 24.99 -1.39
C LEU A 503 -18.45 25.32 -0.52
N ASN A 504 -18.24 25.39 0.79
CA ASN A 504 -19.31 25.73 1.74
C ASN A 504 -18.80 26.81 2.68
N PRO A 505 -19.21 28.05 2.50
CA PRO A 505 -18.68 29.14 3.36
C PRO A 505 -18.98 28.94 4.83
N ASP A 506 -20.12 28.36 5.18
CA ASP A 506 -20.46 28.17 6.59
C ASP A 506 -19.58 27.14 7.27
N LEU A 507 -18.94 26.26 6.51
CA LEU A 507 -18.08 25.24 7.09
C LEU A 507 -16.82 25.89 7.66
N GLN A 508 -16.40 25.43 8.84
CA GLN A 508 -15.18 25.88 9.48
C GLN A 508 -14.24 24.70 9.62
N VAL A 509 -13.13 24.73 8.88
CA VAL A 509 -12.17 23.64 8.81
C VAL A 509 -10.88 24.09 9.49
N ILE A 510 -10.33 23.23 10.34
CA ILE A 510 -9.12 23.55 11.08
C ILE A 510 -7.99 22.65 10.60
N PRO A 511 -7.13 23.12 9.68
CA PRO A 511 -6.07 22.27 9.12
C PRO A 511 -4.92 22.11 10.11
N LEU A 512 -4.58 20.87 10.42
CA LEU A 512 -3.49 20.56 11.34
C LEU A 512 -2.37 19.87 10.57
N THR A 513 -1.15 20.39 10.71
CA THR A 513 -0.02 19.82 9.99
C THR A 513 0.60 18.64 10.73
N TYR A 514 0.44 18.58 12.04
CA TYR A 514 1.03 17.49 12.81
C TYR A 514 0.38 16.17 12.43
N PRO A 515 1.17 15.12 12.18
CA PRO A 515 0.58 13.84 11.76
C PRO A 515 -0.10 13.11 12.90
N LEU A 516 -0.58 11.90 12.65
CA LEU A 516 -1.20 11.07 13.68
C LEU A 516 -0.43 9.74 13.72
N ASP A 517 0.65 9.73 14.49
CA ASP A 517 1.51 8.57 14.67
C ASP A 517 1.82 8.45 16.16
N PRO A 518 2.30 7.28 16.61
CA PRO A 518 2.49 7.09 18.05
C PRO A 518 3.41 8.10 18.71
N THR A 519 4.20 8.84 17.94
CA THR A 519 5.13 9.81 18.51
C THR A 519 4.50 11.18 18.75
N THR A 520 3.23 11.38 18.42
CA THR A 520 2.57 12.67 18.60
C THR A 520 1.35 12.55 19.51
N GLU A 521 1.29 11.53 20.36
CA GLU A 521 0.09 11.30 21.18
C GLU A 521 -0.14 12.43 22.17
N HIS A 522 0.86 13.26 22.45
CA HIS A 522 0.66 14.35 23.40
C HIS A 522 -0.13 15.50 22.80
N ILE A 523 -0.04 15.72 21.49
CA ILE A 523 -0.84 16.75 20.85
C ILE A 523 -2.30 16.31 20.76
N TYR A 524 -2.53 15.09 20.28
CA TYR A 524 -3.87 14.54 20.15
C TYR A 524 -4.19 13.72 21.39
N GLY A 525 -4.35 14.43 22.50
CA GLY A 525 -4.57 13.81 23.79
C GLY A 525 -6.03 13.53 24.06
N ASP A 526 -6.35 13.39 25.35
CA ASP A 526 -7.71 13.04 25.74
C ASP A 526 -8.69 14.16 25.40
N ASN A 527 -8.27 15.41 25.51
CA ASN A 527 -9.17 16.53 25.24
C ASN A 527 -9.52 16.60 23.75
N PHE A 528 -8.51 16.44 22.89
CA PHE A 528 -8.74 16.53 21.45
C PHE A 528 -9.76 15.49 20.99
N PHE A 529 -9.60 14.24 21.44
CA PHE A 529 -10.55 13.20 21.06
C PHE A 529 -11.81 13.22 21.90
N SER A 530 -11.85 13.98 23.00
CA SER A 530 -13.10 14.23 23.67
C SER A 530 -13.95 15.26 22.94
N ARG A 531 -13.31 16.14 22.17
CA ARG A 531 -14.07 17.13 21.42
C ARG A 531 -14.79 16.50 20.23
N VAL A 532 -14.13 15.58 19.51
CA VAL A 532 -14.65 15.09 18.24
C VAL A 532 -15.80 14.11 18.49
N ASP A 533 -16.61 13.90 17.45
CA ASP A 533 -17.70 12.94 17.47
C ASP A 533 -17.52 11.77 16.52
N GLY A 534 -16.58 11.85 15.57
CA GLY A 534 -16.34 10.77 14.65
C GLY A 534 -15.03 11.00 13.93
N VAL A 535 -14.53 9.93 13.31
CA VAL A 535 -13.26 9.95 12.60
C VAL A 535 -13.47 9.35 11.23
N ALA A 536 -12.90 10.00 10.21
CA ALA A 536 -12.92 9.48 8.84
C ALA A 536 -11.48 9.39 8.35
N ALA A 537 -10.98 8.17 8.20
CA ALA A 537 -9.58 7.93 7.90
C ALA A 537 -9.42 7.51 6.45
N ALA A 538 -8.62 8.28 5.70
CA ALA A 538 -8.29 7.97 4.31
C ALA A 538 -6.76 8.01 4.21
N LEU A 539 -6.12 6.89 4.55
CA LEU A 539 -4.68 6.82 4.68
C LEU A 539 -4.09 5.88 3.64
N ASP A 540 -2.82 6.11 3.31
CA ASP A 540 -2.17 5.36 2.25
C ASP A 540 -1.45 4.11 2.73
N SER A 541 -1.32 3.92 4.04
CA SER A 541 -0.58 2.80 4.59
C SER A 541 -1.45 1.97 5.52
N PHE A 542 -0.99 0.75 5.80
CA PHE A 542 -1.70 -0.11 6.73
C PHE A 542 -1.36 0.19 8.18
N GLN A 543 -0.11 0.57 8.46
CA GLN A 543 0.27 0.88 9.84
C GLN A 543 -0.48 2.10 10.35
N ALA A 544 -0.59 3.14 9.53
CA ALA A 544 -1.32 4.33 9.94
C ALA A 544 -2.78 4.01 10.18
N ARG A 545 -3.39 3.20 9.31
CA ARG A 545 -4.79 2.83 9.52
C ARG A 545 -4.96 2.03 10.79
N ARG A 546 -4.04 1.10 11.07
CA ARG A 546 -4.12 0.32 12.31
C ARG A 546 -4.01 1.23 13.53
N TYR A 547 -3.08 2.19 13.49
CA TYR A 547 -2.93 3.11 14.62
C TYR A 547 -4.18 3.96 14.83
N VAL A 548 -4.74 4.49 13.74
CA VAL A 548 -5.93 5.33 13.87
C VAL A 548 -7.11 4.51 14.37
N ALA A 549 -7.25 3.27 13.89
CA ALA A 549 -8.31 2.41 14.37
C ALA A 549 -8.13 2.08 15.85
N ALA A 550 -6.88 1.87 16.28
CA ALA A 550 -6.63 1.62 17.70
C ALA A 550 -7.02 2.82 18.54
N ARG A 551 -6.67 4.03 18.08
CA ARG A 551 -7.06 5.23 18.82
C ARG A 551 -8.57 5.39 18.89
N CYS A 552 -9.26 5.14 17.78
CA CYS A 552 -10.72 5.25 17.78
C CYS A 552 -11.35 4.21 18.69
N THR A 553 -10.84 2.98 18.69
CA THR A 553 -11.36 1.96 19.59
C THR A 553 -11.11 2.34 21.04
N HIS A 554 -9.94 2.90 21.34
CA HIS A 554 -9.64 3.33 22.70
C HIS A 554 -10.58 4.43 23.15
N TYR A 555 -10.88 5.38 22.26
CA TYR A 555 -11.76 6.49 22.61
C TYR A 555 -13.20 6.27 22.22
N LEU A 556 -13.54 5.10 21.66
CA LEU A 556 -14.91 4.76 21.30
C LEU A 556 -15.51 5.79 20.33
N LYS A 557 -14.91 5.86 19.14
CA LYS A 557 -15.37 6.80 18.15
C LYS A 557 -15.72 6.09 16.85
N PRO A 558 -16.81 6.48 16.19
CA PRO A 558 -17.11 5.91 14.87
C PRO A 558 -16.01 6.22 13.87
N LEU A 559 -15.69 5.23 13.04
CA LEU A 559 -14.61 5.35 12.08
C LEU A 559 -15.13 5.05 10.68
N LEU A 560 -14.70 5.87 9.71
CA LEU A 560 -15.05 5.69 8.31
C LEU A 560 -13.75 5.52 7.53
N GLU A 561 -13.45 4.29 7.14
CA GLU A 561 -12.18 3.98 6.49
C GLU A 561 -12.42 3.53 5.06
N ALA A 562 -11.62 4.05 4.14
CA ALA A 562 -11.74 3.71 2.73
C ALA A 562 -10.35 3.43 2.17
N GLY A 563 -10.31 2.67 1.08
CA GLY A 563 -9.07 2.34 0.43
C GLY A 563 -9.25 1.87 -0.99
N THR A 564 -8.46 2.41 -1.92
CA THR A 564 -8.55 2.05 -3.32
C THR A 564 -7.19 1.57 -3.81
N SER A 565 -7.23 0.79 -4.89
CA SER A 565 -6.00 0.34 -5.56
C SER A 565 -6.36 0.05 -7.02
N GLY A 566 -5.90 0.90 -7.93
CA GLY A 566 -6.30 0.78 -9.31
C GLY A 566 -7.78 1.08 -9.47
N THR A 567 -8.53 0.15 -10.04
CA THR A 567 -9.98 0.29 -10.14
C THR A 567 -10.71 -0.37 -8.98
N TRP A 568 -9.98 -0.92 -8.00
CA TRP A 568 -10.60 -1.51 -6.84
C TRP A 568 -11.09 -0.42 -5.88
N GLY A 569 -11.84 -0.83 -4.87
CA GLY A 569 -12.37 0.10 -3.90
C GLY A 569 -12.98 -0.60 -2.71
N SER A 570 -12.99 0.09 -1.56
CA SER A 570 -13.51 -0.51 -0.33
C SER A 570 -13.85 0.61 0.63
N ALA A 571 -15.08 0.63 1.13
CA ALA A 571 -15.52 1.60 2.11
C ALA A 571 -16.19 0.88 3.26
N THR A 572 -15.73 1.15 4.48
CA THR A 572 -16.21 0.44 5.66
C THR A 572 -16.47 1.43 6.78
N VAL A 573 -17.35 1.03 7.71
CA VAL A 573 -17.68 1.81 8.89
C VAL A 573 -17.65 0.90 10.10
N PHE A 574 -16.96 1.33 11.16
CA PHE A 574 -16.80 0.55 12.38
C PHE A 574 -17.37 1.32 13.54
N MET A 575 -18.67 1.20 13.76
CA MET A 575 -19.28 1.82 14.93
C MET A 575 -19.00 1.01 16.19
N PRO A 576 -18.84 1.67 17.33
CA PRO A 576 -18.47 0.95 18.55
C PRO A 576 -19.59 0.02 19.03
N HIS A 577 -19.19 -1.13 19.55
CA HIS A 577 -20.07 -2.10 20.21
C HIS A 577 -21.13 -2.68 19.30
N VAL A 578 -21.12 -2.37 18.00
CA VAL A 578 -22.06 -2.97 17.06
C VAL A 578 -21.38 -3.65 15.87
N THR A 579 -20.14 -3.30 15.54
CA THR A 579 -19.41 -3.94 14.44
C THR A 579 -18.03 -4.33 14.93
N GLU A 580 -17.41 -5.27 14.22
CA GLU A 580 -16.09 -5.72 14.61
C GLU A 580 -15.07 -4.60 14.45
N ALA A 581 -14.09 -4.56 15.35
CA ALA A 581 -13.06 -3.54 15.27
C ALA A 581 -12.17 -3.77 14.06
N TYR A 582 -11.63 -2.68 13.53
CA TYR A 582 -10.75 -2.79 12.37
C TYR A 582 -9.49 -3.55 12.75
N ARG A 583 -9.13 -4.53 11.92
CA ARG A 583 -7.92 -5.32 12.11
C ARG A 583 -7.17 -5.37 10.78
N ALA A 584 -6.12 -4.55 10.67
CA ALA A 584 -5.34 -4.52 9.45
C ALA A 584 -4.60 -5.84 9.27
N PRO A 585 -4.30 -6.22 8.03
CA PRO A 585 -3.48 -7.42 7.80
C PRO A 585 -2.09 -7.21 8.38
N ALA A 586 -1.75 -7.98 9.41
CA ALA A 586 -0.46 -7.82 10.07
C ALA A 586 0.70 -8.12 9.12
N SER A 587 0.50 -9.05 8.19
CA SER A 587 1.55 -9.37 7.23
C SER A 587 1.87 -8.17 6.36
N ALA A 588 0.85 -7.49 5.85
CA ALA A 588 1.08 -6.30 5.02
C ALA A 588 1.64 -5.16 5.85
N ALA A 589 1.19 -5.02 7.09
CA ALA A 589 1.75 -3.98 7.97
C ALA A 589 3.24 -4.21 8.19
N ALA A 590 3.64 -5.47 8.40
CA ALA A 590 5.06 -5.78 8.52
C ALA A 590 5.80 -5.53 7.21
N SER A 591 5.20 -5.90 6.08
CA SER A 591 5.85 -5.71 4.79
C SER A 591 5.94 -4.23 4.40
N GLU A 592 5.19 -3.36 5.07
CA GLU A 592 5.29 -1.92 4.80
C GLU A 592 6.73 -1.44 4.90
N ASP A 593 7.41 -1.78 6.00
CA ASP A 593 8.80 -1.36 6.24
C ASP A 593 9.59 -2.59 6.65
N ALA A 594 10.12 -3.31 5.67
CA ALA A 594 10.93 -4.48 5.91
C ALA A 594 12.14 -4.45 4.98
N PRO A 595 13.31 -4.89 5.45
CA PRO A 595 14.49 -4.89 4.60
C PRO A 595 14.55 -6.13 3.71
N TYR A 596 15.16 -5.95 2.54
CA TYR A 596 15.33 -7.04 1.59
C TYR A 596 16.50 -7.93 1.98
N PRO A 597 16.47 -9.20 1.61
CA PRO A 597 17.57 -10.11 1.99
C PRO A 597 18.86 -9.75 1.27
N VAL A 598 19.98 -10.13 1.88
CA VAL A 598 21.29 -9.81 1.34
C VAL A 598 21.86 -10.90 0.44
N CYS A 599 21.35 -12.14 0.53
CA CYS A 599 21.90 -13.23 -0.26
C CYS A 599 21.73 -12.98 -1.75
N THR A 600 20.55 -12.49 -2.15
CA THR A 600 20.30 -12.20 -3.56
C THR A 600 21.23 -11.12 -4.07
N VAL A 601 21.47 -10.09 -3.26
CA VAL A 601 22.46 -9.07 -3.61
C VAL A 601 23.84 -9.69 -3.73
N ARG A 602 24.20 -10.57 -2.80
CA ARG A 602 25.53 -11.17 -2.77
C ARG A 602 25.81 -12.03 -4.00
N TYR A 603 25.11 -13.16 -4.14
CA TYR A 603 25.46 -14.09 -5.20
C TYR A 603 24.31 -14.43 -6.14
N PHE A 604 23.12 -14.76 -5.62
CA PHE A 604 22.05 -15.34 -6.42
C PHE A 604 20.81 -14.46 -6.38
N PRO A 605 20.68 -13.49 -7.28
CA PRO A 605 19.41 -12.78 -7.44
C PRO A 605 18.40 -13.66 -8.16
N SER A 606 17.41 -14.16 -7.40
CA SER A 606 16.47 -15.12 -7.98
C SER A 606 15.52 -14.45 -8.96
N THR A 607 15.01 -13.27 -8.63
CA THR A 607 14.00 -12.59 -9.43
C THR A 607 14.54 -11.25 -9.91
N ALA A 608 13.76 -10.60 -10.78
CA ALA A 608 14.12 -9.29 -11.29
C ALA A 608 13.90 -8.20 -10.25
N GLU A 609 12.95 -8.39 -9.33
CA GLU A 609 12.78 -7.45 -8.24
C GLU A 609 13.99 -7.48 -7.31
N HIS A 610 14.62 -8.65 -7.15
CA HIS A 610 15.83 -8.74 -6.34
C HIS A 610 16.96 -7.90 -6.93
N THR A 611 17.16 -7.98 -8.25
CA THR A 611 18.20 -7.16 -8.84
C THR A 611 17.79 -5.69 -8.90
N LEU A 612 16.47 -5.42 -8.92
CA LEU A 612 16.01 -4.03 -8.82
C LEU A 612 16.40 -3.42 -7.48
N GLN A 613 16.09 -4.10 -6.38
CA GLN A 613 16.49 -3.59 -5.08
C GLN A 613 18.00 -3.62 -4.90
N TRP A 614 18.69 -4.58 -5.53
CA TRP A 614 20.14 -4.58 -5.53
C TRP A 614 20.69 -3.30 -6.13
N ALA A 615 20.19 -2.93 -7.31
CA ALA A 615 20.64 -1.70 -7.96
C ALA A 615 20.30 -0.48 -7.11
N ARG A 616 19.09 -0.46 -6.55
CA ARG A 616 18.67 0.67 -5.73
C ARG A 616 19.62 0.88 -4.55
N HIS A 617 19.84 -0.17 -3.75
CA HIS A 617 20.67 -0.02 -2.57
C HIS A 617 22.15 0.13 -2.93
N GLU A 618 22.59 -0.46 -4.05
CA GLU A 618 23.97 -0.30 -4.47
C GLU A 618 24.25 1.15 -4.86
N PHE A 619 23.37 1.76 -5.66
CA PHE A 619 23.55 3.16 -5.99
C PHE A 619 23.39 4.04 -4.76
N GLU A 620 22.50 3.68 -3.85
CA GLU A 620 22.34 4.44 -2.62
C GLU A 620 23.63 4.46 -1.81
N GLU A 621 24.20 3.29 -1.56
CA GLU A 621 25.44 3.22 -0.79
C GLU A 621 26.63 3.77 -1.56
N LEU A 622 26.57 3.78 -2.90
CA LEU A 622 27.66 4.34 -3.69
C LEU A 622 27.63 5.86 -3.70
N PHE A 623 26.45 6.46 -3.62
CA PHE A 623 26.33 7.92 -3.72
C PHE A 623 26.01 8.58 -2.39
N ARG A 624 25.02 8.09 -1.64
CA ARG A 624 24.66 8.72 -0.37
C ARG A 624 25.81 8.65 0.63
N LEU A 625 26.45 7.48 0.74
CA LEU A 625 27.56 7.32 1.67
C LEU A 625 28.85 7.91 1.15
N SER A 626 28.93 8.21 -0.16
CA SER A 626 30.14 8.82 -0.71
C SER A 626 30.34 10.23 -0.18
N ALA A 627 29.26 11.02 -0.11
CA ALA A 627 29.40 12.43 0.25
C ALA A 627 29.96 12.59 1.66
N GLU A 628 29.47 11.81 2.62
CA GLU A 628 29.96 11.94 3.99
C GLU A 628 31.42 11.48 4.09
N THR A 629 31.80 10.47 3.32
CA THR A 629 33.18 10.03 3.31
C THR A 629 34.11 10.99 2.57
N ILE A 630 33.57 11.97 1.85
CA ILE A 630 34.42 12.92 1.13
C ILE A 630 34.99 13.96 2.08
N ASN A 631 34.13 14.64 2.82
CA ASN A 631 34.56 15.77 3.63
C ASN A 631 34.32 15.56 5.12
N HIS A 632 33.09 15.27 5.53
CA HIS A 632 32.71 15.35 6.94
C HIS A 632 33.51 14.43 7.85
N HIS A 633 33.36 13.11 7.67
CA HIS A 633 33.99 12.17 8.58
C HIS A 633 35.51 12.20 8.46
N GLN A 634 36.03 12.25 7.23
CA GLN A 634 37.47 12.22 7.03
C GLN A 634 38.13 13.48 7.60
N GLN A 635 37.50 14.63 7.44
CA GLN A 635 38.07 15.88 7.92
C GLN A 635 37.79 16.14 9.40
N ALA A 636 36.82 15.44 9.99
CA ALA A 636 36.43 15.76 11.36
C ALA A 636 37.35 15.10 12.38
N HIS A 637 37.36 13.77 12.45
CA HIS A 637 38.11 13.08 13.49
C HIS A 637 38.84 11.83 13.06
N THR A 638 38.54 11.24 11.90
CA THR A 638 39.08 9.93 11.56
C THR A 638 39.89 10.00 10.28
N SER A 639 40.58 8.89 10.00
CA SER A 639 41.42 8.75 8.82
C SER A 639 41.22 7.34 8.28
N LEU A 640 42.13 6.90 7.41
CA LEU A 640 42.04 5.55 6.85
C LEU A 640 42.20 4.47 7.91
N ALA A 641 42.70 4.82 9.10
CA ALA A 641 42.94 3.88 10.19
C ALA A 641 41.67 3.39 10.87
N ASP A 642 40.49 3.64 10.31
CA ASP A 642 39.23 3.20 10.91
C ASP A 642 39.03 1.72 10.58
N MET A 643 37.81 1.22 10.80
CA MET A 643 37.52 -0.18 10.61
C MET A 643 37.88 -0.64 9.20
N ASP A 644 37.20 -0.09 8.18
CA ASP A 644 37.56 -0.36 6.79
C ASP A 644 37.25 0.90 5.97
N GLU A 645 38.24 1.78 5.86
CA GLU A 645 38.18 2.95 4.99
C GLU A 645 38.61 2.64 3.55
N PRO A 646 39.67 1.86 3.33
CA PRO A 646 40.08 1.59 1.93
C PRO A 646 38.97 0.96 1.09
N GLN A 647 38.17 0.07 1.66
CA GLN A 647 37.07 -0.51 0.88
C GLN A 647 36.02 0.56 0.55
N THR A 648 35.71 1.44 1.51
CA THR A 648 34.73 2.49 1.25
C THR A 648 35.21 3.43 0.16
N LEU A 649 36.51 3.73 0.14
CA LEU A 649 37.03 4.58 -0.92
C LEU A 649 37.14 3.83 -2.25
N THR A 650 37.41 2.53 -2.20
CA THR A 650 37.51 1.75 -3.43
C THR A 650 36.17 1.59 -4.12
N LEU A 651 35.09 1.48 -3.34
CA LEU A 651 33.79 1.28 -3.96
C LEU A 651 33.29 2.51 -4.71
N LEU A 652 33.88 3.69 -4.48
CA LEU A 652 33.40 4.92 -5.10
C LEU A 652 34.43 5.61 -5.98
N LYS A 653 35.68 5.75 -5.51
CA LYS A 653 36.65 6.56 -6.23
C LYS A 653 37.15 5.89 -7.49
N PRO A 654 37.82 4.72 -7.43
CA PRO A 654 38.35 4.13 -8.67
C PRO A 654 37.28 3.76 -9.69
N VAL A 655 36.07 3.38 -9.23
CA VAL A 655 35.03 2.95 -10.16
C VAL A 655 34.56 4.12 -11.02
N LEU A 656 34.62 5.34 -10.50
CA LEU A 656 34.22 6.53 -11.23
C LEU A 656 35.39 7.20 -11.95
N GLY A 657 36.56 6.57 -11.96
CA GLY A 657 37.73 7.14 -12.60
C GLY A 657 38.95 7.16 -11.70
N VAL A 658 40.13 7.14 -12.30
CA VAL A 658 41.36 7.17 -11.50
C VAL A 658 41.45 8.45 -10.69
N LEU A 659 41.16 9.58 -11.34
CA LEU A 659 41.15 10.90 -10.70
C LEU A 659 42.45 11.18 -9.96
N ARG A 660 42.39 11.21 -8.62
CA ARG A 660 43.49 11.47 -7.69
C ARG A 660 43.94 12.92 -7.75
N VAL A 661 43.39 13.74 -8.64
CA VAL A 661 43.70 15.16 -8.74
C VAL A 661 42.40 15.89 -9.06
N ARG A 662 42.44 17.21 -8.94
CA ARG A 662 41.27 18.02 -9.27
C ARG A 662 40.93 17.85 -10.74
N PRO A 663 39.73 17.37 -11.08
CA PRO A 663 39.43 17.07 -12.49
C PRO A 663 39.12 18.32 -13.29
N GLN A 664 40.08 18.72 -14.13
CA GLN A 664 39.86 19.82 -15.06
C GLN A 664 39.10 19.38 -16.30
N ASN A 665 39.00 18.08 -16.55
CA ASN A 665 38.24 17.58 -17.68
C ASN A 665 36.74 17.73 -17.41
N TRP A 666 35.98 17.80 -18.50
CA TRP A 666 34.53 17.90 -18.39
C TRP A 666 33.97 16.66 -17.70
N GLN A 667 33.07 16.87 -16.74
CA GLN A 667 32.47 15.79 -15.99
C GLN A 667 31.34 15.09 -16.75
N ASP A 668 31.24 15.31 -18.05
CA ASP A 668 30.20 14.70 -18.88
C ASP A 668 30.87 14.08 -20.10
N CYS A 669 31.32 12.83 -19.95
CA CYS A 669 31.94 12.09 -21.04
C CYS A 669 31.64 10.61 -20.82
N VAL A 670 32.38 9.75 -21.52
CA VAL A 670 32.16 8.31 -21.46
C VAL A 670 33.37 7.54 -20.95
N ALA A 671 34.50 8.21 -20.71
CA ALA A 671 35.73 7.50 -20.34
C ALA A 671 35.56 6.75 -19.03
N TRP A 672 34.94 7.38 -18.04
CA TRP A 672 34.80 6.76 -16.72
C TRP A 672 33.49 6.00 -16.54
N ALA A 673 32.50 6.23 -17.41
CA ALA A 673 31.23 5.53 -17.28
C ALA A 673 31.38 4.06 -17.63
N LEU A 674 32.04 3.77 -18.75
CA LEU A 674 32.19 2.38 -19.18
C LEU A 674 33.09 1.60 -18.23
N GLY A 675 34.02 2.27 -17.55
CA GLY A 675 34.81 1.58 -16.55
C GLY A 675 33.97 1.05 -15.40
N HIS A 676 33.08 1.90 -14.88
CA HIS A 676 32.16 1.45 -13.85
C HIS A 676 31.16 0.44 -14.40
N TRP A 677 30.79 0.55 -15.68
CA TRP A 677 29.94 -0.45 -16.30
C TRP A 677 30.60 -1.82 -16.28
N LYS A 678 31.84 -1.89 -16.74
CA LYS A 678 32.57 -3.16 -16.77
C LYS A 678 32.81 -3.69 -15.36
N LEU A 679 33.15 -2.81 -14.42
CA LEU A 679 33.36 -3.26 -13.05
C LEU A 679 32.07 -3.73 -12.41
N CYS A 680 30.93 -3.21 -12.86
CA CYS A 680 29.66 -3.56 -12.22
C CYS A 680 29.22 -4.97 -12.57
N PHE A 681 29.33 -5.36 -13.84
CA PHE A 681 28.82 -6.64 -14.30
C PHE A 681 29.92 -7.58 -14.76
N HIS A 682 30.73 -7.17 -15.75
CA HIS A 682 31.73 -8.07 -16.32
C HIS A 682 32.79 -8.45 -15.30
N TYR A 683 33.42 -7.45 -14.67
CA TYR A 683 34.48 -7.73 -13.71
C TYR A 683 33.93 -8.44 -12.48
N GLY A 684 32.75 -8.06 -12.01
CA GLY A 684 32.18 -8.74 -10.85
C GLY A 684 31.87 -10.19 -11.13
N ILE A 685 31.30 -10.49 -12.30
CA ILE A 685 31.01 -11.88 -12.65
C ILE A 685 32.31 -12.67 -12.80
N LYS A 686 33.32 -12.07 -13.43
CA LYS A 686 34.59 -12.76 -13.57
C LYS A 686 35.21 -13.06 -12.21
N GLN A 687 35.15 -12.10 -11.28
CA GLN A 687 35.68 -12.32 -9.95
C GLN A 687 34.89 -13.41 -9.22
N LEU A 688 33.57 -13.43 -9.37
CA LEU A 688 32.76 -14.46 -8.75
C LEU A 688 33.10 -15.84 -9.29
N LEU A 689 33.30 -15.95 -10.61
CA LEU A 689 33.69 -17.23 -11.20
C LEU A 689 35.09 -17.63 -10.77
N ARG A 690 35.98 -16.66 -10.58
CA ARG A 690 37.29 -16.96 -10.02
C ARG A 690 37.17 -17.51 -8.61
N HIS A 691 36.25 -16.96 -7.83
CA HIS A 691 36.05 -17.46 -6.46
C HIS A 691 35.58 -18.90 -6.46
N PHE A 692 34.67 -19.26 -7.36
CA PHE A 692 34.20 -20.63 -7.47
C PHE A 692 33.68 -20.85 -8.88
N PRO A 693 33.90 -22.03 -9.46
CA PRO A 693 33.38 -22.31 -10.80
C PRO A 693 31.86 -22.22 -10.84
N PRO A 694 31.28 -21.74 -11.93
CA PRO A 694 29.81 -21.64 -12.01
C PRO A 694 29.11 -22.99 -11.97
N ASN A 695 29.80 -24.08 -12.31
CA ASN A 695 29.19 -25.39 -12.36
C ASN A 695 29.50 -26.26 -11.15
N LYS A 696 30.52 -25.91 -10.36
CA LYS A 696 30.97 -26.75 -9.27
C LYS A 696 31.11 -25.93 -7.99
N VAL A 697 31.01 -26.62 -6.86
CA VAL A 697 31.29 -26.04 -5.55
C VAL A 697 32.55 -26.70 -5.02
N LEU A 698 33.56 -25.89 -4.70
CA LEU A 698 34.85 -26.43 -4.31
C LEU A 698 34.75 -27.25 -3.03
N GLU A 699 34.02 -26.74 -2.03
CA GLU A 699 33.89 -27.46 -0.77
C GLU A 699 33.08 -28.75 -0.96
N ASP A 700 31.99 -28.67 -1.72
CA ASP A 700 31.13 -29.84 -1.90
C ASP A 700 31.86 -30.97 -2.61
N GLY A 701 32.58 -30.66 -3.67
CA GLY A 701 33.26 -31.68 -4.44
C GLY A 701 32.30 -32.45 -5.33
N THR A 702 31.42 -33.24 -4.72
CA THR A 702 30.39 -33.99 -5.42
C THR A 702 29.04 -33.70 -4.75
N PRO A 703 28.47 -32.52 -5.01
CA PRO A 703 27.20 -32.17 -4.36
C PRO A 703 26.02 -32.94 -4.93
N PHE A 704 24.83 -32.69 -4.38
CA PHE A 704 23.63 -33.34 -4.90
C PHE A 704 23.37 -32.93 -6.34
N TRP A 705 23.52 -31.64 -6.64
CA TRP A 705 23.39 -31.13 -8.01
C TRP A 705 24.48 -30.09 -8.23
N SER A 706 25.33 -30.34 -9.21
CA SER A 706 26.48 -29.47 -9.49
C SER A 706 25.99 -28.22 -10.21
N GLY A 707 26.03 -27.09 -9.51
CA GLY A 707 25.60 -25.83 -10.08
C GLY A 707 24.11 -25.80 -10.39
N PRO A 708 23.28 -25.83 -9.35
CA PRO A 708 21.83 -25.90 -9.55
C PRO A 708 21.25 -24.51 -9.82
N LYS A 709 20.76 -24.30 -11.04
CA LYS A 709 20.04 -23.09 -11.44
C LYS A 709 20.89 -21.82 -11.31
N GLN A 710 22.23 -21.95 -11.35
CA GLN A 710 23.11 -20.80 -11.21
C GLN A 710 24.24 -20.92 -12.22
N CYS A 711 24.20 -20.09 -13.25
CA CYS A 711 25.23 -20.08 -14.30
C CYS A 711 25.36 -18.66 -14.84
N PRO A 712 26.00 -17.76 -14.10
CA PRO A 712 26.22 -16.40 -14.60
C PRO A 712 27.51 -16.30 -15.42
N GLN A 713 27.43 -15.53 -16.50
CA GLN A 713 28.55 -15.36 -17.41
C GLN A 713 28.80 -13.89 -17.65
N PRO A 714 30.04 -13.50 -17.95
CA PRO A 714 30.34 -12.09 -18.18
C PRO A 714 29.54 -11.53 -19.36
N LEU A 715 29.17 -10.26 -19.25
CA LEU A 715 28.36 -9.58 -20.25
C LEU A 715 29.20 -8.49 -20.90
N GLU A 716 29.12 -8.41 -22.23
CA GLU A 716 29.85 -7.41 -23.00
C GLU A 716 28.89 -6.35 -23.52
N PHE A 717 29.28 -5.08 -23.38
CA PHE A 717 28.41 -3.99 -23.76
C PHE A 717 28.31 -3.86 -25.27
N ASP A 718 27.11 -3.56 -25.75
CA ASP A 718 26.85 -3.29 -27.16
C ASP A 718 26.41 -1.85 -27.30
N THR A 719 27.12 -1.08 -28.13
CA THR A 719 26.80 0.33 -28.30
C THR A 719 25.42 0.50 -28.95
N ASN A 720 25.09 -0.38 -29.90
CA ASN A 720 23.81 -0.26 -30.60
C ASN A 720 22.63 -0.50 -29.66
N GLN A 721 22.82 -1.31 -28.61
CA GLN A 721 21.72 -1.62 -27.71
C GLN A 721 21.32 -0.39 -26.91
N ASP A 722 20.00 -0.21 -26.75
CA ASP A 722 19.48 0.97 -26.08
C ASP A 722 19.66 0.92 -24.56
N THR A 723 19.61 -0.27 -23.97
CA THR A 723 19.74 -0.37 -22.52
C THR A 723 21.12 0.10 -22.06
N HIS A 724 22.17 -0.31 -22.76
CA HIS A 724 23.53 0.05 -22.38
C HIS A 724 23.74 1.56 -22.50
N LEU A 725 23.33 2.14 -23.63
CA LEU A 725 23.51 3.58 -23.82
C LEU A 725 22.66 4.37 -22.83
N LEU A 726 21.45 3.89 -22.52
CA LEU A 726 20.63 4.57 -21.52
C LEU A 726 21.29 4.51 -20.15
N TYR A 727 21.88 3.37 -19.80
CA TYR A 727 22.57 3.26 -18.53
C TYR A 727 23.76 4.22 -18.47
N VAL A 728 24.53 4.28 -19.55
CA VAL A 728 25.67 5.20 -19.58
C VAL A 728 25.19 6.65 -19.47
N LEU A 729 24.12 6.98 -20.18
CA LEU A 729 23.56 8.32 -20.13
C LEU A 729 23.13 8.70 -18.72
N ALA A 730 22.40 7.80 -18.06
CA ALA A 730 21.93 8.05 -16.71
C ALA A 730 23.10 8.19 -15.74
N ALA A 731 24.09 7.31 -15.85
CA ALA A 731 25.24 7.38 -14.95
C ALA A 731 26.01 8.68 -15.14
N ALA A 732 26.25 9.08 -16.38
CA ALA A 732 26.97 10.33 -16.63
C ALA A 732 26.19 11.53 -16.12
N ASN A 733 24.89 11.57 -16.39
CA ASN A 733 24.08 12.69 -15.93
C ASN A 733 24.05 12.77 -14.41
N LEU A 734 23.86 11.63 -13.74
CA LEU A 734 23.83 11.63 -12.28
C LEU A 734 25.18 12.03 -11.68
N TYR A 735 26.27 11.54 -12.27
CA TYR A 735 27.59 11.92 -11.78
C TYR A 735 27.83 13.41 -11.94
N ALA A 736 27.44 13.97 -13.09
CA ALA A 736 27.61 15.40 -13.30
C ALA A 736 26.76 16.21 -12.33
N GLN A 737 25.53 15.75 -12.08
CA GLN A 737 24.65 16.46 -11.16
C GLN A 737 25.22 16.44 -9.74
N MET A 738 25.69 15.30 -9.28
CA MET A 738 26.18 15.20 -7.92
C MET A 738 27.55 15.84 -7.73
N HIS A 739 28.37 15.87 -8.78
CA HIS A 739 29.70 16.46 -8.67
C HIS A 739 29.67 17.99 -8.70
N GLY A 740 28.59 18.59 -9.17
CA GLY A 740 28.44 20.03 -9.21
C GLY A 740 28.66 20.66 -10.56
N LEU A 741 29.30 19.96 -11.49
CA LEU A 741 29.48 20.49 -12.83
C LEU A 741 28.14 20.47 -13.58
N PRO A 742 27.84 21.50 -14.37
CA PRO A 742 26.59 21.49 -15.15
C PRO A 742 26.57 20.36 -16.16
N GLY A 743 25.68 19.39 -15.95
CA GLY A 743 25.59 18.23 -16.83
C GLY A 743 24.55 18.45 -17.92
N SER A 744 24.93 18.06 -19.14
CA SER A 744 24.05 18.16 -20.30
C SER A 744 23.50 16.78 -20.64
N GLN A 745 22.24 16.74 -21.06
CA GLN A 745 21.62 15.48 -21.43
C GLN A 745 22.26 14.96 -22.71
N ASP A 746 22.78 13.72 -22.66
CA ASP A 746 23.53 13.16 -23.77
C ASP A 746 22.66 12.76 -24.94
N TRP A 747 21.34 12.70 -24.77
CA TRP A 747 20.47 12.09 -25.77
C TRP A 747 20.50 12.82 -27.11
N THR A 748 21.03 14.04 -27.16
CA THR A 748 21.11 14.80 -28.40
C THR A 748 22.48 14.69 -29.06
N ALA A 749 23.56 14.97 -28.33
CA ALA A 749 24.89 14.99 -28.90
C ALA A 749 25.88 14.06 -28.22
N LEU A 750 25.87 13.99 -26.89
CA LEU A 750 26.86 13.17 -26.21
C LEU A 750 26.57 11.68 -26.30
N ARG A 751 25.32 11.28 -26.59
CA ARG A 751 25.06 9.88 -26.91
C ARG A 751 25.78 9.49 -28.20
N GLU A 752 25.75 10.36 -29.20
CA GLU A 752 26.54 10.09 -30.41
C GLU A 752 28.03 10.20 -30.14
N LEU A 753 28.42 11.09 -29.21
CA LEU A 753 29.83 11.21 -28.84
C LEU A 753 30.35 9.92 -28.24
N LEU A 754 29.57 9.28 -27.36
CA LEU A 754 29.94 7.97 -26.86
C LEU A 754 29.84 6.91 -27.95
N LYS A 755 28.89 7.07 -28.88
CA LYS A 755 28.87 6.23 -30.07
C LYS A 755 30.05 6.54 -30.99
N LEU A 756 30.57 7.78 -30.92
CA LEU A 756 31.71 8.15 -31.75
C LEU A 756 32.95 7.34 -31.39
N LEU A 757 33.16 7.08 -30.11
CA LEU A 757 34.29 6.28 -29.65
C LEU A 757 33.82 4.86 -29.40
N PRO A 758 34.03 3.92 -30.32
CA PRO A 758 33.49 2.56 -30.13
C PRO A 758 34.37 1.67 -29.27
N GLN A 759 35.68 1.92 -29.26
CA GLN A 759 36.65 1.06 -28.58
C GLN A 759 37.55 1.89 -27.67
N PRO A 760 37.03 2.34 -26.52
CA PRO A 760 37.90 3.03 -25.55
C PRO A 760 38.58 2.06 -24.59
N ASP A 761 38.00 0.87 -24.44
CA ASP A 761 38.49 -0.13 -23.51
C ASP A 761 39.79 -0.83 -23.93
N PRO A 762 40.02 -1.13 -25.22
CA PRO A 762 41.25 -1.88 -25.57
C PRO A 762 42.53 -1.19 -25.15
N GLN A 763 42.58 0.14 -25.19
CA GLN A 763 43.79 0.85 -24.79
C GLN A 763 43.93 0.94 -23.26
N GLN A 764 42.85 0.71 -22.52
CA GLN A 764 42.84 0.86 -21.07
C GLN A 764 42.27 -0.39 -20.40
N MET A 765 42.78 -1.55 -20.78
CA MET A 765 42.27 -2.81 -20.22
C MET A 765 42.88 -3.09 -18.84
N ALA A 766 44.20 -3.22 -18.79
CA ALA A 766 44.90 -3.63 -17.57
C ALA A 766 45.01 -2.53 -16.51
N PRO A 767 45.48 -1.33 -16.84
CA PRO A 767 45.74 -0.34 -15.77
C PRO A 767 44.52 0.09 -14.98
N ILE A 768 43.31 -0.06 -15.54
CA ILE A 768 42.13 0.48 -14.88
C ILE A 768 41.68 -0.37 -13.69
N PHE A 769 42.18 -1.61 -13.57
CA PHE A 769 41.68 -2.50 -12.53
C PHE A 769 42.08 -2.01 -11.14
N ALA A 770 43.38 -1.94 -10.87
CA ALA A 770 43.85 -1.52 -9.55
C ALA A 770 45.29 -1.06 -9.69
N SER A 771 45.54 0.21 -9.35
CA SER A 771 46.87 0.82 -9.44
C SER A 771 47.46 0.64 -10.83
N ASN A 772 48.65 0.05 -10.91
CA ASN A 772 49.33 -0.16 -12.18
C ASN A 772 49.82 -1.58 -12.41
N LEU A 773 50.09 -2.36 -11.37
CA LEU A 773 50.64 -3.70 -11.52
C LEU A 773 49.92 -4.69 -10.60
N GLU A 774 48.58 -4.62 -10.58
CA GLU A 774 47.76 -5.53 -9.78
C GLU A 774 46.72 -6.16 -10.70
N LEU A 775 47.09 -7.28 -11.33
CA LEU A 775 46.13 -8.00 -12.18
C LEU A 775 44.99 -8.56 -11.35
N ALA A 776 45.29 -9.11 -10.17
CA ALA A 776 44.28 -9.68 -9.30
C ALA A 776 44.36 -9.17 -7.86
N SER A 777 45.46 -8.54 -7.46
CA SER A 777 45.69 -7.95 -6.14
C SER A 777 45.78 -8.99 -5.03
N ALA A 778 45.63 -10.29 -5.35
CA ALA A 778 45.72 -11.37 -4.36
C ALA A 778 44.84 -11.11 -3.15
N SER A 779 45.44 -11.07 -1.97
CA SER A 779 44.74 -10.83 -0.72
C SER A 779 45.51 -9.78 0.08
N ALA A 780 45.00 -8.55 0.07
CA ALA A 780 45.59 -7.44 0.82
C ALA A 780 47.06 -7.22 0.45
N GLU A 781 47.35 -7.32 -0.84
CA GLU A 781 48.69 -7.07 -1.35
C GLU A 781 48.89 -5.63 -1.82
N PHE A 782 47.91 -4.76 -1.58
CA PHE A 782 48.03 -3.38 -2.03
C PHE A 782 49.19 -2.67 -1.34
N GLY A 783 49.36 -2.88 -0.04
CA GLY A 783 50.50 -2.34 0.67
C GLY A 783 50.36 -0.86 1.00
N PRO A 784 51.39 -0.29 1.62
CA PRO A 784 51.31 1.12 2.02
C PRO A 784 51.13 2.09 0.86
N GLU A 785 51.66 1.75 -0.33
CA GLU A 785 51.59 2.69 -1.45
C GLU A 785 50.15 2.97 -1.85
N GLN A 786 49.33 1.93 -1.97
CA GLN A 786 47.92 2.13 -2.29
C GLN A 786 47.17 2.77 -1.14
N GLN A 787 47.52 2.41 0.10
CA GLN A 787 46.91 3.06 1.26
C GLN A 787 47.23 4.55 1.29
N LYS A 788 48.49 4.91 1.03
CA LYS A 788 48.87 6.32 1.01
C LYS A 788 48.21 7.04 -0.16
N GLU A 789 48.05 6.35 -1.31
CA GLU A 789 47.35 6.94 -2.44
C GLU A 789 45.89 7.24 -2.08
N LEU A 790 45.24 6.29 -1.40
CA LEU A 790 43.86 6.50 -0.96
C LEU A 790 43.78 7.66 0.03
N ASN A 791 44.74 7.75 0.94
CA ASN A 791 44.77 8.87 1.88
C ASN A 791 44.94 10.20 1.16
N LYS A 792 45.81 10.24 0.15
CA LYS A 792 46.00 11.45 -0.64
C LYS A 792 44.71 11.82 -1.37
N ALA A 793 44.02 10.83 -1.93
CA ALA A 793 42.75 11.11 -2.59
C ALA A 793 41.72 11.65 -1.62
N LEU A 794 41.68 11.09 -0.40
CA LEU A 794 40.76 11.59 0.62
C LEU A 794 41.10 13.03 1.00
N GLU A 795 42.38 13.35 1.14
CA GLU A 795 42.77 14.72 1.46
C GLU A 795 42.41 15.68 0.33
N VAL A 796 42.61 15.25 -0.92
CA VAL A 796 42.24 16.08 -2.06
C VAL A 796 40.74 16.34 -2.08
N TRP A 797 39.94 15.30 -1.82
CA TRP A 797 38.50 15.47 -1.80
C TRP A 797 38.06 16.35 -0.65
N SER A 798 38.73 16.26 0.50
CA SER A 798 38.36 17.07 1.65
C SER A 798 38.54 18.56 1.36
N VAL A 799 39.64 18.94 0.72
CA VAL A 799 39.85 20.34 0.34
C VAL A 799 39.09 20.71 -0.93
N GLY A 800 38.65 19.72 -1.71
CA GLY A 800 37.85 19.98 -2.88
C GLY A 800 36.40 20.24 -2.53
N PRO A 801 35.62 20.54 -3.56
CA PRO A 801 34.19 20.80 -3.35
C PRO A 801 33.50 19.60 -2.74
N PRO A 802 32.62 19.80 -1.77
CA PRO A 802 31.90 18.67 -1.16
C PRO A 802 30.76 18.20 -2.05
N LEU A 803 30.72 16.90 -2.32
CA LEU A 803 29.66 16.33 -3.13
C LEU A 803 28.34 16.39 -2.37
N LYS A 804 27.26 16.70 -3.10
CA LYS A 804 25.94 16.80 -2.49
C LYS A 804 25.18 15.51 -2.71
N PRO A 805 24.78 14.80 -1.66
CA PRO A 805 24.00 13.58 -1.85
C PRO A 805 22.59 13.90 -2.33
N LEU A 806 22.11 13.10 -3.28
CA LEU A 806 20.81 13.31 -3.90
C LEU A 806 19.89 12.15 -3.57
N MET A 807 18.65 12.47 -3.20
CA MET A 807 17.65 11.47 -2.86
C MET A 807 16.80 11.11 -4.07
N PHE A 808 16.03 10.04 -3.94
CA PHE A 808 15.17 9.57 -5.01
C PHE A 808 13.98 10.50 -5.18
N GLU A 809 13.94 11.24 -6.29
CA GLU A 809 12.84 12.16 -6.58
C GLU A 809 12.20 11.73 -7.89
N LYS A 810 10.97 11.20 -7.81
CA LYS A 810 10.26 10.79 -9.01
C LYS A 810 9.80 11.99 -9.82
N ASP A 811 9.42 13.07 -9.15
CA ASP A 811 8.90 14.25 -9.85
C ASP A 811 9.98 14.89 -10.72
N ASP A 812 11.19 15.03 -10.20
CA ASP A 812 12.29 15.61 -10.97
C ASP A 812 12.85 14.55 -11.91
N ASP A 813 12.59 14.71 -13.20
CA ASP A 813 13.07 13.76 -14.20
C ASP A 813 14.51 14.01 -14.62
N SER A 814 15.09 15.15 -14.23
CA SER A 814 16.46 15.46 -14.64
C SER A 814 17.50 14.66 -13.86
N ASN A 815 17.17 14.24 -12.64
CA ASN A 815 18.16 13.54 -11.82
C ASN A 815 18.54 12.18 -12.39
N PHE A 816 17.63 11.56 -13.15
CA PHE A 816 17.86 10.25 -13.76
C PHE A 816 18.16 9.20 -12.69
N HIS A 817 17.18 8.99 -11.81
CA HIS A 817 17.26 7.97 -10.77
C HIS A 817 16.49 6.70 -11.14
N VAL A 818 15.20 6.84 -11.45
CA VAL A 818 14.38 5.68 -11.78
C VAL A 818 14.91 4.98 -13.03
N ASP A 819 15.23 5.76 -14.06
CA ASP A 819 15.78 5.17 -15.27
C ASP A 819 17.13 4.49 -15.00
N PHE A 820 17.97 5.12 -14.18
CA PHE A 820 19.27 4.54 -13.87
C PHE A 820 19.12 3.20 -13.15
N VAL A 821 18.26 3.15 -12.13
CA VAL A 821 18.11 1.90 -11.37
C VAL A 821 17.45 0.83 -12.23
N VAL A 822 16.48 1.22 -13.07
CA VAL A 822 15.85 0.25 -13.96
C VAL A 822 16.86 -0.31 -14.96
N ALA A 823 17.70 0.56 -15.51
CA ALA A 823 18.73 0.11 -16.46
C ALA A 823 19.71 -0.85 -15.79
N ALA A 824 20.17 -0.50 -14.59
CA ALA A 824 21.10 -1.38 -13.88
C ALA A 824 20.44 -2.73 -13.56
N ALA A 825 19.19 -2.71 -13.11
CA ALA A 825 18.49 -3.95 -12.81
C ALA A 825 18.32 -4.82 -14.04
N SER A 826 17.93 -4.20 -15.16
CA SER A 826 17.79 -4.96 -16.40
C SER A 826 19.11 -5.55 -16.86
N LEU A 827 20.19 -4.76 -16.76
CA LEU A 827 21.50 -5.27 -17.18
C LEU A 827 21.91 -6.46 -16.33
N ARG A 828 21.76 -6.36 -15.01
CA ARG A 828 22.21 -7.46 -14.16
C ARG A 828 21.28 -8.68 -14.28
N CYS A 829 19.98 -8.45 -14.49
CA CYS A 829 19.07 -9.58 -14.65
C CYS A 829 19.34 -10.33 -15.94
N GLN A 830 19.60 -9.61 -17.04
CA GLN A 830 20.00 -10.27 -18.27
C GLN A 830 21.36 -10.93 -18.11
N ASN A 831 22.24 -10.34 -17.28
CA ASN A 831 23.53 -10.95 -16.98
C ASN A 831 23.36 -12.29 -16.29
N TYR A 832 22.41 -12.37 -15.35
CA TYR A 832 22.12 -13.62 -14.66
C TYR A 832 21.08 -14.48 -15.35
N GLY A 833 20.56 -14.04 -16.50
CA GLY A 833 19.51 -14.77 -17.18
C GLY A 833 18.12 -14.54 -16.64
N ILE A 834 17.97 -13.69 -15.63
CA ILE A 834 16.66 -13.36 -15.07
C ILE A 834 15.84 -12.60 -16.12
N PRO A 835 14.55 -12.84 -16.24
CA PRO A 835 13.76 -12.09 -17.22
C PRO A 835 13.77 -10.61 -16.90
N PRO A 836 13.71 -9.76 -17.92
CA PRO A 836 13.80 -8.32 -17.70
C PRO A 836 12.65 -7.80 -16.84
N VAL A 837 12.93 -6.72 -16.10
CA VAL A 837 11.90 -6.10 -15.27
C VAL A 837 10.77 -5.59 -16.15
N ASN A 838 9.55 -5.78 -15.69
CA ASN A 838 8.37 -5.23 -16.35
C ASN A 838 7.85 -4.03 -15.58
N ARG A 839 6.94 -3.29 -16.21
CA ARG A 839 6.37 -2.11 -15.57
C ARG A 839 5.53 -2.49 -14.35
N ALA A 840 4.99 -3.71 -14.32
CA ALA A 840 4.15 -4.12 -13.20
C ALA A 840 4.95 -4.20 -11.90
N GLN A 841 6.18 -4.71 -11.96
CA GLN A 841 7.01 -4.76 -10.76
C GLN A 841 7.36 -3.35 -10.27
N SER A 842 7.63 -2.44 -11.20
CA SER A 842 7.89 -1.05 -10.81
C SER A 842 6.67 -0.43 -10.14
N LYS A 843 5.47 -0.73 -10.65
CA LYS A 843 4.25 -0.23 -10.01
C LYS A 843 4.07 -0.84 -8.62
N ARG A 844 4.35 -2.13 -8.47
CA ARG A 844 4.22 -2.78 -7.17
C ARG A 844 5.24 -2.24 -6.18
N ILE A 845 6.40 -1.78 -6.67
CA ILE A 845 7.35 -1.10 -5.80
C ILE A 845 6.67 0.13 -5.18
N VAL A 846 6.94 0.36 -3.89
CA VAL A 846 6.32 1.47 -3.19
C VAL A 846 6.71 2.79 -3.86
N GLY A 847 7.98 2.95 -4.20
CA GLY A 847 8.39 4.10 -4.99
C GLY A 847 7.86 4.02 -6.41
N GLN A 848 7.80 5.19 -7.05
CA GLN A 848 7.24 5.31 -8.40
C GLN A 848 5.81 4.80 -8.46
N ILE A 849 5.02 5.14 -7.45
CA ILE A 849 3.63 4.69 -7.36
C ILE A 849 2.75 5.62 -8.20
N ILE A 850 1.69 5.05 -8.77
CA ILE A 850 0.77 5.80 -9.62
C ILE A 850 -0.30 6.45 -8.76
N PRO A 851 -0.85 7.60 -9.17
CA PRO A 851 -2.01 8.15 -8.47
C PRO A 851 -3.23 7.25 -8.65
N ALA A 852 -4.09 7.27 -7.64
CA ALA A 852 -5.33 6.51 -7.72
C ALA A 852 -6.26 7.11 -8.77
N ILE A 853 -7.04 6.25 -9.42
CA ILE A 853 -7.97 6.70 -10.44
C ILE A 853 -9.05 7.55 -9.80
N ALA A 854 -9.47 8.60 -10.51
CA ALA A 854 -10.48 9.50 -9.96
C ALA A 854 -11.81 8.79 -9.76
N THR A 855 -12.16 7.86 -10.66
CA THR A 855 -13.47 7.21 -10.59
C THR A 855 -13.63 6.40 -9.31
N THR A 856 -12.67 5.52 -9.03
CA THR A 856 -12.80 4.68 -7.83
C THR A 856 -12.72 5.52 -6.56
N THR A 857 -11.93 6.59 -6.58
CA THR A 857 -11.88 7.49 -5.44
C THR A 857 -13.24 8.14 -5.19
N ALA A 858 -13.91 8.58 -6.27
CA ALA A 858 -15.24 9.15 -6.11
C ALA A 858 -16.22 8.10 -5.59
N ALA A 859 -16.11 6.87 -6.08
CA ALA A 859 -17.02 5.82 -5.63
C ALA A 859 -16.88 5.55 -4.14
N VAL A 860 -15.64 5.39 -3.67
CA VAL A 860 -15.43 5.11 -2.25
C VAL A 860 -15.84 6.32 -1.41
N ALA A 861 -15.62 7.54 -1.92
CA ALA A 861 -16.06 8.72 -1.19
C ALA A 861 -17.58 8.77 -1.06
N GLY A 862 -18.30 8.41 -2.12
CA GLY A 862 -19.76 8.39 -2.03
C GLY A 862 -20.27 7.33 -1.07
N LEU A 863 -19.64 6.15 -1.08
CA LEU A 863 -20.04 5.12 -0.13
C LEU A 863 -19.77 5.56 1.30
N LEU A 864 -18.63 6.22 1.54
CA LEU A 864 -18.36 6.75 2.86
C LEU A 864 -19.36 7.83 3.25
N GLY A 865 -19.82 8.63 2.28
CA GLY A 865 -20.86 9.60 2.58
C GLY A 865 -22.15 8.94 3.03
N LEU A 866 -22.52 7.84 2.37
CA LEU A 866 -23.70 7.10 2.82
C LEU A 866 -23.52 6.56 4.23
N GLU A 867 -22.34 6.02 4.53
CA GLU A 867 -22.07 5.55 5.88
C GLU A 867 -22.15 6.69 6.88
N LEU A 868 -21.71 7.88 6.48
CA LEU A 868 -21.80 9.05 7.34
C LEU A 868 -23.26 9.40 7.62
N TYR A 869 -24.11 9.32 6.59
CA TYR A 869 -25.54 9.52 6.80
C TYR A 869 -26.06 8.55 7.87
N LYS A 870 -25.71 7.28 7.73
CA LYS A 870 -26.20 6.30 8.69
C LYS A 870 -25.66 6.55 10.09
N VAL A 871 -24.40 6.96 10.20
CA VAL A 871 -23.80 7.22 11.51
C VAL A 871 -24.47 8.42 12.18
N VAL A 872 -24.60 9.53 11.45
CA VAL A 872 -25.19 10.74 12.01
C VAL A 872 -26.67 10.52 12.30
N SER A 873 -27.32 9.56 11.62
CA SER A 873 -28.73 9.29 11.88
C SER A 873 -28.98 8.94 13.34
N GLY A 874 -27.98 8.42 14.04
CA GLY A 874 -28.09 8.17 15.45
C GLY A 874 -27.88 6.71 15.81
N PRO A 875 -28.59 6.24 16.84
CA PRO A 875 -28.49 4.83 17.24
C PRO A 875 -29.04 3.93 16.14
N ARG A 876 -28.20 3.04 15.62
CA ARG A 876 -28.58 2.15 14.54
C ARG A 876 -28.23 0.72 14.91
N PRO A 877 -29.06 -0.24 14.51
CA PRO A 877 -28.68 -1.65 14.65
C PRO A 877 -27.54 -2.00 13.71
N ARG A 878 -26.89 -3.13 13.98
CA ARG A 878 -25.80 -3.57 13.12
C ARG A 878 -26.27 -3.82 11.69
N SER A 879 -27.51 -4.26 11.53
CA SER A 879 -28.01 -4.58 10.19
C SER A 879 -28.15 -3.35 9.31
N ALA A 880 -28.16 -2.15 9.89
CA ALA A 880 -28.27 -0.93 9.08
C ALA A 880 -26.97 -0.61 8.36
N PHE A 881 -25.83 -0.81 9.01
CA PHE A 881 -24.55 -0.43 8.43
C PHE A 881 -24.14 -1.43 7.34
N ARG A 882 -23.36 -0.93 6.38
CA ARG A 882 -22.92 -1.73 5.26
C ARG A 882 -21.46 -1.45 4.96
N HIS A 883 -20.69 -2.52 4.76
CA HIS A 883 -19.33 -2.42 4.25
C HIS A 883 -19.34 -2.74 2.77
N SER A 884 -18.77 -1.86 1.96
CA SER A 884 -18.84 -1.98 0.51
C SER A 884 -17.48 -2.34 -0.08
N TYR A 885 -17.53 -3.05 -1.20
CA TYR A 885 -16.34 -3.42 -1.94
C TYR A 885 -16.70 -3.44 -3.42
N LEU A 886 -15.86 -2.85 -4.26
CA LEU A 886 -16.20 -2.69 -5.66
C LEU A 886 -15.00 -2.92 -6.55
N HIS A 887 -15.29 -3.23 -7.81
CA HIS A 887 -14.27 -3.43 -8.85
C HIS A 887 -14.86 -2.89 -10.14
N LEU A 888 -14.49 -1.66 -10.50
CA LEU A 888 -15.13 -0.98 -11.62
C LEU A 888 -14.77 -1.61 -12.96
N ALA A 889 -13.57 -2.18 -13.07
CA ALA A 889 -13.18 -2.81 -14.33
C ALA A 889 -14.08 -4.00 -14.65
N GLU A 890 -14.43 -4.78 -13.63
CA GLU A 890 -15.31 -5.93 -13.78
C GLU A 890 -16.76 -5.61 -13.43
N ASN A 891 -17.07 -4.34 -13.19
CA ASN A 891 -18.39 -3.89 -12.71
C ASN A 891 -18.96 -4.85 -11.67
N TYR A 892 -18.15 -5.13 -10.66
CA TYR A 892 -18.50 -6.01 -9.56
C TYR A 892 -18.60 -5.14 -8.30
N LEU A 893 -19.82 -4.96 -7.80
CA LEU A 893 -20.08 -4.13 -6.64
C LEU A 893 -20.89 -4.92 -5.62
N ILE A 894 -20.47 -4.88 -4.36
CA ILE A 894 -21.19 -5.54 -3.28
C ILE A 894 -21.36 -4.54 -2.14
N ARG A 895 -22.43 -4.74 -1.37
CA ARG A 895 -22.71 -3.95 -0.18
C ARG A 895 -23.35 -4.88 0.84
N TYR A 896 -22.54 -5.37 1.78
CA TYR A 896 -22.97 -6.36 2.75
C TYR A 896 -22.91 -5.76 4.15
N MET A 897 -23.82 -6.18 5.02
CA MET A 897 -23.76 -5.75 6.40
C MET A 897 -22.58 -6.44 7.10
N PRO A 898 -21.94 -5.77 8.06
CA PRO A 898 -20.74 -6.34 8.67
C PRO A 898 -21.09 -7.37 9.73
N PHE A 899 -20.05 -8.12 10.13
CA PHE A 899 -20.22 -9.19 11.11
C PHE A 899 -20.49 -8.61 12.49
N ALA A 900 -21.11 -9.43 13.33
CA ALA A 900 -21.25 -9.09 14.73
C ALA A 900 -19.88 -9.06 15.39
N PRO A 901 -19.70 -8.24 16.43
CA PRO A 901 -18.39 -8.19 17.09
C PRO A 901 -18.01 -9.55 17.67
N ALA A 902 -16.74 -9.89 17.55
CA ALA A 902 -16.27 -11.18 18.03
C ALA A 902 -16.34 -11.24 19.55
N ILE A 903 -16.94 -12.30 20.06
CA ILE A 903 -17.07 -12.50 21.51
C ILE A 903 -16.18 -13.68 21.88
N GLN A 904 -15.13 -13.40 22.64
CA GLN A 904 -14.21 -14.42 23.13
C GLN A 904 -14.21 -14.38 24.65
N THR A 905 -14.29 -15.55 25.28
CA THR A 905 -14.46 -15.63 26.72
C THR A 905 -13.41 -16.53 27.34
N PHE A 906 -13.08 -16.23 28.59
CA PHE A 906 -12.12 -17.00 29.38
C PHE A 906 -12.71 -17.20 30.76
N HIS A 907 -12.98 -18.44 31.12
CA HIS A 907 -13.65 -18.80 32.38
C HIS A 907 -14.99 -18.06 32.41
N HIS A 908 -15.38 -17.48 33.55
CA HIS A 908 -16.65 -16.77 33.61
C HIS A 908 -16.60 -15.42 32.92
N LEU A 909 -15.42 -14.85 32.73
CA LEU A 909 -15.31 -13.55 32.09
C LEU A 909 -15.66 -13.65 30.61
N LYS A 910 -16.40 -12.66 30.12
CA LYS A 910 -16.74 -12.56 28.70
C LYS A 910 -16.51 -11.13 28.25
N TRP A 911 -15.76 -10.94 27.18
CA TRP A 911 -15.44 -9.60 26.70
C TRP A 911 -15.45 -9.58 25.18
N THR A 912 -15.65 -8.39 24.63
CA THR A 912 -15.66 -8.15 23.21
C THR A 912 -14.33 -7.52 22.80
N SER A 913 -14.23 -7.09 21.55
CA SER A 913 -13.04 -6.38 21.09
C SER A 913 -13.07 -4.89 21.42
N TRP A 914 -14.18 -4.39 21.96
CA TRP A 914 -14.33 -2.98 22.29
C TRP A 914 -14.22 -2.68 23.77
N ASP A 915 -14.80 -3.52 24.62
CA ASP A 915 -14.90 -3.21 26.04
C ASP A 915 -13.53 -3.26 26.72
N ARG A 916 -13.45 -2.64 27.88
CA ARG A 916 -12.22 -2.48 28.62
C ARG A 916 -12.50 -2.58 30.11
N LEU A 917 -11.47 -2.95 30.87
CA LEU A 917 -11.58 -3.05 32.32
C LEU A 917 -11.30 -1.71 32.97
N LYS A 918 -12.13 -1.34 33.93
CA LYS A 918 -12.02 -0.08 34.64
C LYS A 918 -11.71 -0.35 36.11
N VAL A 919 -10.67 0.31 36.63
CA VAL A 919 -10.29 0.17 38.03
C VAL A 919 -9.80 1.52 38.55
N PRO A 920 -10.61 2.24 39.33
CA PRO A 920 -10.15 3.53 39.86
C PRO A 920 -9.06 3.35 40.90
N ALA A 921 -8.16 4.32 40.95
CA ALA A 921 -7.07 4.29 41.92
C ALA A 921 -7.49 4.81 43.28
N GLY A 922 -8.61 5.50 43.38
CA GLY A 922 -9.05 6.07 44.64
C GLY A 922 -8.26 7.31 45.01
N GLN A 923 -8.66 7.92 46.14
CA GLN A 923 -7.92 9.08 46.62
C GLN A 923 -6.48 8.72 46.99
N PRO A 924 -6.20 7.66 47.76
CA PRO A 924 -4.82 7.19 47.85
C PRO A 924 -4.53 6.16 46.77
N GLU A 925 -3.42 6.32 46.05
CA GLU A 925 -3.11 5.41 44.96
C GLU A 925 -2.88 4.00 45.47
N ARG A 926 -3.54 3.03 44.86
CA ARG A 926 -3.47 1.65 45.31
C ARG A 926 -2.07 1.09 45.06
N THR A 927 -1.65 0.19 45.95
CA THR A 927 -0.43 -0.54 45.72
C THR A 927 -0.65 -1.63 44.67
N LEU A 928 0.44 -2.14 44.11
CA LEU A 928 0.34 -3.18 43.10
C LEU A 928 -0.33 -4.43 43.67
N GLU A 929 0.02 -4.79 44.91
CA GLU A 929 -0.65 -5.90 45.57
C GLU A 929 -2.14 -5.60 45.75
N SER A 930 -2.47 -4.34 46.09
CA SER A 930 -3.87 -3.96 46.19
C SER A 930 -4.58 -4.09 44.85
N LEU A 931 -3.92 -3.70 43.76
CA LEU A 931 -4.53 -3.83 42.44
C LEU A 931 -4.77 -5.29 42.09
N LEU A 932 -3.78 -6.15 42.37
CA LEU A 932 -3.96 -7.58 42.08
C LEU A 932 -5.09 -8.18 42.91
N ALA A 933 -5.16 -7.80 44.18
CA ALA A 933 -6.23 -8.30 45.04
C ALA A 933 -7.59 -7.82 44.53
N HIS A 934 -7.68 -6.57 44.11
CA HIS A 934 -8.94 -6.04 43.59
C HIS A 934 -9.35 -6.78 42.32
N LEU A 935 -8.40 -7.03 41.42
CA LEU A 935 -8.71 -7.77 40.20
C LEU A 935 -9.23 -9.17 40.53
N GLN A 936 -8.53 -9.87 41.43
CA GLN A 936 -8.94 -11.22 41.79
C GLN A 936 -10.33 -11.24 42.43
N GLU A 937 -10.59 -10.29 43.32
CA GLU A 937 -11.88 -10.26 44.01
C GLU A 937 -13.02 -9.91 43.05
N GLN A 938 -12.80 -8.92 42.17
CA GLN A 938 -13.88 -8.44 41.32
C GLN A 938 -14.11 -9.34 40.12
N HIS A 939 -13.10 -9.47 39.25
CA HIS A 939 -13.31 -10.15 37.98
C HIS A 939 -12.96 -11.63 38.01
N GLY A 940 -12.56 -12.15 39.17
CA GLY A 940 -12.32 -13.58 39.30
C GLY A 940 -11.19 -14.12 38.45
N LEU A 941 -10.11 -13.36 38.29
CA LEU A 941 -8.98 -13.77 37.49
C LEU A 941 -7.69 -13.43 38.23
N ARG A 942 -6.68 -14.28 38.05
CA ARG A 942 -5.38 -14.11 38.69
C ARG A 942 -4.34 -13.78 37.64
N VAL A 943 -3.65 -12.66 37.80
CA VAL A 943 -2.75 -12.14 36.79
C VAL A 943 -1.34 -12.67 37.04
N ARG A 944 -0.75 -13.24 35.99
CA ARG A 944 0.62 -13.73 36.04
C ARG A 944 1.63 -12.76 35.44
N ILE A 945 1.22 -11.98 34.44
CA ILE A 945 2.08 -10.98 33.82
C ILE A 945 1.26 -9.70 33.67
N LEU A 946 1.87 -8.57 34.00
CA LEU A 946 1.18 -7.28 33.96
C LEU A 946 2.17 -6.23 33.47
N LEU A 947 2.05 -5.85 32.20
CA LEU A 947 2.95 -4.89 31.59
C LEU A 947 2.30 -3.53 31.44
N HIS A 948 3.14 -2.51 31.33
CA HIS A 948 2.71 -1.17 30.92
C HIS A 948 3.38 -0.88 29.58
N GLY A 949 2.73 -1.29 28.50
CA GLY A 949 3.27 -1.06 27.17
C GLY A 949 4.42 -2.00 26.86
N SER A 950 5.57 -1.75 27.47
CA SER A 950 6.71 -2.64 27.31
C SER A 950 7.32 -2.98 28.66
N ALA A 951 7.21 -2.08 29.62
CA ALA A 951 7.78 -2.30 30.94
C ALA A 951 6.94 -3.31 31.72
N LEU A 952 7.63 -4.17 32.46
CA LEU A 952 6.99 -5.22 33.24
C LEU A 952 6.82 -4.77 34.68
N LEU A 953 5.63 -4.99 35.23
CA LEU A 953 5.31 -4.59 36.59
C LEU A 953 5.28 -5.76 37.57
N TYR A 954 4.50 -6.80 37.26
CA TYR A 954 4.41 -7.97 38.12
C TYR A 954 4.50 -9.22 37.28
N ALA A 955 5.26 -10.20 37.77
CA ALA A 955 5.42 -11.49 37.09
C ALA A 955 5.24 -12.61 38.10
N ALA A 956 4.48 -13.63 37.72
CA ALA A 956 4.28 -14.77 38.61
C ALA A 956 5.53 -15.60 38.77
N GLY A 957 6.36 -15.69 37.74
CA GLY A 957 7.59 -16.44 37.79
C GLY A 957 8.75 -15.75 38.46
N TRP A 958 8.55 -14.53 38.96
CA TRP A 958 9.60 -13.80 39.64
C TRP A 958 9.96 -14.47 40.95
N SER A 959 11.16 -14.15 41.45
CA SER A 959 11.60 -14.67 42.72
C SER A 959 10.75 -14.09 43.85
N PRO A 960 10.49 -14.86 44.91
CA PRO A 960 9.64 -14.35 46.00
C PRO A 960 10.16 -13.07 46.63
N GLU A 961 11.48 -12.90 46.74
CA GLU A 961 12.01 -11.66 47.28
C GLU A 961 11.72 -10.48 46.36
N LYS A 962 11.87 -10.67 45.05
CA LYS A 962 11.60 -9.59 44.11
C LYS A 962 10.12 -9.21 44.12
N GLN A 963 9.24 -10.21 44.19
CA GLN A 963 7.81 -9.92 44.27
C GLN A 963 7.48 -9.20 45.57
N ALA A 964 8.05 -9.64 46.70
CA ALA A 964 7.81 -8.98 47.97
C ALA A 964 8.35 -7.55 47.95
N GLN A 965 9.38 -7.28 47.15
CA GLN A 965 9.87 -5.91 47.01
C GLN A 965 8.91 -5.07 46.17
N HIS A 966 8.44 -5.63 45.04
CA HIS A 966 7.65 -4.84 44.10
C HIS A 966 6.22 -4.60 44.55
N LEU A 967 5.63 -5.55 45.30
CA LEU A 967 4.21 -5.44 45.64
C LEU A 967 3.86 -4.18 46.42
N PRO A 968 4.55 -3.82 47.52
CA PRO A 968 4.09 -2.67 48.32
C PRO A 968 4.24 -1.34 47.61
N LEU A 969 5.01 -1.25 46.53
CA LEU A 969 5.27 0.02 45.90
C LEU A 969 4.02 0.56 45.20
N ARG A 970 3.93 1.88 45.12
CA ARG A 970 2.80 2.52 44.46
C ARG A 970 2.82 2.24 42.96
N VAL A 971 1.65 2.01 42.38
CA VAL A 971 1.57 1.63 40.97
C VAL A 971 2.09 2.74 40.08
N THR A 972 1.58 3.96 40.26
CA THR A 972 2.06 5.08 39.45
C THR A 972 3.52 5.38 39.73
N GLU A 973 3.93 5.30 41.00
CA GLU A 973 5.33 5.49 41.35
C GLU A 973 6.20 4.42 40.71
N LEU A 974 5.73 3.17 40.70
CA LEU A 974 6.50 2.10 40.06
C LEU A 974 6.63 2.34 38.56
N VAL A 975 5.55 2.79 37.91
CA VAL A 975 5.62 3.09 36.49
C VAL A 975 6.61 4.21 36.22
N GLN A 976 6.58 5.27 37.06
CA GLN A 976 7.52 6.36 36.89
C GLN A 976 8.95 5.90 37.11
N GLN A 977 9.17 5.03 38.09
CA GLN A 977 10.52 4.56 38.39
C GLN A 977 11.06 3.65 37.28
N LEU A 978 10.22 2.82 36.69
CA LEU A 978 10.66 1.98 35.59
C LEU A 978 10.91 2.80 34.33
N THR A 979 9.96 3.68 33.99
CA THR A 979 10.09 4.47 32.77
C THR A 979 11.08 5.62 32.92
N GLY A 980 11.19 6.20 34.12
CA GLY A 980 12.01 7.37 34.31
C GLY A 980 11.37 8.66 33.87
N GLN A 981 10.08 8.65 33.54
CA GLN A 981 9.36 9.82 33.07
C GLN A 981 8.21 10.14 34.00
N ALA A 982 7.99 11.43 34.24
CA ALA A 982 6.86 11.86 35.05
C ALA A 982 5.55 11.59 34.30
N PRO A 983 4.47 11.31 35.03
CA PRO A 983 3.18 11.10 34.37
C PRO A 983 2.73 12.35 33.61
N ALA A 984 2.09 12.13 32.48
CA ALA A 984 1.65 13.24 31.65
C ALA A 984 0.58 14.04 32.38
N PRO A 985 0.70 15.37 32.44
CA PRO A 985 -0.34 16.17 33.08
C PRO A 985 -1.68 16.02 32.37
N GLY A 986 -2.75 15.97 33.16
CA GLY A 986 -4.08 15.82 32.60
C GLY A 986 -4.31 14.49 31.92
N GLN A 987 -3.66 13.42 32.39
CA GLN A 987 -3.84 12.09 31.84
C GLN A 987 -4.82 11.34 32.74
N ARG A 988 -6.03 11.10 32.22
CA ARG A 988 -7.08 10.55 33.07
C ARG A 988 -6.84 9.08 33.39
N VAL A 989 -6.35 8.32 32.42
CA VAL A 989 -6.25 6.87 32.58
C VAL A 989 -4.84 6.41 32.21
N LEU A 990 -4.52 5.20 32.68
CA LEU A 990 -3.27 4.52 32.36
C LEU A 990 -3.63 3.13 31.85
N VAL A 991 -3.04 2.74 30.72
CA VAL A 991 -3.38 1.50 30.04
C VAL A 991 -2.36 0.43 30.41
N LEU A 992 -2.86 -0.72 30.85
CA LEU A 992 -2.02 -1.86 31.21
C LEU A 992 -2.57 -3.11 30.55
N GLU A 993 -1.67 -3.96 30.05
CA GLU A 993 -2.02 -5.25 29.48
C GLU A 993 -1.62 -6.36 30.44
N LEU A 994 -2.54 -7.32 30.64
CA LEU A 994 -2.33 -8.36 31.62
C LEU A 994 -2.70 -9.71 31.01
N SER A 995 -2.18 -10.77 31.63
CA SER A 995 -2.51 -12.14 31.28
C SER A 995 -3.07 -12.84 32.50
N CYS A 996 -3.29 -14.15 32.37
CA CYS A 996 -3.84 -14.95 33.47
C CYS A 996 -3.24 -16.35 33.44
N GLU A 997 -3.30 -17.01 34.59
CA GLU A 997 -2.79 -18.37 34.71
C GLU A 997 -3.61 -19.32 33.85
N GLY A 998 -2.91 -20.18 33.10
CA GLY A 998 -3.58 -21.18 32.30
C GLY A 998 -4.35 -20.65 31.12
N ASP A 999 -4.11 -19.40 30.72
CA ASP A 999 -4.84 -18.81 29.62
C ASP A 999 -4.36 -19.39 28.29
N ASP A 1000 -5.12 -19.11 27.24
CA ASP A 1000 -4.73 -19.51 25.90
C ASP A 1000 -3.46 -18.78 25.49
N GLU A 1001 -2.69 -19.40 24.60
CA GLU A 1001 -1.43 -18.81 24.15
C GLU A 1001 -1.65 -17.59 23.28
N ASP A 1002 -2.77 -17.51 22.56
CA ASP A 1002 -3.04 -16.40 21.64
C ASP A 1002 -4.20 -15.52 22.10
N THR A 1003 -4.70 -15.72 23.31
CA THR A 1003 -5.81 -14.92 23.79
C THR A 1003 -5.37 -13.48 24.02
N ALA A 1004 -6.33 -12.55 23.94
CA ALA A 1004 -6.05 -11.13 24.08
C ALA A 1004 -7.03 -10.55 25.11
N PHE A 1005 -6.56 -10.40 26.34
CA PHE A 1005 -7.38 -9.81 27.38
C PHE A 1005 -7.56 -8.32 27.14
N PRO A 1006 -8.71 -7.75 27.51
CA PRO A 1006 -8.92 -6.33 27.29
C PRO A 1006 -7.96 -5.51 28.12
N PRO A 1007 -7.57 -4.33 27.63
CA PRO A 1007 -6.61 -3.52 28.36
C PRO A 1007 -7.18 -3.04 29.69
N LEU A 1008 -6.29 -2.87 30.67
CA LEU A 1008 -6.68 -2.42 32.00
C LEU A 1008 -6.53 -0.90 32.04
N HIS A 1009 -7.65 -0.19 32.19
CA HIS A 1009 -7.64 1.27 32.28
C HIS A 1009 -7.52 1.66 33.75
N TYR A 1010 -6.35 2.11 34.15
CA TYR A 1010 -6.07 2.49 35.52
C TYR A 1010 -6.07 4.01 35.63
N GLU A 1011 -7.01 4.57 36.37
CA GLU A 1011 -7.07 6.01 36.53
C GLU A 1011 -5.93 6.51 37.41
N LEU A 1012 -5.51 7.75 37.17
CA LEU A 1012 -4.47 8.38 37.96
C LEU A 1012 -4.50 9.89 37.80
N ASP B 79 -20.38 -35.88 1.93
CA ASP B 79 -19.04 -36.39 2.20
C ASP B 79 -18.19 -36.42 0.92
N GLU B 80 -18.86 -36.43 -0.22
CA GLU B 80 -18.15 -36.44 -1.50
C GLU B 80 -17.44 -35.10 -1.71
N PRO B 81 -16.29 -35.12 -2.37
CA PRO B 81 -15.59 -33.86 -2.65
C PRO B 81 -16.37 -32.98 -3.61
N LEU B 82 -16.25 -31.66 -3.41
CA LEU B 82 -16.89 -30.67 -4.25
C LEU B 82 -15.89 -30.12 -5.27
N SER B 83 -16.42 -29.64 -6.38
CA SER B 83 -15.62 -29.04 -7.44
C SER B 83 -16.05 -27.59 -7.58
N ILE B 84 -15.34 -26.69 -6.89
CA ILE B 84 -15.61 -25.27 -6.95
C ILE B 84 -14.35 -24.55 -7.44
N LEU B 85 -14.54 -23.35 -7.98
CA LEU B 85 -13.46 -22.55 -8.50
C LEU B 85 -13.42 -21.21 -7.79
N VAL B 86 -12.22 -20.76 -7.45
CA VAL B 86 -12.00 -19.49 -6.76
C VAL B 86 -11.39 -18.53 -7.75
N ARG B 87 -12.03 -17.39 -7.96
CA ARG B 87 -11.57 -16.44 -8.96
C ARG B 87 -10.50 -15.53 -8.36
N ASN B 88 -9.39 -15.39 -9.06
CA ASN B 88 -8.30 -14.53 -8.61
C ASN B 88 -8.69 -13.07 -8.80
N ASN B 89 -7.86 -12.18 -8.24
CA ASN B 89 -8.09 -10.75 -8.38
C ASN B 89 -7.55 -10.20 -9.70
N LYS B 90 -6.90 -11.03 -10.51
CA LYS B 90 -6.35 -10.61 -11.80
C LYS B 90 -7.10 -11.24 -12.96
N GLY B 91 -8.39 -11.50 -12.79
CA GLY B 91 -9.22 -12.01 -13.86
C GLY B 91 -9.06 -13.48 -14.18
N ARG B 92 -8.28 -14.21 -13.37
CA ARG B 92 -8.05 -15.63 -13.59
C ARG B 92 -8.75 -16.45 -12.51
N SER B 93 -8.81 -17.76 -12.74
CA SER B 93 -9.50 -18.67 -11.84
C SER B 93 -8.71 -19.96 -11.71
N SER B 94 -9.02 -20.71 -10.66
CA SER B 94 -8.40 -22.01 -10.41
C SER B 94 -9.43 -22.90 -9.74
N THR B 95 -9.29 -24.20 -9.95
CA THR B 95 -10.24 -25.19 -9.44
C THR B 95 -9.74 -25.77 -8.13
N TYR B 96 -10.65 -25.95 -7.17
CA TYR B 96 -10.33 -26.47 -5.85
C TYR B 96 -11.29 -27.59 -5.49
N GLU B 97 -10.78 -28.58 -4.77
CA GLU B 97 -11.56 -29.72 -4.30
C GLU B 97 -11.74 -29.59 -2.79
N VAL B 98 -12.95 -29.26 -2.36
CA VAL B 98 -13.22 -29.01 -0.95
C VAL B 98 -14.31 -29.93 -0.44
N ARG B 99 -14.67 -29.78 0.83
CA ARG B 99 -15.68 -30.60 1.48
C ARG B 99 -16.73 -29.71 2.12
N LEU B 100 -17.95 -30.23 2.21
CA LEU B 100 -19.03 -29.48 2.86
C LEU B 100 -18.71 -29.24 4.33
N THR B 101 -18.17 -30.24 5.02
CA THR B 101 -17.79 -30.09 6.41
C THR B 101 -16.48 -29.35 6.59
N GLN B 102 -15.72 -29.15 5.51
CA GLN B 102 -14.45 -28.44 5.61
C GLN B 102 -14.69 -26.97 5.93
N THR B 103 -13.87 -26.44 6.84
CA THR B 103 -14.03 -25.06 7.26
C THR B 103 -13.55 -24.09 6.19
N VAL B 104 -14.03 -22.85 6.29
CA VAL B 104 -13.63 -21.81 5.34
C VAL B 104 -12.15 -21.51 5.48
N ALA B 105 -11.61 -21.57 6.69
CA ALA B 105 -10.18 -21.30 6.88
C ALA B 105 -9.32 -22.25 6.07
N HIS B 106 -9.75 -23.50 5.90
CA HIS B 106 -9.01 -24.44 5.07
C HIS B 106 -9.03 -24.01 3.61
N LEU B 107 -10.17 -23.54 3.12
CA LEU B 107 -10.25 -23.02 1.76
C LEU B 107 -9.34 -21.81 1.59
N LYS B 108 -9.31 -20.93 2.59
CA LYS B 108 -8.41 -19.79 2.57
C LYS B 108 -6.95 -20.25 2.52
N GLN B 109 -6.62 -21.29 3.28
CA GLN B 109 -5.26 -21.83 3.24
C GLN B 109 -4.91 -22.37 1.87
N GLN B 110 -5.84 -23.09 1.24
CA GLN B 110 -5.58 -23.62 -0.10
C GLN B 110 -5.39 -22.49 -1.11
N VAL B 111 -6.24 -21.47 -1.04
CA VAL B 111 -6.13 -20.35 -1.97
C VAL B 111 -4.83 -19.60 -1.75
N SER B 112 -4.44 -19.40 -0.49
CA SER B 112 -3.18 -18.73 -0.20
C SER B 112 -1.99 -19.53 -0.71
N GLY B 113 -2.04 -20.86 -0.56
CA GLY B 113 -0.97 -21.69 -1.05
C GLY B 113 -0.86 -21.66 -2.57
N LEU B 114 -2.00 -21.65 -3.26
CA LEU B 114 -1.96 -21.62 -4.72
C LEU B 114 -1.50 -20.26 -5.23
N GLU B 115 -2.07 -19.17 -4.69
CA GLU B 115 -1.74 -17.84 -5.16
C GLU B 115 -0.38 -17.36 -4.64
N GLY B 116 0.00 -17.79 -3.44
CA GLY B 116 1.23 -17.31 -2.84
C GLY B 116 1.08 -16.08 -1.99
N VAL B 117 -0.13 -15.72 -1.59
CA VAL B 117 -0.38 -14.52 -0.81
C VAL B 117 -0.73 -14.95 0.63
N GLN B 118 -0.60 -13.99 1.55
CA GLN B 118 -0.86 -14.28 2.96
C GLN B 118 -2.35 -14.44 3.20
N ASP B 119 -2.69 -15.22 4.23
CA ASP B 119 -4.09 -15.50 4.54
C ASP B 119 -4.83 -14.25 4.97
N ASP B 120 -4.21 -13.40 5.79
CA ASP B 120 -4.89 -12.23 6.31
C ASP B 120 -5.02 -11.11 5.30
N LEU B 121 -4.19 -11.11 4.24
CA LEU B 121 -4.21 -10.01 3.28
C LEU B 121 -5.46 -10.02 2.41
N PHE B 122 -6.15 -11.16 2.31
CA PHE B 122 -7.30 -11.29 1.43
C PHE B 122 -8.46 -11.95 2.17
N TRP B 123 -9.67 -11.62 1.73
CA TRP B 123 -10.88 -12.28 2.20
C TRP B 123 -11.74 -12.62 0.99
N LEU B 124 -12.29 -13.82 0.99
CA LEU B 124 -13.00 -14.36 -0.18
C LEU B 124 -14.50 -14.35 0.07
N THR B 125 -15.27 -14.06 -0.97
CA THR B 125 -16.70 -13.87 -0.88
C THR B 125 -17.42 -14.79 -1.85
N PHE B 126 -18.73 -14.94 -1.65
CA PHE B 126 -19.55 -15.79 -2.50
C PHE B 126 -20.95 -15.20 -2.58
N GLU B 127 -21.40 -14.92 -3.80
CA GLU B 127 -22.73 -14.36 -4.05
C GLU B 127 -22.94 -13.06 -3.29
N GLY B 128 -21.93 -12.19 -3.31
CA GLY B 128 -22.06 -10.85 -2.78
C GLY B 128 -21.97 -10.72 -1.28
N LYS B 129 -21.73 -11.81 -0.56
CA LYS B 129 -21.63 -11.77 0.89
C LYS B 129 -20.31 -12.37 1.34
N PRO B 130 -19.72 -11.85 2.40
CA PRO B 130 -18.41 -12.34 2.84
C PRO B 130 -18.53 -13.71 3.49
N LEU B 131 -17.38 -14.36 3.62
CA LEU B 131 -17.28 -15.69 4.23
C LEU B 131 -16.59 -15.58 5.58
N GLU B 132 -17.21 -16.15 6.60
CA GLU B 132 -16.62 -16.20 7.93
C GLU B 132 -15.70 -17.42 8.05
N ASP B 133 -14.60 -17.24 8.77
CA ASP B 133 -13.56 -18.28 8.80
C ASP B 133 -14.04 -19.53 9.54
N GLN B 134 -14.63 -19.35 10.73
CA GLN B 134 -14.96 -20.49 11.58
C GLN B 134 -16.15 -21.29 11.07
N LEU B 135 -17.03 -20.67 10.28
CA LEU B 135 -18.19 -21.39 9.77
C LEU B 135 -17.76 -22.41 8.72
N PRO B 136 -18.54 -23.49 8.57
CA PRO B 136 -18.25 -24.46 7.51
C PRO B 136 -18.92 -24.06 6.19
N LEU B 137 -18.40 -24.66 5.11
CA LEU B 137 -18.89 -24.36 3.77
C LEU B 137 -20.33 -24.80 3.55
N GLY B 138 -20.87 -25.68 4.41
CA GLY B 138 -22.24 -26.13 4.22
C GLY B 138 -23.26 -25.04 4.39
N GLU B 139 -23.00 -24.08 5.29
CA GLU B 139 -23.95 -23.00 5.52
C GLU B 139 -24.13 -22.13 4.28
N TYR B 140 -23.05 -21.84 3.57
CA TYR B 140 -23.09 -20.92 2.44
C TYR B 140 -23.75 -21.50 1.21
N GLY B 141 -24.06 -22.80 1.21
CA GLY B 141 -24.72 -23.41 0.07
C GLY B 141 -23.90 -23.47 -1.19
N LEU B 142 -22.63 -23.84 -1.07
CA LEU B 142 -21.74 -23.89 -2.24
C LEU B 142 -22.07 -25.10 -3.12
N LYS B 143 -22.95 -24.90 -4.10
CA LYS B 143 -23.20 -25.93 -5.09
C LYS B 143 -21.94 -26.17 -5.92
N PRO B 144 -21.72 -27.38 -6.41
CA PRO B 144 -20.54 -27.64 -7.24
C PRO B 144 -20.53 -26.76 -8.48
N LEU B 145 -19.31 -26.44 -8.92
CA LEU B 145 -19.09 -25.53 -10.04
C LEU B 145 -19.60 -24.13 -9.74
N SER B 146 -19.33 -23.64 -8.53
CA SER B 146 -19.63 -22.28 -8.13
C SER B 146 -18.37 -21.43 -8.13
N THR B 147 -18.56 -20.12 -8.19
CA THR B 147 -17.47 -19.16 -8.24
C THR B 147 -17.39 -18.42 -6.91
N VAL B 148 -16.23 -18.49 -6.27
CA VAL B 148 -15.98 -17.82 -4.99
C VAL B 148 -14.92 -16.75 -5.26
N PHE B 149 -15.35 -15.50 -5.29
CA PHE B 149 -14.43 -14.41 -5.61
C PHE B 149 -13.45 -14.17 -4.47
N MET B 150 -12.25 -13.75 -4.85
CA MET B 150 -11.19 -13.43 -3.89
C MET B 150 -10.99 -11.92 -3.89
N ASN B 151 -11.14 -11.31 -2.72
CA ASN B 151 -11.02 -9.87 -2.56
C ASN B 151 -9.81 -9.56 -1.69
N LEU B 152 -9.01 -8.59 -2.12
CA LEU B 152 -7.84 -8.15 -1.38
C LEU B 152 -8.18 -6.96 -0.50
N ARG B 153 -7.46 -6.83 0.61
CA ARG B 153 -7.53 -5.62 1.42
C ARG B 153 -6.69 -4.53 0.76
N LEU B 154 -7.26 -3.34 0.64
CA LEU B 154 -6.73 -2.29 -0.21
C LEU B 154 -5.97 -1.28 0.64
N ARG B 155 -4.73 -1.00 0.23
CA ARG B 155 -3.85 -0.13 0.99
C ARG B 155 -3.86 1.31 0.51
N GLY B 156 -4.03 1.53 -0.79
CA GLY B 156 -3.84 2.87 -1.33
C GLY B 156 -4.89 3.85 -0.85
N GLY B 157 -4.46 5.07 -0.60
CA GLY B 157 -5.37 6.15 -0.17
C GLY B 157 -5.10 7.32 -1.07
N MET C 1 -0.15 -6.67 21.17
CA MET C 1 1.22 -6.20 21.32
C MET C 1 2.17 -7.38 21.45
N ALA C 2 3.36 -7.24 20.86
CA ALA C 2 4.35 -8.30 20.88
C ALA C 2 5.04 -8.46 22.24
N SER C 3 4.91 -7.47 23.13
CA SER C 3 5.60 -7.54 24.41
C SER C 3 5.11 -8.71 25.24
N MET C 4 3.81 -8.97 25.24
CA MET C 4 3.28 -10.09 26.02
C MET C 4 3.84 -11.41 25.50
N ARG C 5 3.87 -11.58 24.17
CA ARG C 5 4.41 -12.82 23.62
C ARG C 5 5.89 -12.96 23.94
N VAL C 6 6.66 -11.88 23.85
CA VAL C 6 8.08 -11.94 24.16
C VAL C 6 8.29 -12.32 25.63
N VAL C 7 7.51 -11.72 26.53
CA VAL C 7 7.64 -12.03 27.95
C VAL C 7 7.31 -13.50 28.20
N LYS C 8 6.24 -14.00 27.57
CA LYS C 8 5.87 -15.39 27.77
C LYS C 8 6.95 -16.34 27.22
N GLU C 9 7.50 -16.02 26.05
CA GLU C 9 8.58 -16.85 25.50
C GLU C 9 9.79 -16.86 26.41
N LEU C 10 10.17 -15.69 26.94
CA LEU C 10 11.33 -15.63 27.83
C LEU C 10 11.07 -16.41 29.12
N GLU C 11 9.88 -16.28 29.69
CA GLU C 11 9.56 -17.03 30.90
C GLU C 11 9.58 -18.53 30.64
N ASP C 12 9.03 -18.97 29.51
CA ASP C 12 9.06 -20.39 29.17
C ASP C 12 10.49 -20.87 28.95
N LEU C 13 11.32 -20.06 28.32
CA LEU C 13 12.67 -20.48 27.97
C LEU C 13 13.59 -20.50 29.19
N GLN C 14 13.38 -19.61 30.16
CA GLN C 14 14.26 -19.57 31.33
C GLN C 14 14.16 -20.85 32.15
N LYS C 15 12.99 -21.49 32.18
CA LYS C 15 12.83 -22.71 32.96
C LYS C 15 13.71 -23.83 32.41
N LYS C 16 13.80 -23.93 31.09
CA LYS C 16 14.58 -24.99 30.43
C LYS C 16 15.52 -24.37 29.39
N PRO C 17 16.55 -23.66 29.85
CA PRO C 17 17.48 -23.06 28.90
C PRO C 17 18.25 -24.13 28.14
N PRO C 18 18.59 -23.87 26.89
CA PRO C 18 19.39 -24.84 26.13
C PRO C 18 20.80 -24.94 26.67
N PRO C 19 21.49 -26.05 26.43
CA PRO C 19 22.86 -26.20 26.97
C PRO C 19 23.83 -25.13 26.47
N TYR C 20 23.64 -24.60 25.27
CA TYR C 20 24.56 -23.62 24.72
C TYR C 20 24.27 -22.20 25.20
N LEU C 21 23.19 -21.97 25.93
CA LEU C 21 22.84 -20.66 26.44
C LEU C 21 22.88 -20.65 27.97
N ARG C 22 23.09 -19.46 28.52
CA ARG C 22 23.14 -19.27 29.96
C ARG C 22 22.73 -17.84 30.29
N ASN C 23 22.34 -17.65 31.55
CA ASN C 23 21.98 -16.36 32.15
C ASN C 23 21.26 -15.43 31.17
N LEU C 24 20.25 -15.95 30.48
CA LEU C 24 19.47 -15.17 29.53
C LEU C 24 18.45 -14.35 30.31
N SER C 25 18.70 -13.05 30.42
CA SER C 25 17.85 -12.16 31.19
C SER C 25 17.56 -10.90 30.38
N SER C 26 16.48 -10.23 30.74
CA SER C 26 16.07 -9.01 30.07
C SER C 26 15.82 -7.91 31.10
N ASP C 27 15.95 -6.67 30.66
CA ASP C 27 15.69 -5.53 31.52
C ASP C 27 14.20 -5.24 31.57
N ASP C 28 13.69 -4.99 32.77
CA ASP C 28 12.25 -4.79 32.94
C ASP C 28 11.78 -3.49 32.31
N ALA C 29 12.66 -2.49 32.21
CA ALA C 29 12.27 -1.22 31.59
C ALA C 29 11.93 -1.40 30.11
N ASN C 30 12.72 -2.22 29.41
CA ASN C 30 12.52 -2.51 27.99
C ASN C 30 12.62 -4.02 27.83
N VAL C 31 11.48 -4.70 27.80
CA VAL C 31 11.47 -6.16 27.73
C VAL C 31 11.62 -6.70 26.31
N LEU C 32 11.68 -5.81 25.31
CA LEU C 32 11.87 -6.23 23.94
C LEU C 32 13.33 -6.45 23.57
N VAL C 33 14.22 -6.58 24.56
CA VAL C 33 15.63 -6.82 24.31
C VAL C 33 16.12 -7.92 25.25
N TRP C 34 16.95 -8.81 24.73
CA TRP C 34 17.49 -9.92 25.51
C TRP C 34 19.01 -9.84 25.54
N HIS C 35 19.59 -10.38 26.60
CA HIS C 35 21.04 -10.51 26.72
C HIS C 35 21.36 -11.94 27.11
N ALA C 36 22.23 -12.57 26.33
CA ALA C 36 22.51 -13.99 26.51
C ALA C 36 24.00 -14.27 26.32
N LEU C 37 24.43 -15.38 26.87
CA LEU C 37 25.78 -15.90 26.67
C LEU C 37 25.69 -17.15 25.80
N LEU C 38 26.38 -17.13 24.67
CA LEU C 38 26.40 -18.25 23.75
C LEU C 38 27.60 -19.13 24.04
N LEU C 39 27.35 -20.43 24.26
CA LEU C 39 28.39 -21.39 24.62
C LEU C 39 28.45 -22.47 23.54
N PRO C 40 29.23 -22.25 22.48
CA PRO C 40 29.34 -23.26 21.43
C PRO C 40 30.18 -24.44 21.89
N ASP C 41 30.24 -25.46 21.03
CA ASP C 41 30.98 -26.68 21.32
C ASP C 41 32.16 -26.92 20.40
N GLN C 42 32.07 -26.50 19.15
CA GLN C 42 33.18 -26.72 18.22
C GLN C 42 34.31 -25.74 18.49
N PRO C 43 35.56 -26.17 18.34
CA PRO C 43 36.69 -25.29 18.62
C PRO C 43 36.82 -24.23 17.55
N PRO C 44 37.49 -23.11 17.85
CA PRO C 44 38.07 -22.72 19.14
C PRO C 44 37.07 -21.92 19.96
N TYR C 45 35.86 -21.74 19.43
CA TYR C 45 34.86 -20.90 20.09
C TYR C 45 34.39 -21.50 21.41
N HIS C 46 34.55 -22.81 21.60
CA HIS C 46 34.04 -23.46 22.80
C HIS C 46 34.86 -23.13 24.05
N LEU C 47 36.02 -22.52 23.90
CA LEU C 47 36.86 -22.18 25.04
C LEU C 47 36.39 -20.93 25.77
N LYS C 48 35.36 -20.25 25.27
CA LYS C 48 34.90 -19.00 25.86
C LYS C 48 33.45 -18.77 25.42
N ALA C 49 32.88 -17.66 25.88
CA ALA C 49 31.49 -17.31 25.64
C ALA C 49 31.40 -16.13 24.68
N PHE C 50 30.16 -15.81 24.29
CA PHE C 50 29.91 -14.67 23.39
C PHE C 50 28.59 -14.04 23.79
N ASN C 51 28.64 -12.78 24.21
CA ASN C 51 27.45 -12.05 24.61
C ASN C 51 26.77 -11.49 23.36
N LEU C 52 25.49 -11.82 23.18
CA LEU C 52 24.72 -11.36 22.04
C LEU C 52 23.46 -10.64 22.52
N ARG C 53 22.96 -9.74 21.68
CA ARG C 53 21.78 -8.95 21.98
C ARG C 53 20.69 -9.29 20.97
N ILE C 54 19.53 -9.68 21.48
CA ILE C 54 18.38 -10.04 20.64
C ILE C 54 17.32 -8.97 20.84
N SER C 55 16.98 -8.27 19.76
CA SER C 55 16.01 -7.17 19.81
C SER C 55 14.77 -7.56 19.03
N PHE C 56 13.60 -7.41 19.66
CA PHE C 56 12.34 -7.75 19.03
C PHE C 56 11.63 -6.48 18.58
N PRO C 57 11.34 -6.33 17.30
CA PRO C 57 10.59 -5.16 16.84
C PRO C 57 9.16 -5.19 17.36
N PRO C 58 8.50 -4.04 17.44
CA PRO C 58 7.13 -4.01 18.00
C PRO C 58 6.13 -4.88 17.25
N GLU C 59 6.30 -5.04 15.93
CA GLU C 59 5.38 -5.85 15.14
C GLU C 59 5.76 -7.33 15.12
N TYR C 60 6.52 -7.78 16.11
CA TYR C 60 6.85 -9.20 16.25
C TYR C 60 5.56 -10.01 16.45
N PRO C 61 5.48 -11.23 15.90
CA PRO C 61 6.50 -12.00 15.16
C PRO C 61 6.50 -11.73 13.67
N PHE C 62 5.65 -10.82 13.18
CA PHE C 62 5.57 -10.57 11.74
C PHE C 62 6.81 -9.90 11.19
N LYS C 63 7.70 -9.40 12.06
CA LYS C 63 9.03 -8.97 11.67
C LYS C 63 10.04 -9.77 12.47
N PRO C 64 10.93 -10.52 11.82
CA PRO C 64 11.79 -11.43 12.57
C PRO C 64 12.71 -10.67 13.49
N PRO C 65 13.11 -11.27 14.61
CA PRO C 65 13.96 -10.56 15.57
C PRO C 65 15.34 -10.29 14.98
N MET C 66 15.94 -9.19 15.44
CA MET C 66 17.26 -8.78 14.99
C MET C 66 18.28 -9.24 16.03
N ILE C 67 19.11 -10.22 15.66
CA ILE C 67 20.13 -10.76 16.54
C ILE C 67 21.47 -10.18 16.16
N LYS C 68 22.17 -9.60 17.14
CA LYS C 68 23.46 -8.99 16.91
C LYS C 68 24.41 -9.37 18.03
N PHE C 69 25.61 -9.82 17.66
CA PHE C 69 26.64 -10.09 18.66
C PHE C 69 27.11 -8.78 19.30
N THR C 70 27.24 -8.79 20.62
CA THR C 70 27.80 -7.64 21.32
C THR C 70 29.32 -7.76 21.47
N THR C 71 29.86 -8.97 21.45
CA THR C 71 31.28 -9.20 21.51
C THR C 71 31.78 -9.72 20.16
N LYS C 72 33.07 -9.48 19.91
CA LYS C 72 33.64 -9.83 18.62
C LYS C 72 33.72 -11.34 18.44
N ILE C 73 33.68 -11.77 17.18
CA ILE C 73 33.74 -13.19 16.85
C ILE C 73 34.25 -13.34 15.42
N TYR C 74 35.17 -14.26 15.21
CA TYR C 74 35.77 -14.51 13.90
C TYR C 74 35.00 -15.65 13.24
N HIS C 75 34.05 -15.30 12.39
CA HIS C 75 33.17 -16.26 11.75
C HIS C 75 33.03 -15.91 10.27
N PRO C 76 32.83 -16.91 9.41
CA PRO C 76 32.69 -16.62 7.97
C PRO C 76 31.53 -15.70 7.63
N ASN C 77 30.41 -15.81 8.34
CA ASN C 77 29.20 -15.05 8.01
C ASN C 77 28.73 -14.21 9.19
N VAL C 78 29.67 -13.62 9.93
CA VAL C 78 29.36 -12.65 10.97
C VAL C 78 30.29 -11.47 10.78
N ASP C 79 29.72 -10.28 10.63
CA ASP C 79 30.53 -9.09 10.43
C ASP C 79 31.18 -8.65 11.74
N GLU C 80 32.20 -7.81 11.61
CA GLU C 80 32.85 -7.26 12.79
C GLU C 80 31.88 -6.41 13.61
N ASN C 81 30.87 -5.83 12.96
CA ASN C 81 29.84 -5.10 13.67
C ASN C 81 28.96 -6.01 14.52
N GLY C 82 28.94 -7.31 14.22
CA GLY C 82 28.18 -8.27 15.01
C GLY C 82 26.89 -8.75 14.38
N GLN C 83 26.59 -8.36 13.15
CA GLN C 83 25.36 -8.78 12.51
C GLN C 83 25.44 -10.24 12.06
N ILE C 84 24.27 -10.84 11.85
CA ILE C 84 24.16 -12.23 11.45
C ILE C 84 23.19 -12.34 10.28
N CYS C 85 23.43 -13.31 9.41
CA CYS C 85 22.60 -13.53 8.24
C CYS C 85 21.96 -14.92 8.29
N LEU C 86 21.40 -15.28 9.44
CA LEU C 86 20.79 -16.59 9.59
C LEU C 86 19.66 -16.77 8.58
N PRO C 87 19.54 -17.94 7.97
CA PRO C 87 18.45 -18.16 7.00
C PRO C 87 17.07 -17.99 7.58
N ILE C 88 16.87 -18.33 8.86
CA ILE C 88 15.55 -18.20 9.46
C ILE C 88 15.16 -16.74 9.62
N ILE C 89 16.12 -15.88 9.99
CA ILE C 89 15.87 -14.46 10.15
C ILE C 89 15.59 -13.78 8.82
N SER C 90 15.94 -14.40 7.70
CA SER C 90 15.70 -13.80 6.39
C SER C 90 14.21 -13.58 6.16
N SER C 91 13.89 -12.47 5.49
CA SER C 91 12.50 -12.08 5.30
C SER C 91 11.73 -13.11 4.49
N GLU C 92 12.34 -13.65 3.43
CA GLU C 92 11.64 -14.58 2.55
C GLU C 92 11.37 -15.92 3.22
N ASN C 93 12.14 -16.29 4.25
CA ASN C 93 11.97 -17.57 4.90
C ASN C 93 11.30 -17.47 6.28
N TRP C 94 11.12 -16.27 6.81
CA TRP C 94 10.51 -16.13 8.13
C TRP C 94 9.01 -16.40 8.08
N LYS C 95 8.49 -16.97 9.16
CA LYS C 95 7.07 -17.22 9.34
C LYS C 95 6.69 -16.81 10.76
N PRO C 96 5.47 -16.32 10.96
CA PRO C 96 5.04 -15.95 12.32
C PRO C 96 4.93 -17.13 13.27
N SER C 97 4.87 -18.37 12.76
CA SER C 97 4.62 -19.52 13.62
C SER C 97 5.83 -19.90 14.45
N THR C 98 7.03 -19.75 13.89
CA THR C 98 8.22 -20.23 14.58
C THR C 98 8.52 -19.39 15.82
N LYS C 99 8.96 -20.05 16.88
CA LYS C 99 9.31 -19.38 18.12
C LYS C 99 10.77 -18.91 18.05
N THR C 100 11.24 -18.32 19.15
CA THR C 100 12.64 -17.92 19.23
C THR C 100 13.55 -19.08 19.62
N SER C 101 12.99 -20.17 20.14
CA SER C 101 13.79 -21.33 20.47
C SER C 101 14.44 -21.91 19.22
N GLN C 102 13.67 -22.02 18.12
CA GLN C 102 14.22 -22.53 16.87
C GLN C 102 15.30 -21.60 16.34
N VAL C 103 15.10 -20.29 16.47
CA VAL C 103 16.10 -19.33 16.02
C VAL C 103 17.39 -19.52 16.80
N LEU C 104 17.28 -19.69 18.11
CA LEU C 104 18.49 -19.90 18.93
C LEU C 104 19.17 -21.21 18.59
N GLU C 105 18.40 -22.26 18.33
CA GLU C 105 18.99 -23.52 17.90
C GLU C 105 19.76 -23.37 16.59
N ALA C 106 19.15 -22.66 15.62
CA ALA C 106 19.81 -22.44 14.35
C ALA C 106 21.08 -21.60 14.52
N LEU C 107 21.03 -20.61 15.42
CA LEU C 107 22.21 -19.79 15.67
C LEU C 107 23.33 -20.61 16.28
N ASN C 108 23.00 -21.49 17.24
CA ASN C 108 24.03 -22.35 17.83
C ASN C 108 24.63 -23.29 16.79
N VAL C 109 23.78 -23.86 15.93
CA VAL C 109 24.27 -24.72 14.86
C VAL C 109 25.18 -23.95 13.92
N LEU C 110 24.79 -22.72 13.57
CA LEU C 110 25.59 -21.90 12.67
C LEU C 110 26.96 -21.58 13.28
N VAL C 111 26.99 -21.25 14.57
CA VAL C 111 28.26 -20.96 15.21
C VAL C 111 29.13 -22.21 15.29
N ASN C 112 28.54 -23.35 15.66
CA ASN C 112 29.30 -24.58 15.74
C ASN C 112 29.81 -25.00 14.35
N ARG C 113 28.96 -24.90 13.34
CA ARG C 113 29.34 -25.29 11.97
C ARG C 113 29.33 -24.03 11.10
N PRO C 114 30.49 -23.44 10.83
CA PRO C 114 30.52 -22.23 10.02
C PRO C 114 29.98 -22.48 8.62
N ASN C 115 29.24 -21.50 8.09
CA ASN C 115 28.57 -21.62 6.81
C ASN C 115 29.28 -20.74 5.78
N ILE C 116 29.39 -21.26 4.56
CA ILE C 116 30.05 -20.55 3.46
C ILE C 116 29.10 -20.28 2.30
N ARG C 117 27.83 -20.66 2.41
CA ARG C 117 26.88 -20.41 1.32
C ARG C 117 26.57 -18.92 1.19
N GLU C 118 26.47 -18.21 2.31
CA GLU C 118 26.22 -16.77 2.31
C GLU C 118 27.26 -16.11 3.20
N PRO C 119 28.47 -15.89 2.69
CA PRO C 119 29.52 -15.26 3.50
C PRO C 119 29.32 -13.75 3.60
N LYS C 120 29.05 -13.27 4.81
CA LYS C 120 29.02 -11.83 5.04
C LYS C 120 30.42 -11.23 5.08
N ARG C 121 31.46 -12.05 5.21
CA ARG C 121 32.85 -11.62 5.10
C ARG C 121 33.50 -12.52 4.05
N MET C 122 33.46 -12.08 2.79
CA MET C 122 33.85 -12.93 1.68
C MET C 122 35.33 -13.29 1.74
N ASP C 123 36.18 -12.35 2.13
CA ASP C 123 37.61 -12.63 2.19
C ASP C 123 37.92 -13.72 3.21
N LEU C 124 37.24 -13.69 4.35
CA LEU C 124 37.44 -14.73 5.36
C LEU C 124 36.96 -16.08 4.85
N ALA C 125 35.86 -16.10 4.09
CA ALA C 125 35.39 -17.35 3.49
C ALA C 125 36.42 -17.89 2.50
N ASP C 126 37.01 -17.00 1.70
CA ASP C 126 38.06 -17.43 0.77
C ASP C 126 39.25 -18.01 1.52
N LEU C 127 39.65 -17.35 2.61
CA LEU C 127 40.77 -17.85 3.41
C LEU C 127 40.44 -19.22 4.01
N LEU C 128 39.22 -19.40 4.50
CA LEU C 128 38.82 -20.69 5.05
C LEU C 128 38.84 -21.77 3.97
N THR C 129 38.35 -21.46 2.78
CA THR C 129 38.33 -22.44 1.70
C THR C 129 39.74 -22.81 1.24
N GLN C 130 40.64 -21.83 1.16
CA GLN C 130 41.97 -22.08 0.63
C GLN C 130 42.86 -22.79 1.66
N ASN C 131 43.13 -22.14 2.78
CA ASN C 131 43.96 -22.70 3.85
C ASN C 131 43.15 -22.70 5.14
N PRO C 132 42.43 -23.78 5.44
CA PRO C 132 41.61 -23.81 6.66
C PRO C 132 42.43 -23.66 7.94
N GLU C 133 43.70 -24.05 7.93
CA GLU C 133 44.50 -23.98 9.16
C GLU C 133 44.80 -22.53 9.52
N LEU C 134 45.11 -21.69 8.53
CA LEU C 134 45.34 -20.27 8.80
C LEU C 134 44.07 -19.61 9.33
N PHE C 135 42.92 -19.96 8.75
CA PHE C 135 41.64 -19.47 9.26
C PHE C 135 41.42 -19.92 10.70
N ARG C 136 41.77 -21.17 10.99
CA ARG C 136 41.64 -21.69 12.34
C ARG C 136 42.50 -20.90 13.32
N LYS C 137 43.74 -20.63 12.94
CA LYS C 137 44.64 -19.86 13.80
C LYS C 137 44.14 -18.44 14.01
N ASN C 138 43.64 -17.80 12.95
CA ASN C 138 43.10 -16.46 13.09
C ASN C 138 41.87 -16.45 13.98
N ALA C 139 41.01 -17.46 13.86
CA ALA C 139 39.85 -17.56 14.75
C ALA C 139 40.29 -17.74 16.19
N GLU C 140 41.31 -18.57 16.43
CA GLU C 140 41.82 -18.75 17.77
C GLU C 140 42.34 -17.44 18.34
N GLU C 141 43.09 -16.68 17.53
CA GLU C 141 43.63 -15.41 17.99
C GLU C 141 42.50 -14.43 18.32
N PHE C 142 41.50 -14.35 17.44
CA PHE C 142 40.38 -13.44 17.67
C PHE C 142 39.62 -13.80 18.95
N THR C 143 39.39 -15.10 19.15
CA THR C 143 38.68 -15.53 20.36
C THR C 143 39.49 -15.17 21.61
N LEU C 144 40.77 -15.55 21.64
CA LEU C 144 41.57 -15.28 22.83
C LEU C 144 41.80 -13.79 23.05
N ARG C 145 41.66 -12.97 22.01
CA ARG C 145 41.87 -11.53 22.15
C ARG C 145 40.61 -10.79 22.59
N PHE C 146 39.44 -11.16 22.05
CA PHE C 146 38.22 -10.41 22.31
C PHE C 146 37.15 -11.19 23.08
N GLY C 147 37.30 -12.50 23.23
CA GLY C 147 36.26 -13.28 23.85
C GLY C 147 36.15 -13.05 25.35
N VAL C 148 35.01 -13.45 25.90
CA VAL C 148 34.74 -13.33 27.33
C VAL C 148 34.87 -14.72 27.96
N ASP C 149 35.35 -14.74 29.20
CA ASP C 149 35.62 -16.00 29.88
C ASP C 149 34.37 -16.86 29.97
N ARG C 150 34.55 -18.15 29.70
CA ARG C 150 33.44 -19.10 29.72
C ARG C 150 32.97 -19.34 31.15
N PRO C 151 31.72 -19.06 31.47
CA PRO C 151 31.24 -19.31 32.83
C PRO C 151 31.04 -20.79 33.09
N SER C 152 30.95 -21.13 34.38
CA SER C 152 30.70 -22.50 34.79
C SER C 152 29.28 -22.92 34.45
N LEU D 82 12.86 24.02 29.77
CA LEU D 82 11.66 23.21 29.97
C LEU D 82 11.91 21.75 29.57
N SER D 83 10.83 20.98 29.45
CA SER D 83 10.91 19.57 29.11
C SER D 83 10.52 19.35 27.66
N ILE D 84 11.38 18.65 26.92
CA ILE D 84 11.12 18.27 25.55
C ILE D 84 11.29 16.76 25.45
N LEU D 85 10.28 16.07 24.92
CA LEU D 85 10.32 14.62 24.81
C LEU D 85 11.40 14.19 23.82
N VAL D 86 12.44 13.54 24.33
CA VAL D 86 13.50 12.97 23.52
C VAL D 86 13.36 11.46 23.55
N ARG D 87 13.34 10.84 22.38
CA ARG D 87 13.13 9.40 22.26
C ARG D 87 14.13 8.80 21.29
N ASN D 88 14.42 7.52 21.50
CA ASN D 88 15.32 6.77 20.64
C ASN D 88 14.51 5.77 19.81
N ASN D 89 15.12 5.27 18.74
CA ASN D 89 14.45 4.35 17.84
C ASN D 89 14.37 2.93 18.40
N LYS D 90 15.02 2.65 19.53
CA LYS D 90 15.06 1.31 20.10
C LYS D 90 14.01 1.08 21.17
N GLY D 91 13.14 2.05 21.44
CA GLY D 91 12.07 1.90 22.40
C GLY D 91 12.30 2.52 23.76
N ARG D 92 13.43 3.20 23.95
CA ARG D 92 13.73 3.90 25.19
C ARG D 92 13.79 5.40 24.91
N SER D 93 13.04 6.18 25.70
CA SER D 93 12.99 7.62 25.47
C SER D 93 14.23 8.31 26.02
N SER D 94 14.44 8.24 27.34
CA SER D 94 15.57 8.86 28.01
C SER D 94 15.60 10.38 27.73
N THR D 95 14.58 11.04 28.24
CA THR D 95 14.47 12.49 28.09
C THR D 95 15.69 13.19 28.67
N TYR D 96 16.22 14.15 27.92
CA TYR D 96 17.41 14.88 28.30
C TYR D 96 17.12 16.38 28.34
N GLU D 97 17.89 17.09 29.16
CA GLU D 97 17.71 18.53 29.32
C GLU D 97 18.14 19.24 28.04
N VAL D 98 17.18 19.83 27.34
CA VAL D 98 17.42 20.58 26.11
C VAL D 98 16.63 21.88 26.17
N ARG D 99 17.27 22.97 25.77
CA ARG D 99 16.62 24.27 25.77
C ARG D 99 16.97 25.01 24.48
N LEU D 100 16.12 25.99 24.13
CA LEU D 100 16.30 26.73 22.89
C LEU D 100 17.49 27.69 22.97
N THR D 101 17.83 28.15 24.18
CA THR D 101 18.97 29.06 24.32
C THR D 101 20.30 28.39 23.98
N GLN D 102 20.35 27.06 23.97
CA GLN D 102 21.54 26.32 23.60
C GLN D 102 21.38 25.75 22.19
N THR D 103 22.49 25.70 21.46
CA THR D 103 22.45 25.18 20.11
C THR D 103 22.10 23.70 20.12
N VAL D 104 21.33 23.29 19.10
CA VAL D 104 20.84 21.92 19.04
C VAL D 104 22.00 20.94 18.81
N ALA D 105 23.01 21.35 18.04
CA ALA D 105 24.10 20.44 17.69
C ALA D 105 24.90 20.02 18.91
N HIS D 106 25.15 20.96 19.83
CA HIS D 106 25.93 20.63 21.03
C HIS D 106 25.22 19.67 21.95
N LEU D 107 23.88 19.60 21.87
CA LEU D 107 23.13 18.61 22.64
C LEU D 107 23.01 17.29 21.89
N LYS D 108 22.85 17.36 20.56
CA LYS D 108 22.77 16.14 19.75
C LYS D 108 24.08 15.36 19.83
N GLN D 109 25.22 16.04 19.82
CA GLN D 109 26.49 15.35 19.91
C GLN D 109 26.64 14.63 21.24
N GLN D 110 26.22 15.26 22.33
CA GLN D 110 26.26 14.61 23.64
C GLN D 110 25.33 13.41 23.69
N VAL D 111 24.13 13.55 23.12
CA VAL D 111 23.20 12.42 23.09
C VAL D 111 23.78 11.26 22.30
N SER D 112 24.39 11.56 21.14
CA SER D 112 25.00 10.51 20.33
C SER D 112 26.15 9.84 21.07
N GLY D 113 26.97 10.62 21.77
CA GLY D 113 28.05 10.04 22.56
C GLY D 113 27.54 9.19 23.70
N LEU D 114 26.40 9.56 24.28
CA LEU D 114 25.82 8.73 25.33
C LEU D 114 25.27 7.43 24.78
N GLU D 115 24.60 7.48 23.62
CA GLU D 115 23.98 6.28 23.07
C GLU D 115 25.03 5.29 22.57
N GLY D 116 26.01 5.77 21.81
CA GLY D 116 27.05 4.93 21.28
C GLY D 116 26.86 4.45 19.85
N VAL D 117 25.87 4.96 19.14
CA VAL D 117 25.59 4.58 17.76
C VAL D 117 26.00 5.72 16.85
N GLN D 118 26.49 5.39 15.66
CA GLN D 118 26.97 6.40 14.73
C GLN D 118 25.85 7.38 14.36
N ASP D 119 26.22 8.66 14.24
CA ASP D 119 25.24 9.69 13.94
C ASP D 119 24.79 9.62 12.49
N ASP D 120 25.65 9.14 11.59
CA ASP D 120 25.28 9.10 10.18
C ASP D 120 24.27 7.99 9.87
N LEU D 121 24.03 7.07 10.81
CA LEU D 121 23.03 6.03 10.59
C LEU D 121 21.63 6.62 10.49
N PHE D 122 21.32 7.61 11.33
CA PHE D 122 19.98 8.15 11.41
C PHE D 122 20.05 9.67 11.60
N TRP D 123 19.04 10.36 11.09
CA TRP D 123 18.92 11.80 11.23
C TRP D 123 17.82 12.12 12.23
N LEU D 124 18.15 12.90 13.24
CA LEU D 124 17.12 13.39 14.16
C LEU D 124 16.19 14.36 13.43
N THR D 125 14.91 14.31 13.78
CA THR D 125 13.90 15.01 13.02
C THR D 125 12.65 15.19 13.87
N PHE D 126 12.11 16.41 13.90
CA PHE D 126 10.89 16.71 14.62
C PHE D 126 9.77 16.96 13.62
N GLU D 127 8.65 16.28 13.81
CA GLU D 127 7.43 16.47 13.00
C GLU D 127 7.69 16.22 11.52
N GLY D 128 8.59 15.31 11.21
CA GLY D 128 8.86 14.96 9.83
C GLY D 128 9.74 15.93 9.08
N LYS D 129 10.31 16.94 9.74
CA LYS D 129 11.15 17.92 9.07
C LYS D 129 12.60 17.47 9.16
N PRO D 130 13.24 17.11 8.05
CA PRO D 130 14.63 16.68 8.10
C PRO D 130 15.55 17.80 8.55
N LEU D 131 16.65 17.43 9.21
CA LEU D 131 17.61 18.37 9.75
C LEU D 131 18.90 18.28 8.94
N GLU D 132 19.43 19.42 8.55
CA GLU D 132 20.62 19.51 7.72
C GLU D 132 21.74 20.21 8.49
N ASP D 133 22.98 19.96 8.07
CA ASP D 133 24.12 20.62 8.69
C ASP D 133 24.06 22.13 8.53
N GLN D 134 23.43 22.61 7.46
CA GLN D 134 23.19 24.03 7.24
C GLN D 134 21.67 24.23 7.20
N LEU D 135 21.06 24.35 8.38
CA LEU D 135 19.62 24.53 8.48
C LEU D 135 19.27 25.25 9.78
N PRO D 136 18.75 26.48 9.70
CA PRO D 136 18.37 27.19 10.93
C PRO D 136 17.17 26.52 11.60
N LEU D 137 17.30 26.27 12.91
CA LEU D 137 16.25 25.60 13.67
C LEU D 137 15.06 26.50 13.95
N GLY D 138 15.27 27.82 14.01
CA GLY D 138 14.17 28.73 14.30
C GLY D 138 13.20 28.95 13.17
N GLU D 139 13.60 28.65 11.93
CA GLU D 139 12.70 28.81 10.80
C GLU D 139 11.51 27.86 10.88
N TYR D 140 11.76 26.62 11.28
CA TYR D 140 10.70 25.63 11.41
C TYR D 140 10.05 25.62 12.79
N GLY D 141 10.59 26.37 13.75
CA GLY D 141 9.93 26.52 15.04
C GLY D 141 9.91 25.27 15.90
N LEU D 142 11.07 24.90 16.46
CA LEU D 142 11.13 23.73 17.33
C LEU D 142 10.14 23.83 18.46
N LYS D 143 9.10 23.00 18.42
CA LYS D 143 8.02 23.08 19.39
C LYS D 143 8.45 22.45 20.72
N PRO D 144 8.00 22.98 21.85
CA PRO D 144 8.20 22.28 23.12
C PRO D 144 7.55 20.91 23.08
N LEU D 145 8.20 19.94 23.73
CA LEU D 145 7.81 18.53 23.63
C LEU D 145 7.81 18.06 22.18
N SER D 146 8.84 18.46 21.43
CA SER D 146 8.91 18.16 20.01
C SER D 146 8.98 16.66 19.78
N THR D 147 8.30 16.21 18.72
CA THR D 147 8.28 14.79 18.35
C THR D 147 9.55 14.48 17.57
N VAL D 148 10.65 14.34 18.30
CA VAL D 148 11.95 14.05 17.71
C VAL D 148 12.21 12.55 17.79
N PHE D 149 12.43 11.93 16.64
CA PHE D 149 12.78 10.52 16.57
C PHE D 149 13.62 10.30 15.32
N MET D 150 14.35 9.18 15.33
CA MET D 150 15.30 8.90 14.26
C MET D 150 14.86 7.67 13.46
N ASN D 151 15.21 7.67 12.18
CA ASN D 151 14.87 6.61 11.25
C ASN D 151 16.15 5.92 10.80
N LEU D 152 16.20 4.59 10.95
CA LEU D 152 17.39 3.84 10.59
C LEU D 152 17.55 3.77 9.07
N ARG D 153 18.79 3.82 8.61
CA ARG D 153 19.12 3.81 7.19
C ARG D 153 20.34 2.91 7.00
N LEU D 154 20.95 3.01 5.81
CA LEU D 154 22.18 2.30 5.48
C LEU D 154 21.99 0.78 5.51
N ARG D 155 23.07 0.05 5.27
CA ARG D 155 23.06 -1.42 5.28
C ARG D 155 24.37 -1.90 5.87
N GLY D 156 24.33 -2.38 7.11
CA GLY D 156 25.55 -2.87 7.76
C GLY D 156 26.08 -4.13 7.13
N GLY D 157 25.20 -5.05 6.74
CA GLY D 157 25.61 -6.32 6.12
C GLY D 157 25.12 -7.47 6.96
P AMP E . -3.78 9.46 -0.60
O1P AMP E . -5.09 10.14 -1.13
O2P AMP E . -3.84 8.05 -0.96
O3P AMP E . -2.55 10.02 -1.30
O5' AMP E . -3.63 9.62 1.02
C5' AMP E . -2.30 9.70 1.58
C4' AMP E . -2.30 10.77 2.74
O4' AMP E . -2.14 10.21 3.89
C3' AMP E . -1.01 11.73 2.60
O3' AMP E . -1.36 12.94 1.99
C2' AMP E . -0.54 11.97 4.00
O2' AMP E . -0.56 13.42 4.27
C1' AMP E . -1.45 11.35 4.81
N9 AMP E . -1.16 10.45 5.95
C8 AMP E . -0.56 9.28 5.88
N7 AMP E . -0.46 8.76 7.09
C5 AMP E . -1.01 9.63 7.97
C6 AMP E . -1.20 9.62 9.38
N6 AMP E . -0.73 8.47 10.22
N1 AMP E . -1.78 10.65 9.93
C2 AMP E . -2.20 11.68 9.22
N3 AMP E . -2.04 11.70 7.88
C4 AMP E . -1.45 10.71 7.24
#